data_6G8W
# 
_entry.id   6G8W 
# 
_audit_conform.dict_name       mmcif_pdbx.dic 
_audit_conform.dict_version    5.383 
_audit_conform.dict_location   http://mmcif.pdb.org/dictionaries/ascii/mmcif_pdbx.dic 
# 
loop_
_database_2.database_id 
_database_2.database_code 
_database_2.pdbx_database_accession 
_database_2.pdbx_DOI 
PDB   6G8W         pdb_00006g8w 10.2210/pdb6g8w/pdb 
WWPDB D_1200009593 ?            ?                   
# 
loop_
_pdbx_audit_revision_history.ordinal 
_pdbx_audit_revision_history.data_content_type 
_pdbx_audit_revision_history.major_revision 
_pdbx_audit_revision_history.minor_revision 
_pdbx_audit_revision_history.revision_date 
1 'Structure model' 1 0 2019-04-24 
2 'Structure model' 1 1 2020-05-06 
3 'Structure model' 1 2 2024-01-17 
# 
_pdbx_audit_revision_details.ordinal             1 
_pdbx_audit_revision_details.revision_ordinal    1 
_pdbx_audit_revision_details.data_content_type   'Structure model' 
_pdbx_audit_revision_details.provider            repository 
_pdbx_audit_revision_details.type                'Initial release' 
_pdbx_audit_revision_details.description         ? 
_pdbx_audit_revision_details.details             ? 
# 
loop_
_pdbx_audit_revision_group.ordinal 
_pdbx_audit_revision_group.revision_ordinal 
_pdbx_audit_revision_group.data_content_type 
_pdbx_audit_revision_group.group 
1 2 'Structure model' 'Database references'    
2 3 'Structure model' 'Data collection'        
3 3 'Structure model' 'Database references'    
4 3 'Structure model' 'Derived calculations'   
5 3 'Structure model' 'Refinement description' 
# 
loop_
_pdbx_audit_revision_category.ordinal 
_pdbx_audit_revision_category.revision_ordinal 
_pdbx_audit_revision_category.data_content_type 
_pdbx_audit_revision_category.category 
1 2 'Structure model' citation                      
2 3 'Structure model' chem_comp_atom                
3 3 'Structure model' chem_comp_bond                
4 3 'Structure model' database_2                    
5 3 'Structure model' pdbx_initial_refinement_model 
6 3 'Structure model' struct_conn                   
# 
loop_
_pdbx_audit_revision_item.ordinal 
_pdbx_audit_revision_item.revision_ordinal 
_pdbx_audit_revision_item.data_content_type 
_pdbx_audit_revision_item.item 
1 2 'Structure model' '_citation.country'                   
2 2 'Structure model' '_citation.journal_abbrev'            
3 2 'Structure model' '_citation.journal_id_CSD'            
4 2 'Structure model' '_citation.journal_id_ISSN'           
5 2 'Structure model' '_citation.pdbx_database_id_DOI'      
6 2 'Structure model' '_citation.year'                      
7 3 'Structure model' '_database_2.pdbx_DOI'                
8 3 'Structure model' '_database_2.pdbx_database_accession' 
9 3 'Structure model' '_struct_conn.pdbx_leaving_atom_flag' 
# 
_pdbx_database_status.status_code                     REL 
_pdbx_database_status.status_code_sf                  REL 
_pdbx_database_status.status_code_mr                  ? 
_pdbx_database_status.entry_id                        6G8W 
_pdbx_database_status.recvd_initial_deposition_date   2018-04-10 
_pdbx_database_status.SG_entry                        N 
_pdbx_database_status.deposit_site                    PDBE 
_pdbx_database_status.process_site                    PDBE 
_pdbx_database_status.status_code_cs                  ? 
_pdbx_database_status.methods_development_category    ? 
_pdbx_database_status.pdb_format_compatible           Y 
_pdbx_database_status.status_code_nmr_data            ? 
# 
loop_
_audit_author.name 
_audit_author.pdbx_ordinal 
_audit_author.identifier_ORCID 
'Jurk, C.M.'    1 ? 
'Roske, Y.'     2 ? 
'Heinemann, U.' 3 ? 
# 
_citation.abstract                  ? 
_citation.abstract_id_CAS           ? 
_citation.book_id_ISBN              ? 
_citation.book_publisher            ? 
_citation.book_publisher_city       ? 
_citation.book_title                ? 
_citation.coordinate_linkage        ? 
_citation.country                   HRV 
_citation.database_id_Medline       ? 
_citation.details                   ? 
_citation.id                        primary 
_citation.journal_abbrev            'Croatica Chemica Acta' 
_citation.journal_id_ASTM           ? 
_citation.journal_id_CSD            ? 
_citation.journal_id_ISSN           0011-1643 
_citation.journal_full              ? 
_citation.journal_issue             ? 
_citation.journal_volume            ? 
_citation.language                  ? 
_citation.page_first                ? 
_citation.page_last                 ? 
_citation.title                     
'Crystal Structures of the Single PDZ Domains from GRASP65 and their Interaction with the Golgin GM130' 
_citation.year                      2018 
_citation.database_id_CSD           ? 
_citation.pdbx_database_id_DOI      10.5562/cca3341 
_citation.pdbx_database_id_PubMed   ? 
_citation.unpublished_flag          ? 
# 
loop_
_citation_author.citation_id 
_citation_author.name 
_citation_author.ordinal 
_citation_author.identifier_ORCID 
primary 'Jurk, C.M.'    1 ? 
primary 'Roske, Y.'     2 ? 
primary 'Heinemann, U.' 3 ? 
# 
loop_
_entity.id 
_entity.type 
_entity.src_method 
_entity.pdbx_description 
_entity.formula_weight 
_entity.pdbx_number_of_molecules 
_entity.pdbx_ec 
_entity.pdbx_mutation 
_entity.pdbx_fragment 
_entity.details 
1 polymer     man 'Golgi reassembly-stacking protein 1' 10552.704 2  ? ? ? ? 
2 non-polymer syn 1,2-ETHANEDIOL                        62.068    6  ? ? ? ? 
3 water       nat water                                 18.015    94 ? ? ? ? 
# 
_entity_name_com.entity_id   1 
_entity_name_com.name        
'Golgi peripheral membrane protein p65,Golgi phosphoprotein 5,GOLPH5,Golgi reassembly-stacking protein of 65 kDa,GRASP65' 
# 
_entity_poly.entity_id                      1 
_entity_poly.type                           'polypeptide(L)' 
_entity_poly.nstd_linkage                   no 
_entity_poly.nstd_monomer                   no 
_entity_poly.pdbx_seq_one_letter_code       
;ASEQVWHVLDVEPSSPAALAGLRPYTDYVVGSDQILQESEDFFTLIESHEGKPLKLMVYNSKSDSCREVTVTPNAAWGGE
GSLGCGIGYGYLHRIPT
;
_entity_poly.pdbx_seq_one_letter_code_can   
;ASEQVWHVLDVEPSSPAALAGLRPYTDYVVGSDQILQESEDFFTLIESHEGKPLKLMVYNSKSDSCREVTVTPNAAWGGE
GSLGCGIGYGYLHRIPT
;
_entity_poly.pdbx_strand_id                 A,B 
_entity_poly.pdbx_target_identifier         ? 
# 
loop_
_pdbx_entity_nonpoly.entity_id 
_pdbx_entity_nonpoly.name 
_pdbx_entity_nonpoly.comp_id 
2 1,2-ETHANEDIOL EDO 
3 water          HOH 
# 
loop_
_entity_poly_seq.entity_id 
_entity_poly_seq.num 
_entity_poly_seq.mon_id 
_entity_poly_seq.hetero 
1 1  ALA n 
1 2  SER n 
1 3  GLU n 
1 4  GLN n 
1 5  VAL n 
1 6  TRP n 
1 7  HIS n 
1 8  VAL n 
1 9  LEU n 
1 10 ASP n 
1 11 VAL n 
1 12 GLU n 
1 13 PRO n 
1 14 SER n 
1 15 SER n 
1 16 PRO n 
1 17 ALA n 
1 18 ALA n 
1 19 LEU n 
1 20 ALA n 
1 21 GLY n 
1 22 LEU n 
1 23 ARG n 
1 24 PRO n 
1 25 TYR n 
1 26 THR n 
1 27 ASP n 
1 28 TYR n 
1 29 VAL n 
1 30 VAL n 
1 31 GLY n 
1 32 SER n 
1 33 ASP n 
1 34 GLN n 
1 35 ILE n 
1 36 LEU n 
1 37 GLN n 
1 38 GLU n 
1 39 SER n 
1 40 GLU n 
1 41 ASP n 
1 42 PHE n 
1 43 PHE n 
1 44 THR n 
1 45 LEU n 
1 46 ILE n 
1 47 GLU n 
1 48 SER n 
1 49 HIS n 
1 50 GLU n 
1 51 GLY n 
1 52 LYS n 
1 53 PRO n 
1 54 LEU n 
1 55 LYS n 
1 56 LEU n 
1 57 MET n 
1 58 VAL n 
1 59 TYR n 
1 60 ASN n 
1 61 SER n 
1 62 LYS n 
1 63 SER n 
1 64 ASP n 
1 65 SER n 
1 66 CYS n 
1 67 ARG n 
1 68 GLU n 
1 69 VAL n 
1 70 THR n 
1 71 VAL n 
1 72 THR n 
1 73 PRO n 
1 74 ASN n 
1 75 ALA n 
1 76 ALA n 
1 77 TRP n 
1 78 GLY n 
1 79 GLY n 
1 80 GLU n 
1 81 GLY n 
1 82 SER n 
1 83 LEU n 
1 84 GLY n 
1 85 CYS n 
1 86 GLY n 
1 87 ILE n 
1 88 GLY n 
1 89 TYR n 
1 90 GLY n 
1 91 TYR n 
1 92 LEU n 
1 93 HIS n 
1 94 ARG n 
1 95 ILE n 
1 96 PRO n 
1 97 THR n 
# 
_entity_src_gen.entity_id                          1 
_entity_src_gen.pdbx_src_id                        1 
_entity_src_gen.pdbx_alt_source_flag               sample 
_entity_src_gen.pdbx_seq_type                      'Biological sequence' 
_entity_src_gen.pdbx_beg_seq_num                   1 
_entity_src_gen.pdbx_end_seq_num                   97 
_entity_src_gen.gene_src_common_name               Human 
_entity_src_gen.gene_src_genus                     ? 
_entity_src_gen.pdbx_gene_src_gene                 'GORASP1, GOLPH5, GRASP65' 
_entity_src_gen.gene_src_species                   ? 
_entity_src_gen.gene_src_strain                    ? 
_entity_src_gen.gene_src_tissue                    ? 
_entity_src_gen.gene_src_tissue_fraction           ? 
_entity_src_gen.gene_src_details                   ? 
_entity_src_gen.pdbx_gene_src_fragment             ? 
_entity_src_gen.pdbx_gene_src_scientific_name      'Homo sapiens' 
_entity_src_gen.pdbx_gene_src_ncbi_taxonomy_id     9606 
_entity_src_gen.pdbx_gene_src_variant              ? 
_entity_src_gen.pdbx_gene_src_cell_line            ? 
_entity_src_gen.pdbx_gene_src_atcc                 ? 
_entity_src_gen.pdbx_gene_src_organ                ? 
_entity_src_gen.pdbx_gene_src_organelle            ? 
_entity_src_gen.pdbx_gene_src_cell                 ? 
_entity_src_gen.pdbx_gene_src_cellular_location    ? 
_entity_src_gen.host_org_common_name               ? 
_entity_src_gen.pdbx_host_org_scientific_name      'Escherichia coli' 
_entity_src_gen.pdbx_host_org_ncbi_taxonomy_id     562 
_entity_src_gen.host_org_genus                     ? 
_entity_src_gen.pdbx_host_org_gene                 ? 
_entity_src_gen.pdbx_host_org_organ                ? 
_entity_src_gen.host_org_species                   ? 
_entity_src_gen.pdbx_host_org_tissue               ? 
_entity_src_gen.pdbx_host_org_tissue_fraction      ? 
_entity_src_gen.pdbx_host_org_strain               ? 
_entity_src_gen.pdbx_host_org_variant              ? 
_entity_src_gen.pdbx_host_org_cell_line            ? 
_entity_src_gen.pdbx_host_org_atcc                 ? 
_entity_src_gen.pdbx_host_org_culture_collection   ? 
_entity_src_gen.pdbx_host_org_cell                 ? 
_entity_src_gen.pdbx_host_org_organelle            ? 
_entity_src_gen.pdbx_host_org_cellular_location    ? 
_entity_src_gen.pdbx_host_org_vector_type          ? 
_entity_src_gen.pdbx_host_org_vector               ? 
_entity_src_gen.host_org_details                   ? 
_entity_src_gen.expression_system_id               ? 
_entity_src_gen.plasmid_name                       ? 
_entity_src_gen.plasmid_details                    ? 
_entity_src_gen.pdbx_description                   ? 
# 
loop_
_chem_comp.id 
_chem_comp.type 
_chem_comp.mon_nstd_flag 
_chem_comp.name 
_chem_comp.pdbx_synonyms 
_chem_comp.formula 
_chem_comp.formula_weight 
ALA 'L-peptide linking' y ALANINE         ?                 'C3 H7 N O2'     89.093  
ARG 'L-peptide linking' y ARGININE        ?                 'C6 H15 N4 O2 1' 175.209 
ASN 'L-peptide linking' y ASPARAGINE      ?                 'C4 H8 N2 O3'    132.118 
ASP 'L-peptide linking' y 'ASPARTIC ACID' ?                 'C4 H7 N O4'     133.103 
CYS 'L-peptide linking' y CYSTEINE        ?                 'C3 H7 N O2 S'   121.158 
EDO non-polymer         . 1,2-ETHANEDIOL  'ETHYLENE GLYCOL' 'C2 H6 O2'       62.068  
GLN 'L-peptide linking' y GLUTAMINE       ?                 'C5 H10 N2 O3'   146.144 
GLU 'L-peptide linking' y 'GLUTAMIC ACID' ?                 'C5 H9 N O4'     147.129 
GLY 'peptide linking'   y GLYCINE         ?                 'C2 H5 N O2'     75.067  
HIS 'L-peptide linking' y HISTIDINE       ?                 'C6 H10 N3 O2 1' 156.162 
HOH non-polymer         . WATER           ?                 'H2 O'           18.015  
ILE 'L-peptide linking' y ISOLEUCINE      ?                 'C6 H13 N O2'    131.173 
LEU 'L-peptide linking' y LEUCINE         ?                 'C6 H13 N O2'    131.173 
LYS 'L-peptide linking' y LYSINE          ?                 'C6 H15 N2 O2 1' 147.195 
MET 'L-peptide linking' y METHIONINE      ?                 'C5 H11 N O2 S'  149.211 
PHE 'L-peptide linking' y PHENYLALANINE   ?                 'C9 H11 N O2'    165.189 
PRO 'L-peptide linking' y PROLINE         ?                 'C5 H9 N O2'     115.130 
SER 'L-peptide linking' y SERINE          ?                 'C3 H7 N O3'     105.093 
THR 'L-peptide linking' y THREONINE       ?                 'C4 H9 N O3'     119.119 
TRP 'L-peptide linking' y TRYPTOPHAN      ?                 'C11 H12 N2 O2'  204.225 
TYR 'L-peptide linking' y TYROSINE        ?                 'C9 H11 N O3'    181.189 
VAL 'L-peptide linking' y VALINE          ?                 'C5 H11 N O2'    117.146 
# 
loop_
_pdbx_poly_seq_scheme.asym_id 
_pdbx_poly_seq_scheme.entity_id 
_pdbx_poly_seq_scheme.seq_id 
_pdbx_poly_seq_scheme.mon_id 
_pdbx_poly_seq_scheme.ndb_seq_num 
_pdbx_poly_seq_scheme.pdb_seq_num 
_pdbx_poly_seq_scheme.auth_seq_num 
_pdbx_poly_seq_scheme.pdb_mon_id 
_pdbx_poly_seq_scheme.auth_mon_id 
_pdbx_poly_seq_scheme.pdb_strand_id 
_pdbx_poly_seq_scheme.pdb_ins_code 
_pdbx_poly_seq_scheme.hetero 
A 1 1  ALA 1  108 ?   ?   ?   A . n 
A 1 2  SER 2  109 109 SER SER A . n 
A 1 3  GLU 3  110 110 GLU GLU A . n 
A 1 4  GLN 4  111 111 GLN GLN A . n 
A 1 5  VAL 5  112 112 VAL VAL A . n 
A 1 6  TRP 6  113 113 TRP TRP A . n 
A 1 7  HIS 7  114 114 HIS HIS A . n 
A 1 8  VAL 8  115 115 VAL VAL A . n 
A 1 9  LEU 9  116 116 LEU LEU A . n 
A 1 10 ASP 10 117 117 ASP ASP A . n 
A 1 11 VAL 11 118 118 VAL VAL A . n 
A 1 12 GLU 12 119 119 GLU GLU A . n 
A 1 13 PRO 13 120 120 PRO PRO A . n 
A 1 14 SER 14 121 121 SER SER A . n 
A 1 15 SER 15 122 122 SER SER A . n 
A 1 16 PRO 16 123 123 PRO PRO A . n 
A 1 17 ALA 17 124 124 ALA ALA A . n 
A 1 18 ALA 18 125 125 ALA ALA A . n 
A 1 19 LEU 19 126 126 LEU LEU A . n 
A 1 20 ALA 20 127 127 ALA ALA A . n 
A 1 21 GLY 21 128 128 GLY GLY A . n 
A 1 22 LEU 22 129 129 LEU LEU A . n 
A 1 23 ARG 23 130 130 ARG ARG A . n 
A 1 24 PRO 24 131 131 PRO PRO A . n 
A 1 25 TYR 25 132 132 TYR TYR A . n 
A 1 26 THR 26 133 133 THR THR A . n 
A 1 27 ASP 27 134 134 ASP ASP A . n 
A 1 28 TYR 28 135 135 TYR TYR A . n 
A 1 29 VAL 29 136 136 VAL VAL A . n 
A 1 30 VAL 30 137 137 VAL VAL A . n 
A 1 31 GLY 31 138 138 GLY GLY A . n 
A 1 32 SER 32 139 139 SER SER A . n 
A 1 33 ASP 33 140 140 ASP ASP A . n 
A 1 34 GLN 34 141 141 GLN GLN A . n 
A 1 35 ILE 35 142 ?   ?   ?   A . n 
A 1 36 LEU 36 143 ?   ?   ?   A . n 
A 1 37 GLN 37 144 ?   ?   ?   A . n 
A 1 38 GLU 38 145 ?   ?   ?   A . n 
A 1 39 SER 39 146 146 SER SER A . n 
A 1 40 GLU 40 147 147 GLU GLU A . n 
A 1 41 ASP 41 148 148 ASP ASP A . n 
A 1 42 PHE 42 149 149 PHE PHE A . n 
A 1 43 PHE 43 150 150 PHE PHE A . n 
A 1 44 THR 44 151 151 THR THR A . n 
A 1 45 LEU 45 152 152 LEU LEU A . n 
A 1 46 ILE 46 153 153 ILE ILE A . n 
A 1 47 GLU 47 154 154 GLU GLU A . n 
A 1 48 SER 48 155 155 SER SER A . n 
A 1 49 HIS 49 156 156 HIS HIS A . n 
A 1 50 GLU 50 157 157 GLU GLU A . n 
A 1 51 GLY 51 158 158 GLY GLY A . n 
A 1 52 LYS 52 159 159 LYS LYS A . n 
A 1 53 PRO 53 160 160 PRO PRO A . n 
A 1 54 LEU 54 161 161 LEU LEU A . n 
A 1 55 LYS 55 162 162 LYS LYS A . n 
A 1 56 LEU 56 163 163 LEU LEU A . n 
A 1 57 MET 57 164 164 MET MET A . n 
A 1 58 VAL 58 165 165 VAL VAL A . n 
A 1 59 TYR 59 166 166 TYR TYR A . n 
A 1 60 ASN 60 167 167 ASN ASN A . n 
A 1 61 SER 61 168 168 SER SER A . n 
A 1 62 LYS 62 169 169 LYS LYS A . n 
A 1 63 SER 63 170 170 SER SER A . n 
A 1 64 ASP 64 171 171 ASP ASP A . n 
A 1 65 SER 65 172 172 SER SER A . n 
A 1 66 CYS 66 173 173 CYS CYS A . n 
A 1 67 ARG 67 174 174 ARG ARG A . n 
A 1 68 GLU 68 175 175 GLU GLU A . n 
A 1 69 VAL 69 176 176 VAL VAL A . n 
A 1 70 THR 70 177 177 THR THR A . n 
A 1 71 VAL 71 178 178 VAL VAL A . n 
A 1 72 THR 72 179 179 THR THR A . n 
A 1 73 PRO 73 180 180 PRO PRO A . n 
A 1 74 ASN 74 181 181 ASN ASN A . n 
A 1 75 ALA 75 182 182 ALA ALA A . n 
A 1 76 ALA 76 183 183 ALA ALA A . n 
A 1 77 TRP 77 184 184 TRP TRP A . n 
A 1 78 GLY 78 185 185 GLY GLY A . n 
A 1 79 GLY 79 186 186 GLY GLY A . n 
A 1 80 GLU 80 187 187 GLU GLU A . n 
A 1 81 GLY 81 188 188 GLY GLY A . n 
A 1 82 SER 82 189 189 SER SER A . n 
A 1 83 LEU 83 190 190 LEU LEU A . n 
A 1 84 GLY 84 191 191 GLY GLY A . n 
A 1 85 CYS 85 192 192 CYS CYS A . n 
A 1 86 GLY 86 193 193 GLY GLY A . n 
A 1 87 ILE 87 194 194 ILE ILE A . n 
A 1 88 GLY 88 195 195 GLY GLY A . n 
A 1 89 TYR 89 196 196 TYR TYR A . n 
A 1 90 GLY 90 197 197 GLY GLY A . n 
A 1 91 TYR 91 198 198 TYR TYR A . n 
A 1 92 LEU 92 199 199 LEU LEU A . n 
A 1 93 HIS 93 200 200 HIS HIS A . n 
A 1 94 ARG 94 201 201 ARG ARG A . n 
A 1 95 ILE 95 202 202 ILE ILE A . n 
A 1 96 PRO 96 203 203 PRO PRO A . n 
A 1 97 THR 97 204 204 THR THR A . n 
B 1 1  ALA 1  108 ?   ?   ?   B . n 
B 1 2  SER 2  109 ?   ?   ?   B . n 
B 1 3  GLU 3  110 110 GLU GLU B . n 
B 1 4  GLN 4  111 111 GLN GLN B . n 
B 1 5  VAL 5  112 112 VAL VAL B . n 
B 1 6  TRP 6  113 113 TRP TRP B . n 
B 1 7  HIS 7  114 114 HIS HIS B . n 
B 1 8  VAL 8  115 115 VAL VAL B . n 
B 1 9  LEU 9  116 116 LEU LEU B . n 
B 1 10 ASP 10 117 117 ASP ASP B . n 
B 1 11 VAL 11 118 118 VAL VAL B . n 
B 1 12 GLU 12 119 119 GLU GLU B . n 
B 1 13 PRO 13 120 120 PRO PRO B . n 
B 1 14 SER 14 121 121 SER SER B . n 
B 1 15 SER 15 122 122 SER SER B . n 
B 1 16 PRO 16 123 123 PRO PRO B . n 
B 1 17 ALA 17 124 124 ALA ALA B . n 
B 1 18 ALA 18 125 125 ALA ALA B . n 
B 1 19 LEU 19 126 126 LEU LEU B . n 
B 1 20 ALA 20 127 127 ALA ALA B . n 
B 1 21 GLY 21 128 128 GLY GLY B . n 
B 1 22 LEU 22 129 129 LEU LEU B . n 
B 1 23 ARG 23 130 130 ARG ARG B . n 
B 1 24 PRO 24 131 131 PRO PRO B . n 
B 1 25 TYR 25 132 132 TYR TYR B . n 
B 1 26 THR 26 133 133 THR THR B . n 
B 1 27 ASP 27 134 134 ASP ASP B . n 
B 1 28 TYR 28 135 135 TYR TYR B . n 
B 1 29 VAL 29 136 136 VAL VAL B . n 
B 1 30 VAL 30 137 137 VAL VAL B . n 
B 1 31 GLY 31 138 138 GLY GLY B . n 
B 1 32 SER 32 139 139 SER SER B . n 
B 1 33 ASP 33 140 ?   ?   ?   B . n 
B 1 34 GLN 34 141 ?   ?   ?   B . n 
B 1 35 ILE 35 142 ?   ?   ?   B . n 
B 1 36 LEU 36 143 ?   ?   ?   B . n 
B 1 37 GLN 37 144 ?   ?   ?   B . n 
B 1 38 GLU 38 145 ?   ?   ?   B . n 
B 1 39 SER 39 146 ?   ?   ?   B . n 
B 1 40 GLU 40 147 ?   ?   ?   B . n 
B 1 41 ASP 41 148 148 ASP ASP B . n 
B 1 42 PHE 42 149 149 PHE PHE B . n 
B 1 43 PHE 43 150 150 PHE PHE B . n 
B 1 44 THR 44 151 151 THR THR B . n 
B 1 45 LEU 45 152 152 LEU LEU B . n 
B 1 46 ILE 46 153 153 ILE ILE B . n 
B 1 47 GLU 47 154 154 GLU GLU B . n 
B 1 48 SER 48 155 155 SER SER B . n 
B 1 49 HIS 49 156 156 HIS HIS B . n 
B 1 50 GLU 50 157 157 GLU GLU B . n 
B 1 51 GLY 51 158 158 GLY GLY B . n 
B 1 52 LYS 52 159 159 LYS LYS B . n 
B 1 53 PRO 53 160 160 PRO PRO B . n 
B 1 54 LEU 54 161 161 LEU LEU B . n 
B 1 55 LYS 55 162 162 LYS LYS B . n 
B 1 56 LEU 56 163 163 LEU LEU B . n 
B 1 57 MET 57 164 164 MET MET B . n 
B 1 58 VAL 58 165 165 VAL VAL B . n 
B 1 59 TYR 59 166 166 TYR TYR B . n 
B 1 60 ASN 60 167 167 ASN ASN B . n 
B 1 61 SER 61 168 168 SER SER B . n 
B 1 62 LYS 62 169 169 LYS LYS B . n 
B 1 63 SER 63 170 170 SER SER B . n 
B 1 64 ASP 64 171 171 ASP ASP B . n 
B 1 65 SER 65 172 172 SER SER B . n 
B 1 66 CYS 66 173 173 CYS CYS B . n 
B 1 67 ARG 67 174 174 ARG ARG B . n 
B 1 68 GLU 68 175 175 GLU GLU B . n 
B 1 69 VAL 69 176 176 VAL VAL B . n 
B 1 70 THR 70 177 177 THR THR B . n 
B 1 71 VAL 71 178 178 VAL VAL B . n 
B 1 72 THR 72 179 179 THR THR B . n 
B 1 73 PRO 73 180 180 PRO PRO B . n 
B 1 74 ASN 74 181 181 ASN ASN B . n 
B 1 75 ALA 75 182 182 ALA ALA B . n 
B 1 76 ALA 76 183 183 ALA ALA B . n 
B 1 77 TRP 77 184 184 TRP TRP B . n 
B 1 78 GLY 78 185 185 GLY GLY B . n 
B 1 79 GLY 79 186 186 GLY GLY B . n 
B 1 80 GLU 80 187 187 GLU GLU B . n 
B 1 81 GLY 81 188 188 GLY GLY B . n 
B 1 82 SER 82 189 189 SER SER B . n 
B 1 83 LEU 83 190 190 LEU LEU B . n 
B 1 84 GLY 84 191 191 GLY GLY B . n 
B 1 85 CYS 85 192 192 CYS CYS B . n 
B 1 86 GLY 86 193 193 GLY GLY B . n 
B 1 87 ILE 87 194 194 ILE ILE B . n 
B 1 88 GLY 88 195 195 GLY GLY B . n 
B 1 89 TYR 89 196 196 TYR TYR B . n 
B 1 90 GLY 90 197 197 GLY GLY B . n 
B 1 91 TYR 91 198 198 TYR TYR B . n 
B 1 92 LEU 92 199 199 LEU LEU B . n 
B 1 93 HIS 93 200 200 HIS HIS B . n 
B 1 94 ARG 94 201 201 ARG ARG B . n 
B 1 95 ILE 95 202 202 ILE ILE B . n 
B 1 96 PRO 96 203 203 PRO PRO B . n 
B 1 97 THR 97 204 204 THR THR B . n 
# 
loop_
_pdbx_nonpoly_scheme.asym_id 
_pdbx_nonpoly_scheme.entity_id 
_pdbx_nonpoly_scheme.mon_id 
_pdbx_nonpoly_scheme.ndb_seq_num 
_pdbx_nonpoly_scheme.pdb_seq_num 
_pdbx_nonpoly_scheme.auth_seq_num 
_pdbx_nonpoly_scheme.pdb_mon_id 
_pdbx_nonpoly_scheme.auth_mon_id 
_pdbx_nonpoly_scheme.pdb_strand_id 
_pdbx_nonpoly_scheme.pdb_ins_code 
C 2 EDO 1  301 1  EDO EDO B . 
D 2 EDO 1  302 2  EDO EDO B . 
E 2 EDO 1  303 3  EDO EDO B . 
F 2 EDO 1  304 4  EDO EDO B . 
G 2 EDO 1  305 5  EDO EDO B . 
H 2 EDO 1  306 6  EDO EDO B . 
I 3 HOH 1  301 61 HOH HOH A . 
I 3 HOH 2  302 71 HOH HOH A . 
I 3 HOH 3  303 9  HOH HOH A . 
I 3 HOH 4  304 31 HOH HOH A . 
I 3 HOH 5  305 1  HOH HOH A . 
I 3 HOH 6  306 23 HOH HOH A . 
I 3 HOH 7  307 46 HOH HOH A . 
I 3 HOH 8  308 25 HOH HOH A . 
I 3 HOH 9  309 16 HOH HOH A . 
I 3 HOH 10 310 10 HOH HOH A . 
I 3 HOH 11 311 45 HOH HOH A . 
I 3 HOH 12 312 80 HOH HOH A . 
I 3 HOH 13 313 70 HOH HOH A . 
I 3 HOH 14 314 63 HOH HOH A . 
I 3 HOH 15 315 7  HOH HOH A . 
I 3 HOH 16 316 6  HOH HOH A . 
I 3 HOH 17 317 41 HOH HOH A . 
I 3 HOH 18 318 78 HOH HOH A . 
I 3 HOH 19 319 56 HOH HOH A . 
I 3 HOH 20 320 20 HOH HOH A . 
I 3 HOH 21 321 38 HOH HOH A . 
I 3 HOH 22 322 59 HOH HOH A . 
I 3 HOH 23 323 18 HOH HOH A . 
I 3 HOH 24 324 11 HOH HOH A . 
I 3 HOH 25 325 65 HOH HOH A . 
I 3 HOH 26 326 75 HOH HOH A . 
I 3 HOH 27 327 5  HOH HOH A . 
I 3 HOH 28 328 42 HOH HOH A . 
I 3 HOH 29 329 19 HOH HOH A . 
I 3 HOH 30 330 79 HOH HOH A . 
I 3 HOH 31 331 24 HOH HOH A . 
I 3 HOH 32 332 91 HOH HOH A . 
I 3 HOH 33 333 30 HOH HOH A . 
I 3 HOH 34 334 88 HOH HOH A . 
I 3 HOH 35 335 22 HOH HOH A . 
I 3 HOH 36 336 76 HOH HOH A . 
I 3 HOH 37 337 54 HOH HOH A . 
I 3 HOH 38 338 62 HOH HOH A . 
I 3 HOH 39 339 93 HOH HOH A . 
I 3 HOH 40 340 72 HOH HOH A . 
I 3 HOH 41 341 69 HOH HOH A . 
I 3 HOH 42 342 55 HOH HOH A . 
J 3 HOH 1  401 73 HOH HOH B . 
J 3 HOH 2  402 40 HOH HOH B . 
J 3 HOH 3  403 32 HOH HOH B . 
J 3 HOH 4  404 12 HOH HOH B . 
J 3 HOH 5  405 39 HOH HOH B . 
J 3 HOH 6  406 83 HOH HOH B . 
J 3 HOH 7  407 50 HOH HOH B . 
J 3 HOH 8  408 77 HOH HOH B . 
J 3 HOH 9  409 96 HOH HOH B . 
J 3 HOH 10 410 86 HOH HOH B . 
J 3 HOH 11 411 82 HOH HOH B . 
J 3 HOH 12 412 81 HOH HOH B . 
J 3 HOH 13 413 29 HOH HOH B . 
J 3 HOH 14 414 48 HOH HOH B . 
J 3 HOH 15 415 17 HOH HOH B . 
J 3 HOH 16 416 68 HOH HOH B . 
J 3 HOH 17 417 33 HOH HOH B . 
J 3 HOH 18 418 14 HOH HOH B . 
J 3 HOH 19 419 60 HOH HOH B . 
J 3 HOH 20 420 84 HOH HOH B . 
J 3 HOH 21 421 3  HOH HOH B . 
J 3 HOH 22 422 4  HOH HOH B . 
J 3 HOH 23 423 26 HOH HOH B . 
J 3 HOH 24 424 28 HOH HOH B . 
J 3 HOH 25 425 64 HOH HOH B . 
J 3 HOH 26 426 58 HOH HOH B . 
J 3 HOH 27 427 74 HOH HOH B . 
J 3 HOH 28 428 53 HOH HOH B . 
J 3 HOH 29 429 21 HOH HOH B . 
J 3 HOH 30 430 8  HOH HOH B . 
J 3 HOH 31 431 37 HOH HOH B . 
J 3 HOH 32 432 57 HOH HOH B . 
J 3 HOH 33 433 43 HOH HOH B . 
J 3 HOH 34 434 89 HOH HOH B . 
J 3 HOH 35 435 49 HOH HOH B . 
J 3 HOH 36 436 52 HOH HOH B . 
J 3 HOH 37 437 15 HOH HOH B . 
J 3 HOH 38 438 44 HOH HOH B . 
J 3 HOH 39 439 95 HOH HOH B . 
J 3 HOH 40 440 2  HOH HOH B . 
J 3 HOH 41 441 67 HOH HOH B . 
J 3 HOH 42 442 34 HOH HOH B . 
J 3 HOH 43 443 13 HOH HOH B . 
J 3 HOH 44 444 94 HOH HOH B . 
J 3 HOH 45 445 90 HOH HOH B . 
J 3 HOH 46 446 92 HOH HOH B . 
J 3 HOH 47 447 27 HOH HOH B . 
J 3 HOH 48 448 85 HOH HOH B . 
J 3 HOH 49 449 51 HOH HOH B . 
J 3 HOH 50 450 47 HOH HOH B . 
J 3 HOH 51 451 66 HOH HOH B . 
J 3 HOH 52 452 87 HOH HOH B . 
# 
loop_
_software.citation_id 
_software.classification 
_software.compiler_name 
_software.compiler_version 
_software.contact_author 
_software.contact_author_email 
_software.date 
_software.description 
_software.dependencies 
_software.hardware 
_software.language 
_software.location 
_software.mods 
_software.name 
_software.os 
_software.os_version 
_software.type 
_software.version 
_software.pdbx_ordinal 
? refinement       ? ? ? ? ? ? ? ? ? ? ? REFMAC ? ? ? 5.8.0189 1 
? 'data reduction' ? ? ? ? ? ? ? ? ? ? ? XDS    ? ? ? .        2 
? 'data scaling'   ? ? ? ? ? ? ? ? ? ? ? XSCALE ? ? ? .        3 
? phasing          ? ? ? ? ? ? ? ? ? ? ? PHASER ? ? ? .        4 
# 
_cell.angle_alpha                  90.00 
_cell.angle_alpha_esd              ? 
_cell.angle_beta                   110.82 
_cell.angle_beta_esd               ? 
_cell.angle_gamma                  90.00 
_cell.angle_gamma_esd              ? 
_cell.entry_id                     6G8W 
_cell.details                      ? 
_cell.formula_units_Z              ? 
_cell.length_a                     50.825 
_cell.length_a_esd                 ? 
_cell.length_b                     82.613 
_cell.length_b_esd                 ? 
_cell.length_c                     49.220 
_cell.length_c_esd                 ? 
_cell.volume                       ? 
_cell.volume_esd                   ? 
_cell.Z_PDB                        8 
_cell.reciprocal_angle_alpha       ? 
_cell.reciprocal_angle_beta        ? 
_cell.reciprocal_angle_gamma       ? 
_cell.reciprocal_angle_alpha_esd   ? 
_cell.reciprocal_angle_beta_esd    ? 
_cell.reciprocal_angle_gamma_esd   ? 
_cell.reciprocal_length_a          ? 
_cell.reciprocal_length_b          ? 
_cell.reciprocal_length_c          ? 
_cell.reciprocal_length_a_esd      ? 
_cell.reciprocal_length_b_esd      ? 
_cell.reciprocal_length_c_esd      ? 
_cell.pdbx_unique_axis             ? 
# 
_symmetry.entry_id                         6G8W 
_symmetry.cell_setting                     ? 
_symmetry.Int_Tables_number                5 
_symmetry.space_group_name_Hall            ? 
_symmetry.space_group_name_H-M             'C 1 2 1' 
_symmetry.pdbx_full_space_group_name_H-M   ? 
# 
_exptl.absorpt_coefficient_mu     ? 
_exptl.absorpt_correction_T_max   ? 
_exptl.absorpt_correction_T_min   ? 
_exptl.absorpt_correction_type    ? 
_exptl.absorpt_process_details    ? 
_exptl.entry_id                   6G8W 
_exptl.crystals_number            1 
_exptl.details                    ? 
_exptl.method                     'X-RAY DIFFRACTION' 
_exptl.method_details             ? 
# 
_exptl_crystal.colour                      ? 
_exptl_crystal.density_diffrn              ? 
_exptl_crystal.density_Matthews            2.29 
_exptl_crystal.density_method              ? 
_exptl_crystal.density_percent_sol         46.25 
_exptl_crystal.description                 ? 
_exptl_crystal.F_000                       ? 
_exptl_crystal.id                          1 
_exptl_crystal.preparation                 ? 
_exptl_crystal.size_max                    ? 
_exptl_crystal.size_mid                    ? 
_exptl_crystal.size_min                    ? 
_exptl_crystal.size_rad                    ? 
_exptl_crystal.colour_lustre               ? 
_exptl_crystal.colour_modifier             ? 
_exptl_crystal.colour_primary              ? 
_exptl_crystal.density_meas                ? 
_exptl_crystal.density_meas_esd            ? 
_exptl_crystal.density_meas_gt             ? 
_exptl_crystal.density_meas_lt             ? 
_exptl_crystal.density_meas_temp           ? 
_exptl_crystal.density_meas_temp_esd       ? 
_exptl_crystal.density_meas_temp_gt        ? 
_exptl_crystal.density_meas_temp_lt        ? 
_exptl_crystal.pdbx_crystal_image_url      ? 
_exptl_crystal.pdbx_crystal_image_format   ? 
_exptl_crystal.pdbx_mosaicity              ? 
_exptl_crystal.pdbx_mosaicity_esd          ? 
# 
_exptl_crystal_grow.apparatus       ? 
_exptl_crystal_grow.atmosphere      ? 
_exptl_crystal_grow.crystal_id      1 
_exptl_crystal_grow.details         ? 
_exptl_crystal_grow.method          'VAPOR DIFFUSION, SITTING DROP' 
_exptl_crystal_grow.method_ref      ? 
_exptl_crystal_grow.pH              ? 
_exptl_crystal_grow.pressure        ? 
_exptl_crystal_grow.pressure_esd    ? 
_exptl_crystal_grow.seeding         ? 
_exptl_crystal_grow.seeding_ref     ? 
_exptl_crystal_grow.temp            293.15 
_exptl_crystal_grow.temp_details    ? 
_exptl_crystal_grow.temp_esd        ? 
_exptl_crystal_grow.time            ? 
_exptl_crystal_grow.pdbx_details    '1.4M Na/K phosphate pH 8.2' 
_exptl_crystal_grow.pdbx_pH_range   ? 
# 
_diffrn.ambient_environment    ? 
_diffrn.ambient_temp           100 
_diffrn.ambient_temp_details   ? 
_diffrn.ambient_temp_esd       ? 
_diffrn.crystal_id             1 
_diffrn.crystal_support        ? 
_diffrn.crystal_treatment      ? 
_diffrn.details                ? 
_diffrn.id                     1 
_diffrn.ambient_pressure       ? 
_diffrn.ambient_pressure_esd   ? 
_diffrn.ambient_pressure_gt    ? 
_diffrn.ambient_pressure_lt    ? 
_diffrn.ambient_temp_gt        ? 
_diffrn.ambient_temp_lt        ? 
# 
_diffrn_detector.details                      ? 
_diffrn_detector.detector                     PIXEL 
_diffrn_detector.diffrn_id                    1 
_diffrn_detector.type                         'DECTRIS PILATUS3 6M' 
_diffrn_detector.area_resol_mean              ? 
_diffrn_detector.dtime                        ? 
_diffrn_detector.pdbx_frames_total            ? 
_diffrn_detector.pdbx_collection_time_total   ? 
_diffrn_detector.pdbx_collection_date         2011-05-25 
# 
_diffrn_radiation.collimation                      ? 
_diffrn_radiation.diffrn_id                        1 
_diffrn_radiation.filter_edge                      ? 
_diffrn_radiation.inhomogeneity                    ? 
_diffrn_radiation.monochromator                    ? 
_diffrn_radiation.polarisn_norm                    ? 
_diffrn_radiation.polarisn_ratio                   ? 
_diffrn_radiation.probe                            ? 
_diffrn_radiation.type                             ? 
_diffrn_radiation.xray_symbol                      ? 
_diffrn_radiation.wavelength_id                    1 
_diffrn_radiation.pdbx_monochromatic_or_laue_m_l   M 
_diffrn_radiation.pdbx_wavelength_list             ? 
_diffrn_radiation.pdbx_wavelength                  ? 
_diffrn_radiation.pdbx_diffrn_protocol             'SINGLE WAVELENGTH' 
_diffrn_radiation.pdbx_analyzer                    ? 
_diffrn_radiation.pdbx_scattering_type             x-ray 
# 
_diffrn_radiation_wavelength.id           1 
_diffrn_radiation_wavelength.wavelength   0.91841 
_diffrn_radiation_wavelength.wt           1.0 
# 
_diffrn_source.current                     ? 
_diffrn_source.details                     ? 
_diffrn_source.diffrn_id                   1 
_diffrn_source.power                       ? 
_diffrn_source.size                        ? 
_diffrn_source.source                      SYNCHROTRON 
_diffrn_source.target                      ? 
_diffrn_source.type                        'BESSY BEAMLINE 14.1' 
_diffrn_source.voltage                     ? 
_diffrn_source.take-off_angle              ? 
_diffrn_source.pdbx_wavelength_list        0.91841 
_diffrn_source.pdbx_wavelength             ? 
_diffrn_source.pdbx_synchrotron_beamline   14.1 
_diffrn_source.pdbx_synchrotron_site       BESSY 
# 
_reflns.B_iso_Wilson_estimate            ? 
_reflns.entry_id                         6G8W 
_reflns.data_reduction_details           ? 
_reflns.data_reduction_method            ? 
_reflns.d_resolution_high                2.12 
_reflns.d_resolution_low                 26.85 
_reflns.details                          ? 
_reflns.limit_h_max                      ? 
_reflns.limit_h_min                      ? 
_reflns.limit_k_max                      ? 
_reflns.limit_k_min                      ? 
_reflns.limit_l_max                      ? 
_reflns.limit_l_min                      ? 
_reflns.number_all                       ? 
_reflns.number_obs                       10762 
_reflns.observed_criterion               ? 
_reflns.observed_criterion_F_max         ? 
_reflns.observed_criterion_F_min         ? 
_reflns.observed_criterion_I_max         ? 
_reflns.observed_criterion_I_min         ? 
_reflns.observed_criterion_sigma_F       ? 
_reflns.observed_criterion_sigma_I       ? 
_reflns.percent_possible_obs             99.3 
_reflns.R_free_details                   ? 
_reflns.Rmerge_F_all                     ? 
_reflns.Rmerge_F_obs                     ? 
_reflns.Friedel_coverage                 ? 
_reflns.number_gt                        ? 
_reflns.threshold_expression             ? 
_reflns.pdbx_redundancy                  4.1 
_reflns.pdbx_Rmerge_I_obs                ? 
_reflns.pdbx_Rmerge_I_all                ? 
_reflns.pdbx_Rsym_value                  ? 
_reflns.pdbx_netI_over_av_sigmaI         ? 
_reflns.pdbx_netI_over_sigmaI            15.78 
_reflns.pdbx_res_netI_over_av_sigmaI_2   ? 
_reflns.pdbx_res_netI_over_sigmaI_2      ? 
_reflns.pdbx_chi_squared                 ? 
_reflns.pdbx_scaling_rejects             ? 
_reflns.pdbx_d_res_high_opt              ? 
_reflns.pdbx_d_res_low_opt               ? 
_reflns.pdbx_d_res_opt_method            ? 
_reflns.phase_calculation_details        ? 
_reflns.pdbx_Rrim_I_all                  0.078 
_reflns.pdbx_Rpim_I_all                  ? 
_reflns.pdbx_d_opt                       ? 
_reflns.pdbx_number_measured_all         ? 
_reflns.pdbx_diffrn_id                   1 
_reflns.pdbx_ordinal                     1 
_reflns.pdbx_CC_half                     ? 
_reflns.pdbx_R_split                     ? 
# 
_reflns_shell.d_res_high                  2.12 
_reflns_shell.d_res_low                   2.18 
_reflns_shell.meanI_over_sigI_all         ? 
_reflns_shell.meanI_over_sigI_obs         2.97 
_reflns_shell.number_measured_all         ? 
_reflns_shell.number_measured_obs         ? 
_reflns_shell.number_possible             ? 
_reflns_shell.number_unique_all           ? 
_reflns_shell.number_unique_obs           788 
_reflns_shell.percent_possible_all        100 
_reflns_shell.percent_possible_obs        ? 
_reflns_shell.Rmerge_F_all                ? 
_reflns_shell.Rmerge_F_obs                ? 
_reflns_shell.Rmerge_I_all                ? 
_reflns_shell.Rmerge_I_obs                ? 
_reflns_shell.meanI_over_sigI_gt          ? 
_reflns_shell.meanI_over_uI_all           ? 
_reflns_shell.meanI_over_uI_gt            ? 
_reflns_shell.number_measured_gt          ? 
_reflns_shell.number_unique_gt            ? 
_reflns_shell.percent_possible_gt         ? 
_reflns_shell.Rmerge_F_gt                 ? 
_reflns_shell.Rmerge_I_gt                 ? 
_reflns_shell.pdbx_redundancy             4.1 
_reflns_shell.pdbx_Rsym_value             ? 
_reflns_shell.pdbx_chi_squared            ? 
_reflns_shell.pdbx_netI_over_sigmaI_all   ? 
_reflns_shell.pdbx_netI_over_sigmaI_obs   ? 
_reflns_shell.pdbx_Rrim_I_all             0.626 
_reflns_shell.pdbx_Rpim_I_all             ? 
_reflns_shell.pdbx_rejects                ? 
_reflns_shell.pdbx_ordinal                1 
_reflns_shell.pdbx_diffrn_id              1 
_reflns_shell.pdbx_CC_half                0.999 
_reflns_shell.pdbx_R_split                ? 
# 
_refine.aniso_B[1][1]                            3.41 
_refine.aniso_B[1][2]                            -0.00 
_refine.aniso_B[1][3]                            -1.97 
_refine.aniso_B[2][2]                            -1.34 
_refine.aniso_B[2][3]                            0.00 
_refine.aniso_B[3][3]                            -0.45 
_refine.B_iso_max                                ? 
_refine.B_iso_mean                               32.953 
_refine.B_iso_min                                ? 
_refine.correlation_coeff_Fo_to_Fc               0.960 
_refine.correlation_coeff_Fo_to_Fc_free          0.934 
_refine.details                                  'HYDROGENS HAVE BEEN ADDED IN THE RIDING POSITIONS' 
_refine.diff_density_max                         ? 
_refine.diff_density_max_esd                     ? 
_refine.diff_density_min                         ? 
_refine.diff_density_min_esd                     ? 
_refine.diff_density_rms                         ? 
_refine.diff_density_rms_esd                     ? 
_refine.entry_id                                 6G8W 
_refine.pdbx_refine_id                           'X-RAY DIFFRACTION' 
_refine.ls_abs_structure_details                 ? 
_refine.ls_abs_structure_Flack                   ? 
_refine.ls_abs_structure_Flack_esd               ? 
_refine.ls_abs_structure_Rogers                  ? 
_refine.ls_abs_structure_Rogers_esd              ? 
_refine.ls_d_res_high                            2.12 
_refine.ls_d_res_low                             26.85 
_refine.ls_extinction_coef                       ? 
_refine.ls_extinction_coef_esd                   ? 
_refine.ls_extinction_expression                 ? 
_refine.ls_extinction_method                     ? 
_refine.ls_goodness_of_fit_all                   ? 
_refine.ls_goodness_of_fit_all_esd               ? 
_refine.ls_goodness_of_fit_obs                   ? 
_refine.ls_goodness_of_fit_obs_esd               ? 
_refine.ls_hydrogen_treatment                    ? 
_refine.ls_matrix_type                           ? 
_refine.ls_number_constraints                    ? 
_refine.ls_number_parameters                     ? 
_refine.ls_number_reflns_all                     ? 
_refine.ls_number_reflns_obs                     10222 
_refine.ls_number_reflns_R_free                  538 
_refine.ls_number_reflns_R_work                  ? 
_refine.ls_number_restraints                     ? 
_refine.ls_percent_reflns_obs                    99.44 
_refine.ls_percent_reflns_R_free                 5.0 
_refine.ls_R_factor_all                          ? 
_refine.ls_R_factor_obs                          0.18839 
_refine.ls_R_factor_R_free                       0.23548 
_refine.ls_R_factor_R_free_error                 ? 
_refine.ls_R_factor_R_free_error_details         ? 
_refine.ls_R_factor_R_work                       0.18597 
_refine.ls_R_Fsqd_factor_obs                     ? 
_refine.ls_R_I_factor_obs                        ? 
_refine.ls_redundancy_reflns_all                 ? 
_refine.ls_redundancy_reflns_obs                 ? 
_refine.ls_restrained_S_all                      ? 
_refine.ls_restrained_S_obs                      ? 
_refine.ls_shift_over_esd_max                    ? 
_refine.ls_shift_over_esd_mean                   ? 
_refine.ls_structure_factor_coef                 ? 
_refine.ls_weighting_details                     ? 
_refine.ls_weighting_scheme                      ? 
_refine.ls_wR_factor_all                         ? 
_refine.ls_wR_factor_obs                         ? 
_refine.ls_wR_factor_R_free                      ? 
_refine.ls_wR_factor_R_work                      ? 
_refine.occupancy_max                            ? 
_refine.occupancy_min                            ? 
_refine.solvent_model_details                    ? 
_refine.solvent_model_param_bsol                 ? 
_refine.solvent_model_param_ksol                 ? 
_refine.ls_R_factor_gt                           ? 
_refine.ls_goodness_of_fit_gt                    ? 
_refine.ls_goodness_of_fit_ref                   ? 
_refine.ls_shift_over_su_max                     ? 
_refine.ls_shift_over_su_max_lt                  ? 
_refine.ls_shift_over_su_mean                    ? 
_refine.ls_shift_over_su_mean_lt                 ? 
_refine.pdbx_ls_sigma_I                          ? 
_refine.pdbx_ls_sigma_F                          ? 
_refine.pdbx_ls_sigma_Fsqd                       ? 
_refine.pdbx_data_cutoff_high_absF               ? 
_refine.pdbx_data_cutoff_high_rms_absF           ? 
_refine.pdbx_data_cutoff_low_absF                ? 
_refine.pdbx_isotropic_thermal_model             ? 
_refine.pdbx_ls_cross_valid_method               THROUGHOUT 
_refine.pdbx_method_to_determine_struct          'MOLECULAR REPLACEMENT' 
_refine.pdbx_starting_model                      3RLE 
_refine.pdbx_stereochemistry_target_values       ? 
_refine.pdbx_R_Free_selection_details            RANDOM 
_refine.pdbx_stereochem_target_val_spec_case     ? 
_refine.pdbx_overall_ESU_R                       0.238 
_refine.pdbx_overall_ESU_R_Free                  0.195 
_refine.pdbx_solvent_vdw_probe_radii             1.20 
_refine.pdbx_solvent_ion_probe_radii             0.80 
_refine.pdbx_solvent_shrinkage_radii             0.80 
_refine.pdbx_real_space_R                        ? 
_refine.pdbx_density_correlation                 ? 
_refine.pdbx_pd_number_of_powder_patterns        ? 
_refine.pdbx_pd_number_of_points                 ? 
_refine.pdbx_pd_meas_number_of_points            ? 
_refine.pdbx_pd_proc_ls_prof_R_factor            ? 
_refine.pdbx_pd_proc_ls_prof_wR_factor           ? 
_refine.pdbx_pd_Marquardt_correlation_coeff      ? 
_refine.pdbx_pd_Fsqrd_R_factor                   ? 
_refine.pdbx_pd_ls_matrix_band_width             ? 
_refine.pdbx_overall_phase_error                 ? 
_refine.pdbx_overall_SU_R_free_Cruickshank_DPI   ? 
_refine.pdbx_overall_SU_R_free_Blow_DPI          ? 
_refine.pdbx_overall_SU_R_Blow_DPI               ? 
_refine.pdbx_TLS_residual_ADP_flag               ? 
_refine.pdbx_diffrn_id                           1 
_refine.overall_SU_B                             7.298 
_refine.overall_SU_ML                            0.177 
_refine.overall_SU_R_Cruickshank_DPI             ? 
_refine.overall_SU_R_free                        ? 
_refine.overall_FOM_free_R_set                   ? 
_refine.overall_FOM_work_R_set                   ? 
_refine.pdbx_average_fsc_overall                 ? 
_refine.pdbx_average_fsc_work                    ? 
_refine.pdbx_average_fsc_free                    ? 
# 
_refine_hist.pdbx_refine_id                   'X-RAY DIFFRACTION' 
_refine_hist.cycle_id                         1 
_refine_hist.pdbx_number_atoms_protein        1370 
_refine_hist.pdbx_number_atoms_nucleic_acid   0 
_refine_hist.pdbx_number_atoms_ligand         24 
_refine_hist.number_atoms_solvent             94 
_refine_hist.number_atoms_total               1488 
_refine_hist.d_res_high                       2.12 
_refine_hist.d_res_low                        26.85 
# 
loop_
_refine_ls_restr.pdbx_refine_id 
_refine_ls_restr.criterion 
_refine_ls_restr.dev_ideal 
_refine_ls_restr.dev_ideal_target 
_refine_ls_restr.number 
_refine_ls_restr.rejects 
_refine_ls_restr.type 
_refine_ls_restr.weight 
_refine_ls_restr.pdbx_restraint_function 
'X-RAY DIFFRACTION' ? 0.020  0.019  1433 ? r_bond_refined_d             ? ? 
'X-RAY DIFFRACTION' ? 0.002  0.020  1282 ? r_bond_other_d               ? ? 
'X-RAY DIFFRACTION' ? 1.979  1.970  1941 ? r_angle_refined_deg          ? ? 
'X-RAY DIFFRACTION' ? 1.143  3.000  2984 ? r_angle_other_deg            ? ? 
'X-RAY DIFFRACTION' ? 6.663  5.000  179  ? r_dihedral_angle_1_deg       ? ? 
'X-RAY DIFFRACTION' ? 34.690 23.898 59   ? r_dihedral_angle_2_deg       ? ? 
'X-RAY DIFFRACTION' ? 15.222 15.000 211  ? r_dihedral_angle_3_deg       ? ? 
'X-RAY DIFFRACTION' ? 11.986 15.000 6    ? r_dihedral_angle_4_deg       ? ? 
'X-RAY DIFFRACTION' ? 0.106  0.200  209  ? r_chiral_restr               ? ? 
'X-RAY DIFFRACTION' ? 0.009  0.021  1589 ? r_gen_planes_refined         ? ? 
'X-RAY DIFFRACTION' ? 0.002  0.020  285  ? r_gen_planes_other           ? ? 
'X-RAY DIFFRACTION' ? ?      ?      ?    ? r_nbd_refined                ? ? 
'X-RAY DIFFRACTION' ? ?      ?      ?    ? r_nbd_other                  ? ? 
'X-RAY DIFFRACTION' ? ?      ?      ?    ? r_nbtor_refined              ? ? 
'X-RAY DIFFRACTION' ? ?      ?      ?    ? r_nbtor_other                ? ? 
'X-RAY DIFFRACTION' ? ?      ?      ?    ? r_xyhbond_nbd_refined        ? ? 
'X-RAY DIFFRACTION' ? ?      ?      ?    ? r_xyhbond_nbd_other          ? ? 
'X-RAY DIFFRACTION' ? ?      ?      ?    ? r_metal_ion_refined          ? ? 
'X-RAY DIFFRACTION' ? ?      ?      ?    ? r_metal_ion_other            ? ? 
'X-RAY DIFFRACTION' ? ?      ?      ?    ? r_symmetry_vdw_refined       ? ? 
'X-RAY DIFFRACTION' ? ?      ?      ?    ? r_symmetry_vdw_other         ? ? 
'X-RAY DIFFRACTION' ? ?      ?      ?    ? r_symmetry_hbond_refined     ? ? 
'X-RAY DIFFRACTION' ? ?      ?      ?    ? r_symmetry_hbond_other       ? ? 
'X-RAY DIFFRACTION' ? ?      ?      ?    ? r_symmetry_metal_ion_refined ? ? 
'X-RAY DIFFRACTION' ? ?      ?      ?    ? r_symmetry_metal_ion_other   ? ? 
'X-RAY DIFFRACTION' ? 3.355  3.082  716  ? r_mcbond_it                  ? ? 
'X-RAY DIFFRACTION' ? 3.356  3.080  715  ? r_mcbond_other               ? ? 
'X-RAY DIFFRACTION' ? 5.090  4.576  889  ? r_mcangle_it                 ? ? 
'X-RAY DIFFRACTION' ? 5.088  4.579  890  ? r_mcangle_other              ? ? 
'X-RAY DIFFRACTION' ? 4.063  3.562  716  ? r_scbond_it                  ? ? 
'X-RAY DIFFRACTION' ? 4.061  3.562  716  ? r_scbond_other               ? ? 
'X-RAY DIFFRACTION' ? ?      ?      ?    ? r_scangle_it                 ? ? 
'X-RAY DIFFRACTION' ? 6.299  5.126  1051 ? r_scangle_other              ? ? 
'X-RAY DIFFRACTION' ? 8.959  37.231 1567 ? r_long_range_B_refined       ? ? 
'X-RAY DIFFRACTION' ? 8.957  37.249 1568 ? r_long_range_B_other         ? ? 
'X-RAY DIFFRACTION' ? ?      ?      ?    ? r_rigid_bond_restr           ? ? 
'X-RAY DIFFRACTION' ? ?      ?      ?    ? r_sphericity_free            ? ? 
'X-RAY DIFFRACTION' ? ?      ?      ?    ? r_sphericity_bonded          ? ? 
# 
_refine_ls_shell.pdbx_refine_id                   'X-RAY DIFFRACTION' 
_refine_ls_shell.d_res_high                       2.120 
_refine_ls_shell.d_res_low                        2.175 
_refine_ls_shell.number_reflns_all                ? 
_refine_ls_shell.number_reflns_obs                ? 
_refine_ls_shell.number_reflns_R_free             39 
_refine_ls_shell.number_reflns_R_work             744 
_refine_ls_shell.percent_reflns_obs               100.00 
_refine_ls_shell.percent_reflns_R_free            ? 
_refine_ls_shell.R_factor_all                     ? 
_refine_ls_shell.R_factor_obs                     ? 
_refine_ls_shell.R_factor_R_free                  0.256 
_refine_ls_shell.R_factor_R_free_error            ? 
_refine_ls_shell.R_factor_R_work                  0.293 
_refine_ls_shell.redundancy_reflns_all            ? 
_refine_ls_shell.redundancy_reflns_obs            ? 
_refine_ls_shell.wR_factor_all                    ? 
_refine_ls_shell.wR_factor_obs                    ? 
_refine_ls_shell.wR_factor_R_free                 ? 
_refine_ls_shell.wR_factor_R_work                 ? 
_refine_ls_shell.pdbx_total_number_of_bins_used   20 
_refine_ls_shell.pdbx_phase_error                 ? 
_refine_ls_shell.pdbx_fsc_work                    ? 
_refine_ls_shell.pdbx_fsc_free                    ? 
# 
_struct.entry_id                     6G8W 
_struct.title                        
'Crystal Structures of the Single PDZ Domains from GRASP65 and their Interaction with the Golgin GM130' 
_struct.pdbx_model_details           ? 
_struct.pdbx_formula_weight          ? 
_struct.pdbx_formula_weight_method   ? 
_struct.pdbx_model_type_details      ? 
_struct.pdbx_CASP_flag               N 
# 
_struct_keywords.entry_id        6G8W 
_struct_keywords.text            
;PDZ2 domain structure, Golgi stacking, GRASP family, Golgins, Golgi apparatus, yeast homolog of GRASP65, vesicle transport, PROTEIN BINDING
;
_struct_keywords.pdbx_keywords   'PROTEIN BINDING' 
# 
loop_
_struct_asym.id 
_struct_asym.pdbx_blank_PDB_chainid_flag 
_struct_asym.pdbx_modified 
_struct_asym.entity_id 
_struct_asym.details 
A N N 1 ? 
B N N 1 ? 
C N N 2 ? 
D N N 2 ? 
E N N 2 ? 
F N N 2 ? 
G N N 2 ? 
H N N 2 ? 
I N N 3 ? 
J N N 3 ? 
# 
_struct_ref.id                         1 
_struct_ref.db_name                    UNP 
_struct_ref.db_code                    GORS1_HUMAN 
_struct_ref.pdbx_db_accession          Q9BQQ3 
_struct_ref.pdbx_db_isoform            ? 
_struct_ref.entity_id                  1 
_struct_ref.pdbx_seq_one_letter_code   
;ASEQVWHVLDVEPSSPAALAGLRPYTDYVVGSDQILQESEDFFTLIESHEGKPLKLMVYNSKSDSCREVTVTPNAAWGGE
GSLGCGIGYGYLHRIPT
;
_struct_ref.pdbx_align_begin           108 
# 
loop_
_struct_ref_seq.align_id 
_struct_ref_seq.ref_id 
_struct_ref_seq.pdbx_PDB_id_code 
_struct_ref_seq.pdbx_strand_id 
_struct_ref_seq.seq_align_beg 
_struct_ref_seq.pdbx_seq_align_beg_ins_code 
_struct_ref_seq.seq_align_end 
_struct_ref_seq.pdbx_seq_align_end_ins_code 
_struct_ref_seq.pdbx_db_accession 
_struct_ref_seq.db_align_beg 
_struct_ref_seq.pdbx_db_align_beg_ins_code 
_struct_ref_seq.db_align_end 
_struct_ref_seq.pdbx_db_align_end_ins_code 
_struct_ref_seq.pdbx_auth_seq_align_beg 
_struct_ref_seq.pdbx_auth_seq_align_end 
1 1 6G8W A 1 ? 97 ? Q9BQQ3 108 ? 204 ? 108 204 
2 1 6G8W B 1 ? 97 ? Q9BQQ3 108 ? 204 ? 108 204 
# 
_pdbx_struct_assembly.id                   1 
_pdbx_struct_assembly.details              author_and_software_defined_assembly 
_pdbx_struct_assembly.method_details       PISA 
_pdbx_struct_assembly.oligomeric_details   dimeric 
_pdbx_struct_assembly.oligomeric_count     2 
# 
loop_
_pdbx_struct_assembly_prop.biol_id 
_pdbx_struct_assembly_prop.type 
_pdbx_struct_assembly_prop.value 
_pdbx_struct_assembly_prop.details 
1 'ABSA (A^2)' 1690  ? 
1 MORE         13    ? 
1 'SSA (A^2)'  10590 ? 
# 
_pdbx_struct_assembly_gen.assembly_id       1 
_pdbx_struct_assembly_gen.oper_expression   1 
_pdbx_struct_assembly_gen.asym_id_list      A,B,C,D,E,F,G,H,I,J 
# 
_pdbx_struct_assembly_auth_evidence.id                     1 
_pdbx_struct_assembly_auth_evidence.assembly_id            1 
_pdbx_struct_assembly_auth_evidence.experimental_support   'gel filtration' 
_pdbx_struct_assembly_auth_evidence.details                ? 
# 
_pdbx_struct_oper_list.id                   1 
_pdbx_struct_oper_list.type                 'identity operation' 
_pdbx_struct_oper_list.name                 1_555 
_pdbx_struct_oper_list.symmetry_operation   x,y,z 
_pdbx_struct_oper_list.matrix[1][1]         1.0000000000 
_pdbx_struct_oper_list.matrix[1][2]         0.0000000000 
_pdbx_struct_oper_list.matrix[1][3]         0.0000000000 
_pdbx_struct_oper_list.vector[1]            0.0000000000 
_pdbx_struct_oper_list.matrix[2][1]         0.0000000000 
_pdbx_struct_oper_list.matrix[2][2]         1.0000000000 
_pdbx_struct_oper_list.matrix[2][3]         0.0000000000 
_pdbx_struct_oper_list.vector[2]            0.0000000000 
_pdbx_struct_oper_list.matrix[3][1]         0.0000000000 
_pdbx_struct_oper_list.matrix[3][2]         0.0000000000 
_pdbx_struct_oper_list.matrix[3][3]         1.0000000000 
_pdbx_struct_oper_list.vector[3]            0.0000000000 
# 
loop_
_struct_conf.conf_type_id 
_struct_conf.id 
_struct_conf.pdbx_PDB_helix_id 
_struct_conf.beg_label_comp_id 
_struct_conf.beg_label_asym_id 
_struct_conf.beg_label_seq_id 
_struct_conf.pdbx_beg_PDB_ins_code 
_struct_conf.end_label_comp_id 
_struct_conf.end_label_asym_id 
_struct_conf.end_label_seq_id 
_struct_conf.pdbx_end_PDB_ins_code 
_struct_conf.beg_auth_comp_id 
_struct_conf.beg_auth_asym_id 
_struct_conf.beg_auth_seq_id 
_struct_conf.end_auth_comp_id 
_struct_conf.end_auth_asym_id 
_struct_conf.end_auth_seq_id 
_struct_conf.pdbx_PDB_helix_class 
_struct_conf.details 
_struct_conf.pdbx_PDB_helix_length 
HELX_P HELX_P1 AA1 SER A 15 ? ALA A 20 ? SER A 122 ALA A 127 1 ? 6 
HELX_P HELX_P2 AA2 ASP A 41 ? HIS A 49 ? ASP A 148 HIS A 156 1 ? 9 
HELX_P HELX_P3 AA3 SER B 15 ? GLY B 21 ? SER B 122 GLY B 128 1 ? 7 
HELX_P HELX_P4 AA4 PHE B 42 ? HIS B 49 ? PHE B 149 HIS B 156 1 ? 8 
# 
_struct_conf_type.id          HELX_P 
_struct_conf_type.criteria    ? 
_struct_conf_type.reference   ? 
# 
_struct_conn.id                            covale1 
_struct_conn.conn_type_id                  covale 
_struct_conn.pdbx_leaving_atom_flag        one 
_struct_conn.pdbx_PDB_id                   ? 
_struct_conn.ptnr1_label_asym_id           G 
_struct_conn.ptnr1_label_comp_id           EDO 
_struct_conn.ptnr1_label_seq_id            . 
_struct_conn.ptnr1_label_atom_id           C2 
_struct_conn.pdbx_ptnr1_label_alt_id       ? 
_struct_conn.pdbx_ptnr1_PDB_ins_code       ? 
_struct_conn.pdbx_ptnr1_standard_comp_id   ? 
_struct_conn.ptnr1_symmetry                1_555 
_struct_conn.ptnr2_label_asym_id           H 
_struct_conn.ptnr2_label_comp_id           EDO 
_struct_conn.ptnr2_label_seq_id            . 
_struct_conn.ptnr2_label_atom_id           C1 
_struct_conn.pdbx_ptnr2_label_alt_id       ? 
_struct_conn.pdbx_ptnr2_PDB_ins_code       ? 
_struct_conn.ptnr1_auth_asym_id            B 
_struct_conn.ptnr1_auth_comp_id            EDO 
_struct_conn.ptnr1_auth_seq_id             305 
_struct_conn.ptnr2_auth_asym_id            B 
_struct_conn.ptnr2_auth_comp_id            EDO 
_struct_conn.ptnr2_auth_seq_id             306 
_struct_conn.ptnr2_symmetry                1_555 
_struct_conn.pdbx_ptnr3_label_atom_id      ? 
_struct_conn.pdbx_ptnr3_label_seq_id       ? 
_struct_conn.pdbx_ptnr3_label_comp_id      ? 
_struct_conn.pdbx_ptnr3_label_asym_id      ? 
_struct_conn.pdbx_ptnr3_label_alt_id       ? 
_struct_conn.pdbx_ptnr3_PDB_ins_code       ? 
_struct_conn.details                       ? 
_struct_conn.pdbx_dist_value               1.554 
_struct_conn.pdbx_value_order              ? 
_struct_conn.pdbx_role                     ? 
# 
_struct_conn_type.id          covale 
_struct_conn_type.criteria    ? 
_struct_conn_type.reference   ? 
# 
loop_
_struct_sheet.id 
_struct_sheet.type 
_struct_sheet.number_strands 
_struct_sheet.details 
AA1 ? 5 ? 
AA2 ? 5 ? 
# 
loop_
_struct_sheet_order.sheet_id 
_struct_sheet_order.range_id_1 
_struct_sheet_order.range_id_2 
_struct_sheet_order.offset 
_struct_sheet_order.sense 
AA1 1 2 ? anti-parallel 
AA1 2 3 ? anti-parallel 
AA1 3 4 ? anti-parallel 
AA1 4 5 ? anti-parallel 
AA2 1 2 ? anti-parallel 
AA2 2 3 ? anti-parallel 
AA2 3 4 ? anti-parallel 
AA2 4 5 ? anti-parallel 
# 
loop_
_struct_sheet_range.sheet_id 
_struct_sheet_range.id 
_struct_sheet_range.beg_label_comp_id 
_struct_sheet_range.beg_label_asym_id 
_struct_sheet_range.beg_label_seq_id 
_struct_sheet_range.pdbx_beg_PDB_ins_code 
_struct_sheet_range.end_label_comp_id 
_struct_sheet_range.end_label_asym_id 
_struct_sheet_range.end_label_seq_id 
_struct_sheet_range.pdbx_end_PDB_ins_code 
_struct_sheet_range.beg_auth_comp_id 
_struct_sheet_range.beg_auth_asym_id 
_struct_sheet_range.beg_auth_seq_id 
_struct_sheet_range.end_auth_comp_id 
_struct_sheet_range.end_auth_asym_id 
_struct_sheet_range.end_auth_seq_id 
AA1 1 SER A 65 ? VAL A 71 ? SER A 172 VAL A 178 
AA1 2 LEU A 54 ? ASN A 60 ? LEU A 161 ASN A 167 
AA1 3 ASP A 27 ? SER A 32 ? ASP A 134 SER A 139 
AA1 4 TRP A 6  ? VAL A 11 ? TRP A 113 VAL A 118 
AA1 5 CYS A 85 ? TYR A 89 ? CYS A 192 TYR A 196 
AA2 1 SER B 65 ? VAL B 71 ? SER B 172 VAL B 178 
AA2 2 LEU B 54 ? ASN B 60 ? LEU B 161 ASN B 167 
AA2 3 ASP B 27 ? GLY B 31 ? ASP B 134 GLY B 138 
AA2 4 TRP B 6  ? VAL B 11 ? TRP B 113 VAL B 118 
AA2 5 CYS B 85 ? TYR B 89 ? CYS B 192 TYR B 196 
# 
loop_
_pdbx_struct_sheet_hbond.sheet_id 
_pdbx_struct_sheet_hbond.range_id_1 
_pdbx_struct_sheet_hbond.range_id_2 
_pdbx_struct_sheet_hbond.range_1_label_atom_id 
_pdbx_struct_sheet_hbond.range_1_label_comp_id 
_pdbx_struct_sheet_hbond.range_1_label_asym_id 
_pdbx_struct_sheet_hbond.range_1_label_seq_id 
_pdbx_struct_sheet_hbond.range_1_PDB_ins_code 
_pdbx_struct_sheet_hbond.range_1_auth_atom_id 
_pdbx_struct_sheet_hbond.range_1_auth_comp_id 
_pdbx_struct_sheet_hbond.range_1_auth_asym_id 
_pdbx_struct_sheet_hbond.range_1_auth_seq_id 
_pdbx_struct_sheet_hbond.range_2_label_atom_id 
_pdbx_struct_sheet_hbond.range_2_label_comp_id 
_pdbx_struct_sheet_hbond.range_2_label_asym_id 
_pdbx_struct_sheet_hbond.range_2_label_seq_id 
_pdbx_struct_sheet_hbond.range_2_PDB_ins_code 
_pdbx_struct_sheet_hbond.range_2_auth_atom_id 
_pdbx_struct_sheet_hbond.range_2_auth_comp_id 
_pdbx_struct_sheet_hbond.range_2_auth_asym_id 
_pdbx_struct_sheet_hbond.range_2_auth_seq_id 
AA1 1 2 O ARG A 67 ? O ARG A 174 N VAL A 58 ? N VAL A 165 
AA1 2 3 O MET A 57 ? O MET A 164 N GLY A 31 ? N GLY A 138 
AA1 3 4 O VAL A 29 ? O VAL A 136 N TRP A 6  ? N TRP A 113 
AA1 4 5 N HIS A 7  ? N HIS A 114 O GLY A 88 ? O GLY A 195 
AA2 1 2 O VAL B 69 ? O VAL B 176 N LEU B 56 ? N LEU B 163 
AA2 2 3 O MET B 57 ? O MET B 164 N VAL B 30 ? N VAL B 137 
AA2 3 4 O VAL B 29 ? O VAL B 136 N TRP B 6  ? N TRP B 113 
AA2 4 5 N HIS B 7  ? N HIS B 114 O GLY B 88 ? O GLY B 195 
# 
loop_
_struct_site.id 
_struct_site.pdbx_evidence_code 
_struct_site.pdbx_auth_asym_id 
_struct_site.pdbx_auth_comp_id 
_struct_site.pdbx_auth_seq_id 
_struct_site.pdbx_auth_ins_code 
_struct_site.pdbx_num_residues 
_struct_site.details 
AC1 Software B EDO 301 ? 5 'binding site for residue EDO B 301'                
AC2 Software B EDO 302 ? 6 'binding site for residue EDO B 302'                
AC3 Software B EDO 303 ? 2 'binding site for residue EDO B 303'                
AC4 Software B EDO 304 ? 4 'binding site for residue EDO B 304'                
AC5 Software B EDO 305 ? 6 'binding site for residues EDO B 305 and EDO B 306' 
# 
loop_
_struct_site_gen.id 
_struct_site_gen.site_id 
_struct_site_gen.pdbx_num_res 
_struct_site_gen.label_comp_id 
_struct_site_gen.label_asym_id 
_struct_site_gen.label_seq_id 
_struct_site_gen.pdbx_auth_ins_code 
_struct_site_gen.auth_comp_id 
_struct_site_gen.auth_asym_id 
_struct_site_gen.auth_seq_id 
_struct_site_gen.label_atom_id 
_struct_site_gen.label_alt_id 
_struct_site_gen.symmetry 
_struct_site_gen.details 
1  AC1 5 VAL A 5  ? VAL A 112 . ? 4_345 ? 
2  AC1 5 HOH J .  ? HOH B 402 . ? 1_555 ? 
3  AC1 5 HOH J .  ? HOH B 414 . ? 1_555 ? 
4  AC1 5 HOH J .  ? HOH B 440 . ? 1_555 ? 
5  AC1 5 HOH J .  ? HOH B 442 . ? 1_555 ? 
6  AC2 6 SER A 14 ? SER A 121 . ? 2_455 ? 
7  AC2 6 LYS B 55 ? LYS B 162 . ? 2_455 ? 
8  AC2 6 LYS B 62 ? LYS B 169 . ? 1_555 ? 
9  AC2 6 SER B 63 ? SER B 170 . ? 1_555 ? 
10 AC2 6 HOH J .  ? HOH B 409 . ? 1_555 ? 
11 AC2 6 HOH J .  ? HOH B 411 . ? 1_555 ? 
12 AC3 2 EDO F .  ? EDO B 304 . ? 1_555 ? 
13 AC3 2 EDO G .  ? EDO B 305 . ? 1_555 ? 
14 AC4 4 TYR A 91 ? TYR A 198 . ? 4_345 ? 
15 AC4 4 EDO E .  ? EDO B 303 . ? 1_555 ? 
16 AC4 4 EDO G .  ? EDO B 305 . ? 1_555 ? 
17 AC4 4 EDO H .  ? EDO B 306 . ? 1_555 ? 
18 AC5 6 TYR A 91 ? TYR A 198 . ? 4_345 ? 
19 AC5 6 EDO E .  ? EDO B 303 . ? 1_555 ? 
20 AC5 6 EDO F .  ? EDO B 304 . ? 1_555 ? 
21 AC5 6 HOH J .  ? HOH B 406 . ? 1_555 ? 
22 AC5 6 HOH J .  ? HOH B 410 . ? 1_555 ? 
23 AC5 6 HOH J .  ? HOH B 420 . ? 1_555 ? 
# 
loop_
_pdbx_validate_close_contact.id 
_pdbx_validate_close_contact.PDB_model_num 
_pdbx_validate_close_contact.auth_atom_id_1 
_pdbx_validate_close_contact.auth_asym_id_1 
_pdbx_validate_close_contact.auth_comp_id_1 
_pdbx_validate_close_contact.auth_seq_id_1 
_pdbx_validate_close_contact.PDB_ins_code_1 
_pdbx_validate_close_contact.label_alt_id_1 
_pdbx_validate_close_contact.auth_atom_id_2 
_pdbx_validate_close_contact.auth_asym_id_2 
_pdbx_validate_close_contact.auth_comp_id_2 
_pdbx_validate_close_contact.auth_seq_id_2 
_pdbx_validate_close_contact.PDB_ins_code_2 
_pdbx_validate_close_contact.label_alt_id_2 
_pdbx_validate_close_contact.dist 
1 1 NE2 A HIS 156 ? ? O A HOH 301 ? ? 2.08 
2 1 O   B HOH 440 ? ? O B HOH 442 ? ? 2.14 
# 
_pdbx_validate_symm_contact.id                1 
_pdbx_validate_symm_contact.PDB_model_num     1 
_pdbx_validate_symm_contact.auth_atom_id_1    OH 
_pdbx_validate_symm_contact.auth_asym_id_1    A 
_pdbx_validate_symm_contact.auth_comp_id_1    TYR 
_pdbx_validate_symm_contact.auth_seq_id_1     132 
_pdbx_validate_symm_contact.PDB_ins_code_1    ? 
_pdbx_validate_symm_contact.label_alt_id_1    ? 
_pdbx_validate_symm_contact.site_symmetry_1   1_555 
_pdbx_validate_symm_contact.auth_atom_id_2    OH 
_pdbx_validate_symm_contact.auth_asym_id_2    A 
_pdbx_validate_symm_contact.auth_comp_id_2    TYR 
_pdbx_validate_symm_contact.auth_seq_id_2     132 
_pdbx_validate_symm_contact.PDB_ins_code_2    ? 
_pdbx_validate_symm_contact.label_alt_id_2    ? 
_pdbx_validate_symm_contact.site_symmetry_2   2_455 
_pdbx_validate_symm_contact.dist              1.39 
# 
_pdbx_validate_rmsd_angle.id                         1 
_pdbx_validate_rmsd_angle.PDB_model_num              1 
_pdbx_validate_rmsd_angle.auth_atom_id_1             CB 
_pdbx_validate_rmsd_angle.auth_asym_id_1             A 
_pdbx_validate_rmsd_angle.auth_comp_id_1             ASP 
_pdbx_validate_rmsd_angle.auth_seq_id_1              140 
_pdbx_validate_rmsd_angle.PDB_ins_code_1             ? 
_pdbx_validate_rmsd_angle.label_alt_id_1             ? 
_pdbx_validate_rmsd_angle.auth_atom_id_2             CG 
_pdbx_validate_rmsd_angle.auth_asym_id_2             A 
_pdbx_validate_rmsd_angle.auth_comp_id_2             ASP 
_pdbx_validate_rmsd_angle.auth_seq_id_2              140 
_pdbx_validate_rmsd_angle.PDB_ins_code_2             ? 
_pdbx_validate_rmsd_angle.label_alt_id_2             ? 
_pdbx_validate_rmsd_angle.auth_atom_id_3             OD1 
_pdbx_validate_rmsd_angle.auth_asym_id_3             A 
_pdbx_validate_rmsd_angle.auth_comp_id_3             ASP 
_pdbx_validate_rmsd_angle.auth_seq_id_3              140 
_pdbx_validate_rmsd_angle.PDB_ins_code_3             ? 
_pdbx_validate_rmsd_angle.label_alt_id_3             ? 
_pdbx_validate_rmsd_angle.angle_value                124.47 
_pdbx_validate_rmsd_angle.angle_target_value         118.30 
_pdbx_validate_rmsd_angle.angle_deviation            6.17 
_pdbx_validate_rmsd_angle.angle_standard_deviation   0.90 
_pdbx_validate_rmsd_angle.linker_flag                N 
# 
loop_
_pdbx_validate_torsion.id 
_pdbx_validate_torsion.PDB_model_num 
_pdbx_validate_torsion.auth_comp_id 
_pdbx_validate_torsion.auth_asym_id 
_pdbx_validate_torsion.auth_seq_id 
_pdbx_validate_torsion.PDB_ins_code 
_pdbx_validate_torsion.label_alt_id 
_pdbx_validate_torsion.phi 
_pdbx_validate_torsion.psi 
1 1 GLU A 110 ? ? -97.01  54.92   
2 1 LEU A 116 ? ? -107.20 -134.21 
3 1 TYR A 132 ? ? 63.79   -15.64  
4 1 LEU B 116 ? ? -103.86 -126.68 
5 1 TYR B 132 ? ? 64.26   -15.69  
# 
loop_
_pdbx_struct_special_symmetry.id 
_pdbx_struct_special_symmetry.PDB_model_num 
_pdbx_struct_special_symmetry.auth_asym_id 
_pdbx_struct_special_symmetry.auth_comp_id 
_pdbx_struct_special_symmetry.auth_seq_id 
_pdbx_struct_special_symmetry.PDB_ins_code 
_pdbx_struct_special_symmetry.label_asym_id 
_pdbx_struct_special_symmetry.label_comp_id 
_pdbx_struct_special_symmetry.label_seq_id 
1 1 A HOH 339 ? I HOH . 
2 1 A HOH 342 ? I HOH . 
3 1 B HOH 407 ? J HOH . 
4 1 B HOH 450 ? J HOH . 
5 1 B HOH 451 ? J HOH . 
# 
loop_
_pdbx_unobs_or_zero_occ_residues.id 
_pdbx_unobs_or_zero_occ_residues.PDB_model_num 
_pdbx_unobs_or_zero_occ_residues.polymer_flag 
_pdbx_unobs_or_zero_occ_residues.occupancy_flag 
_pdbx_unobs_or_zero_occ_residues.auth_asym_id 
_pdbx_unobs_or_zero_occ_residues.auth_comp_id 
_pdbx_unobs_or_zero_occ_residues.auth_seq_id 
_pdbx_unobs_or_zero_occ_residues.PDB_ins_code 
_pdbx_unobs_or_zero_occ_residues.label_asym_id 
_pdbx_unobs_or_zero_occ_residues.label_comp_id 
_pdbx_unobs_or_zero_occ_residues.label_seq_id 
1  1 Y 1 A ALA 108 ? A ALA 1  
2  1 Y 1 A ILE 142 ? A ILE 35 
3  1 Y 1 A LEU 143 ? A LEU 36 
4  1 Y 1 A GLN 144 ? A GLN 37 
5  1 Y 1 A GLU 145 ? A GLU 38 
6  1 Y 1 B ALA 108 ? B ALA 1  
7  1 Y 1 B SER 109 ? B SER 2  
8  1 Y 1 B ASP 140 ? B ASP 33 
9  1 Y 1 B GLN 141 ? B GLN 34 
10 1 Y 1 B ILE 142 ? B ILE 35 
11 1 Y 1 B LEU 143 ? B LEU 36 
12 1 Y 1 B GLN 144 ? B GLN 37 
13 1 Y 1 B GLU 145 ? B GLU 38 
14 1 Y 1 B SER 146 ? B SER 39 
15 1 Y 1 B GLU 147 ? B GLU 40 
# 
loop_
_chem_comp_atom.comp_id 
_chem_comp_atom.atom_id 
_chem_comp_atom.type_symbol 
_chem_comp_atom.pdbx_aromatic_flag 
_chem_comp_atom.pdbx_stereo_config 
_chem_comp_atom.pdbx_ordinal 
ALA N    N N N 1   
ALA CA   C N S 2   
ALA C    C N N 3   
ALA O    O N N 4   
ALA CB   C N N 5   
ALA OXT  O N N 6   
ALA H    H N N 7   
ALA H2   H N N 8   
ALA HA   H N N 9   
ALA HB1  H N N 10  
ALA HB2  H N N 11  
ALA HB3  H N N 12  
ALA HXT  H N N 13  
ARG N    N N N 14  
ARG CA   C N S 15  
ARG C    C N N 16  
ARG O    O N N 17  
ARG CB   C N N 18  
ARG CG   C N N 19  
ARG CD   C N N 20  
ARG NE   N N N 21  
ARG CZ   C N N 22  
ARG NH1  N N N 23  
ARG NH2  N N N 24  
ARG OXT  O N N 25  
ARG H    H N N 26  
ARG H2   H N N 27  
ARG HA   H N N 28  
ARG HB2  H N N 29  
ARG HB3  H N N 30  
ARG HG2  H N N 31  
ARG HG3  H N N 32  
ARG HD2  H N N 33  
ARG HD3  H N N 34  
ARG HE   H N N 35  
ARG HH11 H N N 36  
ARG HH12 H N N 37  
ARG HH21 H N N 38  
ARG HH22 H N N 39  
ARG HXT  H N N 40  
ASN N    N N N 41  
ASN CA   C N S 42  
ASN C    C N N 43  
ASN O    O N N 44  
ASN CB   C N N 45  
ASN CG   C N N 46  
ASN OD1  O N N 47  
ASN ND2  N N N 48  
ASN OXT  O N N 49  
ASN H    H N N 50  
ASN H2   H N N 51  
ASN HA   H N N 52  
ASN HB2  H N N 53  
ASN HB3  H N N 54  
ASN HD21 H N N 55  
ASN HD22 H N N 56  
ASN HXT  H N N 57  
ASP N    N N N 58  
ASP CA   C N S 59  
ASP C    C N N 60  
ASP O    O N N 61  
ASP CB   C N N 62  
ASP CG   C N N 63  
ASP OD1  O N N 64  
ASP OD2  O N N 65  
ASP OXT  O N N 66  
ASP H    H N N 67  
ASP H2   H N N 68  
ASP HA   H N N 69  
ASP HB2  H N N 70  
ASP HB3  H N N 71  
ASP HD2  H N N 72  
ASP HXT  H N N 73  
CYS N    N N N 74  
CYS CA   C N R 75  
CYS C    C N N 76  
CYS O    O N N 77  
CYS CB   C N N 78  
CYS SG   S N N 79  
CYS OXT  O N N 80  
CYS H    H N N 81  
CYS H2   H N N 82  
CYS HA   H N N 83  
CYS HB2  H N N 84  
CYS HB3  H N N 85  
CYS HG   H N N 86  
CYS HXT  H N N 87  
EDO C1   C N N 88  
EDO O1   O N N 89  
EDO C2   C N N 90  
EDO O2   O N N 91  
EDO H11  H N N 92  
EDO H12  H N N 93  
EDO HO1  H N N 94  
EDO H21  H N N 95  
EDO H22  H N N 96  
EDO HO2  H N N 97  
GLN N    N N N 98  
GLN CA   C N S 99  
GLN C    C N N 100 
GLN O    O N N 101 
GLN CB   C N N 102 
GLN CG   C N N 103 
GLN CD   C N N 104 
GLN OE1  O N N 105 
GLN NE2  N N N 106 
GLN OXT  O N N 107 
GLN H    H N N 108 
GLN H2   H N N 109 
GLN HA   H N N 110 
GLN HB2  H N N 111 
GLN HB3  H N N 112 
GLN HG2  H N N 113 
GLN HG3  H N N 114 
GLN HE21 H N N 115 
GLN HE22 H N N 116 
GLN HXT  H N N 117 
GLU N    N N N 118 
GLU CA   C N S 119 
GLU C    C N N 120 
GLU O    O N N 121 
GLU CB   C N N 122 
GLU CG   C N N 123 
GLU CD   C N N 124 
GLU OE1  O N N 125 
GLU OE2  O N N 126 
GLU OXT  O N N 127 
GLU H    H N N 128 
GLU H2   H N N 129 
GLU HA   H N N 130 
GLU HB2  H N N 131 
GLU HB3  H N N 132 
GLU HG2  H N N 133 
GLU HG3  H N N 134 
GLU HE2  H N N 135 
GLU HXT  H N N 136 
GLY N    N N N 137 
GLY CA   C N N 138 
GLY C    C N N 139 
GLY O    O N N 140 
GLY OXT  O N N 141 
GLY H    H N N 142 
GLY H2   H N N 143 
GLY HA2  H N N 144 
GLY HA3  H N N 145 
GLY HXT  H N N 146 
HIS N    N N N 147 
HIS CA   C N S 148 
HIS C    C N N 149 
HIS O    O N N 150 
HIS CB   C N N 151 
HIS CG   C Y N 152 
HIS ND1  N Y N 153 
HIS CD2  C Y N 154 
HIS CE1  C Y N 155 
HIS NE2  N Y N 156 
HIS OXT  O N N 157 
HIS H    H N N 158 
HIS H2   H N N 159 
HIS HA   H N N 160 
HIS HB2  H N N 161 
HIS HB3  H N N 162 
HIS HD1  H N N 163 
HIS HD2  H N N 164 
HIS HE1  H N N 165 
HIS HE2  H N N 166 
HIS HXT  H N N 167 
HOH O    O N N 168 
HOH H1   H N N 169 
HOH H2   H N N 170 
ILE N    N N N 171 
ILE CA   C N S 172 
ILE C    C N N 173 
ILE O    O N N 174 
ILE CB   C N S 175 
ILE CG1  C N N 176 
ILE CG2  C N N 177 
ILE CD1  C N N 178 
ILE OXT  O N N 179 
ILE H    H N N 180 
ILE H2   H N N 181 
ILE HA   H N N 182 
ILE HB   H N N 183 
ILE HG12 H N N 184 
ILE HG13 H N N 185 
ILE HG21 H N N 186 
ILE HG22 H N N 187 
ILE HG23 H N N 188 
ILE HD11 H N N 189 
ILE HD12 H N N 190 
ILE HD13 H N N 191 
ILE HXT  H N N 192 
LEU N    N N N 193 
LEU CA   C N S 194 
LEU C    C N N 195 
LEU O    O N N 196 
LEU CB   C N N 197 
LEU CG   C N N 198 
LEU CD1  C N N 199 
LEU CD2  C N N 200 
LEU OXT  O N N 201 
LEU H    H N N 202 
LEU H2   H N N 203 
LEU HA   H N N 204 
LEU HB2  H N N 205 
LEU HB3  H N N 206 
LEU HG   H N N 207 
LEU HD11 H N N 208 
LEU HD12 H N N 209 
LEU HD13 H N N 210 
LEU HD21 H N N 211 
LEU HD22 H N N 212 
LEU HD23 H N N 213 
LEU HXT  H N N 214 
LYS N    N N N 215 
LYS CA   C N S 216 
LYS C    C N N 217 
LYS O    O N N 218 
LYS CB   C N N 219 
LYS CG   C N N 220 
LYS CD   C N N 221 
LYS CE   C N N 222 
LYS NZ   N N N 223 
LYS OXT  O N N 224 
LYS H    H N N 225 
LYS H2   H N N 226 
LYS HA   H N N 227 
LYS HB2  H N N 228 
LYS HB3  H N N 229 
LYS HG2  H N N 230 
LYS HG3  H N N 231 
LYS HD2  H N N 232 
LYS HD3  H N N 233 
LYS HE2  H N N 234 
LYS HE3  H N N 235 
LYS HZ1  H N N 236 
LYS HZ2  H N N 237 
LYS HZ3  H N N 238 
LYS HXT  H N N 239 
MET N    N N N 240 
MET CA   C N S 241 
MET C    C N N 242 
MET O    O N N 243 
MET CB   C N N 244 
MET CG   C N N 245 
MET SD   S N N 246 
MET CE   C N N 247 
MET OXT  O N N 248 
MET H    H N N 249 
MET H2   H N N 250 
MET HA   H N N 251 
MET HB2  H N N 252 
MET HB3  H N N 253 
MET HG2  H N N 254 
MET HG3  H N N 255 
MET HE1  H N N 256 
MET HE2  H N N 257 
MET HE3  H N N 258 
MET HXT  H N N 259 
PHE N    N N N 260 
PHE CA   C N S 261 
PHE C    C N N 262 
PHE O    O N N 263 
PHE CB   C N N 264 
PHE CG   C Y N 265 
PHE CD1  C Y N 266 
PHE CD2  C Y N 267 
PHE CE1  C Y N 268 
PHE CE2  C Y N 269 
PHE CZ   C Y N 270 
PHE OXT  O N N 271 
PHE H    H N N 272 
PHE H2   H N N 273 
PHE HA   H N N 274 
PHE HB2  H N N 275 
PHE HB3  H N N 276 
PHE HD1  H N N 277 
PHE HD2  H N N 278 
PHE HE1  H N N 279 
PHE HE2  H N N 280 
PHE HZ   H N N 281 
PHE HXT  H N N 282 
PRO N    N N N 283 
PRO CA   C N S 284 
PRO C    C N N 285 
PRO O    O N N 286 
PRO CB   C N N 287 
PRO CG   C N N 288 
PRO CD   C N N 289 
PRO OXT  O N N 290 
PRO H    H N N 291 
PRO HA   H N N 292 
PRO HB2  H N N 293 
PRO HB3  H N N 294 
PRO HG2  H N N 295 
PRO HG3  H N N 296 
PRO HD2  H N N 297 
PRO HD3  H N N 298 
PRO HXT  H N N 299 
SER N    N N N 300 
SER CA   C N S 301 
SER C    C N N 302 
SER O    O N N 303 
SER CB   C N N 304 
SER OG   O N N 305 
SER OXT  O N N 306 
SER H    H N N 307 
SER H2   H N N 308 
SER HA   H N N 309 
SER HB2  H N N 310 
SER HB3  H N N 311 
SER HG   H N N 312 
SER HXT  H N N 313 
THR N    N N N 314 
THR CA   C N S 315 
THR C    C N N 316 
THR O    O N N 317 
THR CB   C N R 318 
THR OG1  O N N 319 
THR CG2  C N N 320 
THR OXT  O N N 321 
THR H    H N N 322 
THR H2   H N N 323 
THR HA   H N N 324 
THR HB   H N N 325 
THR HG1  H N N 326 
THR HG21 H N N 327 
THR HG22 H N N 328 
THR HG23 H N N 329 
THR HXT  H N N 330 
TRP N    N N N 331 
TRP CA   C N S 332 
TRP C    C N N 333 
TRP O    O N N 334 
TRP CB   C N N 335 
TRP CG   C Y N 336 
TRP CD1  C Y N 337 
TRP CD2  C Y N 338 
TRP NE1  N Y N 339 
TRP CE2  C Y N 340 
TRP CE3  C Y N 341 
TRP CZ2  C Y N 342 
TRP CZ3  C Y N 343 
TRP CH2  C Y N 344 
TRP OXT  O N N 345 
TRP H    H N N 346 
TRP H2   H N N 347 
TRP HA   H N N 348 
TRP HB2  H N N 349 
TRP HB3  H N N 350 
TRP HD1  H N N 351 
TRP HE1  H N N 352 
TRP HE3  H N N 353 
TRP HZ2  H N N 354 
TRP HZ3  H N N 355 
TRP HH2  H N N 356 
TRP HXT  H N N 357 
TYR N    N N N 358 
TYR CA   C N S 359 
TYR C    C N N 360 
TYR O    O N N 361 
TYR CB   C N N 362 
TYR CG   C Y N 363 
TYR CD1  C Y N 364 
TYR CD2  C Y N 365 
TYR CE1  C Y N 366 
TYR CE2  C Y N 367 
TYR CZ   C Y N 368 
TYR OH   O N N 369 
TYR OXT  O N N 370 
TYR H    H N N 371 
TYR H2   H N N 372 
TYR HA   H N N 373 
TYR HB2  H N N 374 
TYR HB3  H N N 375 
TYR HD1  H N N 376 
TYR HD2  H N N 377 
TYR HE1  H N N 378 
TYR HE2  H N N 379 
TYR HH   H N N 380 
TYR HXT  H N N 381 
VAL N    N N N 382 
VAL CA   C N S 383 
VAL C    C N N 384 
VAL O    O N N 385 
VAL CB   C N N 386 
VAL CG1  C N N 387 
VAL CG2  C N N 388 
VAL OXT  O N N 389 
VAL H    H N N 390 
VAL H2   H N N 391 
VAL HA   H N N 392 
VAL HB   H N N 393 
VAL HG11 H N N 394 
VAL HG12 H N N 395 
VAL HG13 H N N 396 
VAL HG21 H N N 397 
VAL HG22 H N N 398 
VAL HG23 H N N 399 
VAL HXT  H N N 400 
# 
loop_
_chem_comp_bond.comp_id 
_chem_comp_bond.atom_id_1 
_chem_comp_bond.atom_id_2 
_chem_comp_bond.value_order 
_chem_comp_bond.pdbx_aromatic_flag 
_chem_comp_bond.pdbx_stereo_config 
_chem_comp_bond.pdbx_ordinal 
ALA N   CA   sing N N 1   
ALA N   H    sing N N 2   
ALA N   H2   sing N N 3   
ALA CA  C    sing N N 4   
ALA CA  CB   sing N N 5   
ALA CA  HA   sing N N 6   
ALA C   O    doub N N 7   
ALA C   OXT  sing N N 8   
ALA CB  HB1  sing N N 9   
ALA CB  HB2  sing N N 10  
ALA CB  HB3  sing N N 11  
ALA OXT HXT  sing N N 12  
ARG N   CA   sing N N 13  
ARG N   H    sing N N 14  
ARG N   H2   sing N N 15  
ARG CA  C    sing N N 16  
ARG CA  CB   sing N N 17  
ARG CA  HA   sing N N 18  
ARG C   O    doub N N 19  
ARG C   OXT  sing N N 20  
ARG CB  CG   sing N N 21  
ARG CB  HB2  sing N N 22  
ARG CB  HB3  sing N N 23  
ARG CG  CD   sing N N 24  
ARG CG  HG2  sing N N 25  
ARG CG  HG3  sing N N 26  
ARG CD  NE   sing N N 27  
ARG CD  HD2  sing N N 28  
ARG CD  HD3  sing N N 29  
ARG NE  CZ   sing N N 30  
ARG NE  HE   sing N N 31  
ARG CZ  NH1  sing N N 32  
ARG CZ  NH2  doub N N 33  
ARG NH1 HH11 sing N N 34  
ARG NH1 HH12 sing N N 35  
ARG NH2 HH21 sing N N 36  
ARG NH2 HH22 sing N N 37  
ARG OXT HXT  sing N N 38  
ASN N   CA   sing N N 39  
ASN N   H    sing N N 40  
ASN N   H2   sing N N 41  
ASN CA  C    sing N N 42  
ASN CA  CB   sing N N 43  
ASN CA  HA   sing N N 44  
ASN C   O    doub N N 45  
ASN C   OXT  sing N N 46  
ASN CB  CG   sing N N 47  
ASN CB  HB2  sing N N 48  
ASN CB  HB3  sing N N 49  
ASN CG  OD1  doub N N 50  
ASN CG  ND2  sing N N 51  
ASN ND2 HD21 sing N N 52  
ASN ND2 HD22 sing N N 53  
ASN OXT HXT  sing N N 54  
ASP N   CA   sing N N 55  
ASP N   H    sing N N 56  
ASP N   H2   sing N N 57  
ASP CA  C    sing N N 58  
ASP CA  CB   sing N N 59  
ASP CA  HA   sing N N 60  
ASP C   O    doub N N 61  
ASP C   OXT  sing N N 62  
ASP CB  CG   sing N N 63  
ASP CB  HB2  sing N N 64  
ASP CB  HB3  sing N N 65  
ASP CG  OD1  doub N N 66  
ASP CG  OD2  sing N N 67  
ASP OD2 HD2  sing N N 68  
ASP OXT HXT  sing N N 69  
CYS N   CA   sing N N 70  
CYS N   H    sing N N 71  
CYS N   H2   sing N N 72  
CYS CA  C    sing N N 73  
CYS CA  CB   sing N N 74  
CYS CA  HA   sing N N 75  
CYS C   O    doub N N 76  
CYS C   OXT  sing N N 77  
CYS CB  SG   sing N N 78  
CYS CB  HB2  sing N N 79  
CYS CB  HB3  sing N N 80  
CYS SG  HG   sing N N 81  
CYS OXT HXT  sing N N 82  
EDO C1  O1   sing N N 83  
EDO C1  C2   sing N N 84  
EDO C1  H11  sing N N 85  
EDO C1  H12  sing N N 86  
EDO O1  HO1  sing N N 87  
EDO C2  O2   sing N N 88  
EDO C2  H21  sing N N 89  
EDO C2  H22  sing N N 90  
EDO O2  HO2  sing N N 91  
GLN N   CA   sing N N 92  
GLN N   H    sing N N 93  
GLN N   H2   sing N N 94  
GLN CA  C    sing N N 95  
GLN CA  CB   sing N N 96  
GLN CA  HA   sing N N 97  
GLN C   O    doub N N 98  
GLN C   OXT  sing N N 99  
GLN CB  CG   sing N N 100 
GLN CB  HB2  sing N N 101 
GLN CB  HB3  sing N N 102 
GLN CG  CD   sing N N 103 
GLN CG  HG2  sing N N 104 
GLN CG  HG3  sing N N 105 
GLN CD  OE1  doub N N 106 
GLN CD  NE2  sing N N 107 
GLN NE2 HE21 sing N N 108 
GLN NE2 HE22 sing N N 109 
GLN OXT HXT  sing N N 110 
GLU N   CA   sing N N 111 
GLU N   H    sing N N 112 
GLU N   H2   sing N N 113 
GLU CA  C    sing N N 114 
GLU CA  CB   sing N N 115 
GLU CA  HA   sing N N 116 
GLU C   O    doub N N 117 
GLU C   OXT  sing N N 118 
GLU CB  CG   sing N N 119 
GLU CB  HB2  sing N N 120 
GLU CB  HB3  sing N N 121 
GLU CG  CD   sing N N 122 
GLU CG  HG2  sing N N 123 
GLU CG  HG3  sing N N 124 
GLU CD  OE1  doub N N 125 
GLU CD  OE2  sing N N 126 
GLU OE2 HE2  sing N N 127 
GLU OXT HXT  sing N N 128 
GLY N   CA   sing N N 129 
GLY N   H    sing N N 130 
GLY N   H2   sing N N 131 
GLY CA  C    sing N N 132 
GLY CA  HA2  sing N N 133 
GLY CA  HA3  sing N N 134 
GLY C   O    doub N N 135 
GLY C   OXT  sing N N 136 
GLY OXT HXT  sing N N 137 
HIS N   CA   sing N N 138 
HIS N   H    sing N N 139 
HIS N   H2   sing N N 140 
HIS CA  C    sing N N 141 
HIS CA  CB   sing N N 142 
HIS CA  HA   sing N N 143 
HIS C   O    doub N N 144 
HIS C   OXT  sing N N 145 
HIS CB  CG   sing N N 146 
HIS CB  HB2  sing N N 147 
HIS CB  HB3  sing N N 148 
HIS CG  ND1  sing Y N 149 
HIS CG  CD2  doub Y N 150 
HIS ND1 CE1  doub Y N 151 
HIS ND1 HD1  sing N N 152 
HIS CD2 NE2  sing Y N 153 
HIS CD2 HD2  sing N N 154 
HIS CE1 NE2  sing Y N 155 
HIS CE1 HE1  sing N N 156 
HIS NE2 HE2  sing N N 157 
HIS OXT HXT  sing N N 158 
HOH O   H1   sing N N 159 
HOH O   H2   sing N N 160 
ILE N   CA   sing N N 161 
ILE N   H    sing N N 162 
ILE N   H2   sing N N 163 
ILE CA  C    sing N N 164 
ILE CA  CB   sing N N 165 
ILE CA  HA   sing N N 166 
ILE C   O    doub N N 167 
ILE C   OXT  sing N N 168 
ILE CB  CG1  sing N N 169 
ILE CB  CG2  sing N N 170 
ILE CB  HB   sing N N 171 
ILE CG1 CD1  sing N N 172 
ILE CG1 HG12 sing N N 173 
ILE CG1 HG13 sing N N 174 
ILE CG2 HG21 sing N N 175 
ILE CG2 HG22 sing N N 176 
ILE CG2 HG23 sing N N 177 
ILE CD1 HD11 sing N N 178 
ILE CD1 HD12 sing N N 179 
ILE CD1 HD13 sing N N 180 
ILE OXT HXT  sing N N 181 
LEU N   CA   sing N N 182 
LEU N   H    sing N N 183 
LEU N   H2   sing N N 184 
LEU CA  C    sing N N 185 
LEU CA  CB   sing N N 186 
LEU CA  HA   sing N N 187 
LEU C   O    doub N N 188 
LEU C   OXT  sing N N 189 
LEU CB  CG   sing N N 190 
LEU CB  HB2  sing N N 191 
LEU CB  HB3  sing N N 192 
LEU CG  CD1  sing N N 193 
LEU CG  CD2  sing N N 194 
LEU CG  HG   sing N N 195 
LEU CD1 HD11 sing N N 196 
LEU CD1 HD12 sing N N 197 
LEU CD1 HD13 sing N N 198 
LEU CD2 HD21 sing N N 199 
LEU CD2 HD22 sing N N 200 
LEU CD2 HD23 sing N N 201 
LEU OXT HXT  sing N N 202 
LYS N   CA   sing N N 203 
LYS N   H    sing N N 204 
LYS N   H2   sing N N 205 
LYS CA  C    sing N N 206 
LYS CA  CB   sing N N 207 
LYS CA  HA   sing N N 208 
LYS C   O    doub N N 209 
LYS C   OXT  sing N N 210 
LYS CB  CG   sing N N 211 
LYS CB  HB2  sing N N 212 
LYS CB  HB3  sing N N 213 
LYS CG  CD   sing N N 214 
LYS CG  HG2  sing N N 215 
LYS CG  HG3  sing N N 216 
LYS CD  CE   sing N N 217 
LYS CD  HD2  sing N N 218 
LYS CD  HD3  sing N N 219 
LYS CE  NZ   sing N N 220 
LYS CE  HE2  sing N N 221 
LYS CE  HE3  sing N N 222 
LYS NZ  HZ1  sing N N 223 
LYS NZ  HZ2  sing N N 224 
LYS NZ  HZ3  sing N N 225 
LYS OXT HXT  sing N N 226 
MET N   CA   sing N N 227 
MET N   H    sing N N 228 
MET N   H2   sing N N 229 
MET CA  C    sing N N 230 
MET CA  CB   sing N N 231 
MET CA  HA   sing N N 232 
MET C   O    doub N N 233 
MET C   OXT  sing N N 234 
MET CB  CG   sing N N 235 
MET CB  HB2  sing N N 236 
MET CB  HB3  sing N N 237 
MET CG  SD   sing N N 238 
MET CG  HG2  sing N N 239 
MET CG  HG3  sing N N 240 
MET SD  CE   sing N N 241 
MET CE  HE1  sing N N 242 
MET CE  HE2  sing N N 243 
MET CE  HE3  sing N N 244 
MET OXT HXT  sing N N 245 
PHE N   CA   sing N N 246 
PHE N   H    sing N N 247 
PHE N   H2   sing N N 248 
PHE CA  C    sing N N 249 
PHE CA  CB   sing N N 250 
PHE CA  HA   sing N N 251 
PHE C   O    doub N N 252 
PHE C   OXT  sing N N 253 
PHE CB  CG   sing N N 254 
PHE CB  HB2  sing N N 255 
PHE CB  HB3  sing N N 256 
PHE CG  CD1  doub Y N 257 
PHE CG  CD2  sing Y N 258 
PHE CD1 CE1  sing Y N 259 
PHE CD1 HD1  sing N N 260 
PHE CD2 CE2  doub Y N 261 
PHE CD2 HD2  sing N N 262 
PHE CE1 CZ   doub Y N 263 
PHE CE1 HE1  sing N N 264 
PHE CE2 CZ   sing Y N 265 
PHE CE2 HE2  sing N N 266 
PHE CZ  HZ   sing N N 267 
PHE OXT HXT  sing N N 268 
PRO N   CA   sing N N 269 
PRO N   CD   sing N N 270 
PRO N   H    sing N N 271 
PRO CA  C    sing N N 272 
PRO CA  CB   sing N N 273 
PRO CA  HA   sing N N 274 
PRO C   O    doub N N 275 
PRO C   OXT  sing N N 276 
PRO CB  CG   sing N N 277 
PRO CB  HB2  sing N N 278 
PRO CB  HB3  sing N N 279 
PRO CG  CD   sing N N 280 
PRO CG  HG2  sing N N 281 
PRO CG  HG3  sing N N 282 
PRO CD  HD2  sing N N 283 
PRO CD  HD3  sing N N 284 
PRO OXT HXT  sing N N 285 
SER N   CA   sing N N 286 
SER N   H    sing N N 287 
SER N   H2   sing N N 288 
SER CA  C    sing N N 289 
SER CA  CB   sing N N 290 
SER CA  HA   sing N N 291 
SER C   O    doub N N 292 
SER C   OXT  sing N N 293 
SER CB  OG   sing N N 294 
SER CB  HB2  sing N N 295 
SER CB  HB3  sing N N 296 
SER OG  HG   sing N N 297 
SER OXT HXT  sing N N 298 
THR N   CA   sing N N 299 
THR N   H    sing N N 300 
THR N   H2   sing N N 301 
THR CA  C    sing N N 302 
THR CA  CB   sing N N 303 
THR CA  HA   sing N N 304 
THR C   O    doub N N 305 
THR C   OXT  sing N N 306 
THR CB  OG1  sing N N 307 
THR CB  CG2  sing N N 308 
THR CB  HB   sing N N 309 
THR OG1 HG1  sing N N 310 
THR CG2 HG21 sing N N 311 
THR CG2 HG22 sing N N 312 
THR CG2 HG23 sing N N 313 
THR OXT HXT  sing N N 314 
TRP N   CA   sing N N 315 
TRP N   H    sing N N 316 
TRP N   H2   sing N N 317 
TRP CA  C    sing N N 318 
TRP CA  CB   sing N N 319 
TRP CA  HA   sing N N 320 
TRP C   O    doub N N 321 
TRP C   OXT  sing N N 322 
TRP CB  CG   sing N N 323 
TRP CB  HB2  sing N N 324 
TRP CB  HB3  sing N N 325 
TRP CG  CD1  doub Y N 326 
TRP CG  CD2  sing Y N 327 
TRP CD1 NE1  sing Y N 328 
TRP CD1 HD1  sing N N 329 
TRP CD2 CE2  doub Y N 330 
TRP CD2 CE3  sing Y N 331 
TRP NE1 CE2  sing Y N 332 
TRP NE1 HE1  sing N N 333 
TRP CE2 CZ2  sing Y N 334 
TRP CE3 CZ3  doub Y N 335 
TRP CE3 HE3  sing N N 336 
TRP CZ2 CH2  doub Y N 337 
TRP CZ2 HZ2  sing N N 338 
TRP CZ3 CH2  sing Y N 339 
TRP CZ3 HZ3  sing N N 340 
TRP CH2 HH2  sing N N 341 
TRP OXT HXT  sing N N 342 
TYR N   CA   sing N N 343 
TYR N   H    sing N N 344 
TYR N   H2   sing N N 345 
TYR CA  C    sing N N 346 
TYR CA  CB   sing N N 347 
TYR CA  HA   sing N N 348 
TYR C   O    doub N N 349 
TYR C   OXT  sing N N 350 
TYR CB  CG   sing N N 351 
TYR CB  HB2  sing N N 352 
TYR CB  HB3  sing N N 353 
TYR CG  CD1  doub Y N 354 
TYR CG  CD2  sing Y N 355 
TYR CD1 CE1  sing Y N 356 
TYR CD1 HD1  sing N N 357 
TYR CD2 CE2  doub Y N 358 
TYR CD2 HD2  sing N N 359 
TYR CE1 CZ   doub Y N 360 
TYR CE1 HE1  sing N N 361 
TYR CE2 CZ   sing Y N 362 
TYR CE2 HE2  sing N N 363 
TYR CZ  OH   sing N N 364 
TYR OH  HH   sing N N 365 
TYR OXT HXT  sing N N 366 
VAL N   CA   sing N N 367 
VAL N   H    sing N N 368 
VAL N   H2   sing N N 369 
VAL CA  C    sing N N 370 
VAL CA  CB   sing N N 371 
VAL CA  HA   sing N N 372 
VAL C   O    doub N N 373 
VAL C   OXT  sing N N 374 
VAL CB  CG1  sing N N 375 
VAL CB  CG2  sing N N 376 
VAL CB  HB   sing N N 377 
VAL CG1 HG11 sing N N 378 
VAL CG1 HG12 sing N N 379 
VAL CG1 HG13 sing N N 380 
VAL CG2 HG21 sing N N 381 
VAL CG2 HG22 sing N N 382 
VAL CG2 HG23 sing N N 383 
VAL OXT HXT  sing N N 384 
# 
_pdbx_initial_refinement_model.id               1 
_pdbx_initial_refinement_model.entity_id_list   ? 
_pdbx_initial_refinement_model.type             'experimental model' 
_pdbx_initial_refinement_model.source_name      PDB 
_pdbx_initial_refinement_model.accession_code   3RLE 
_pdbx_initial_refinement_model.details          ? 
# 
_atom_sites.entry_id                    6G8W 
_atom_sites.fract_transf_matrix[1][1]   -0.01546533 
_atom_sites.fract_transf_matrix[1][2]   -0.00802835 
_atom_sites.fract_transf_matrix[1][3]   -0.01180785 
_atom_sites.fract_transf_matrix[2][1]   -0.00776565 
_atom_sites.fract_transf_matrix[2][2]   0.00798285 
_atom_sites.fract_transf_matrix[2][3]   0.00474339 
_atom_sites.fract_transf_matrix[3][1]   -0.00119558 
_atom_sites.fract_transf_matrix[3][2]   0.01021511 
_atom_sites.fract_transf_matrix[3][3]   -0.01914878 
_atom_sites.fract_transf_vector[1]      -0.561424 
_atom_sites.fract_transf_vector[2]      -0.074549 
_atom_sites.fract_transf_vector[3]      0.207105 
# 
loop_
_atom_type.symbol 
C 
N 
O 
S 
# 
loop_
_atom_site.group_PDB 
_atom_site.id 
_atom_site.type_symbol 
_atom_site.label_atom_id 
_atom_site.label_alt_id 
_atom_site.label_comp_id 
_atom_site.label_asym_id 
_atom_site.label_entity_id 
_atom_site.label_seq_id 
_atom_site.pdbx_PDB_ins_code 
_atom_site.Cartn_x 
_atom_site.Cartn_y 
_atom_site.Cartn_z 
_atom_site.occupancy 
_atom_site.B_iso_or_equiv 
_atom_site.pdbx_formal_charge 
_atom_site.auth_seq_id 
_atom_site.auth_comp_id 
_atom_site.auth_asym_id 
_atom_site.auth_atom_id 
_atom_site.pdbx_PDB_model_num 
ATOM   1    N N   . SER A 1 2  ? -22.903 15.313  -0.443  1.00 87.08 ? 109 SER A N   1 
ATOM   2    C CA  . SER A 1 2  ? -22.089 15.182  -1.700  1.00 90.34 ? 109 SER A CA  1 
ATOM   3    C C   . SER A 1 2  ? -20.547 15.335  -1.551  1.00 93.09 ? 109 SER A C   1 
ATOM   4    O O   . SER A 1 2  ? -19.797 14.956  -2.468  1.00 90.15 ? 109 SER A O   1 
ATOM   5    C CB  . SER A 1 2  ? -22.630 16.147  -2.763  1.00 87.52 ? 109 SER A CB  1 
ATOM   6    O OG  . SER A 1 2  ? -23.961 15.783  -3.094  1.00 81.60 ? 109 SER A OG  1 
ATOM   7    N N   . GLU A 1 3  ? -20.087 15.874  -0.414  1.00 90.52 ? 110 GLU A N   1 
ATOM   8    C CA  . GLU A 1 3  ? -18.658 15.839  -0.013  1.00 86.16 ? 110 GLU A CA  1 
ATOM   9    C C   . GLU A 1 3  ? -18.398 14.651  0.975   1.00 74.98 ? 110 GLU A C   1 
ATOM   10   O O   . GLU A 1 3  ? -17.865 14.805  2.089   1.00 61.43 ? 110 GLU A O   1 
ATOM   11   C CB  . GLU A 1 3  ? -18.183 17.212  0.530   1.00 91.19 ? 110 GLU A CB  1 
ATOM   12   C CG  . GLU A 1 3  ? -19.003 17.817  1.677   1.00 93.70 ? 110 GLU A CG  1 
ATOM   13   C CD  . GLU A 1 3  ? -18.310 18.984  2.370   1.00 92.71 ? 110 GLU A CD  1 
ATOM   14   O OE1 . GLU A 1 3  ? -17.382 19.582  1.789   1.00 88.35 ? 110 GLU A OE1 1 
ATOM   15   O OE2 . GLU A 1 3  ? -18.699 19.314  3.506   1.00 90.46 ? 110 GLU A OE2 1 
ATOM   16   N N   . GLN A 1 4  ? -18.780 13.460  0.515   1.00 65.72 ? 111 GLN A N   1 
ATOM   17   C CA  . GLN A 1 4  ? -18.670 12.228  1.277   1.00 56.86 ? 111 GLN A CA  1 
ATOM   18   C C   . GLN A 1 4  ? -17.209 11.717  1.259   1.00 47.20 ? 111 GLN A C   1 
ATOM   19   O O   . GLN A 1 4  ? -16.521 11.870  0.289   1.00 44.63 ? 111 GLN A O   1 
ATOM   20   C CB  . GLN A 1 4  ? -19.580 11.183  0.647   1.00 62.18 ? 111 GLN A CB  1 
ATOM   21   C CG  . GLN A 1 4  ? -21.056 11.578  0.525   1.00 65.35 ? 111 GLN A CG  1 
ATOM   22   C CD  . GLN A 1 4  ? -21.894 10.441  -0.060  1.00 65.35 ? 111 GLN A CD  1 
ATOM   23   O OE1 . GLN A 1 4  ? -21.615 9.913   -1.148  1.00 73.12 ? 111 GLN A OE1 1 
ATOM   24   N NE2 . GLN A 1 4  ? -22.920 10.052  0.667   1.00 69.98 ? 111 GLN A NE2 1 
ATOM   25   N N   . VAL A 1 5  ? -16.745 11.127  2.349   1.00 38.23 ? 112 VAL A N   1 
ATOM   26   C CA  . VAL A 1 5  ? -15.397 10.584  2.456   1.00 33.12 ? 112 VAL A CA  1 
ATOM   27   C C   . VAL A 1 5  ? -15.522 9.096   2.880   1.00 28.91 ? 112 VAL A C   1 
ATOM   28   O O   . VAL A 1 5  ? -16.345 8.732   3.729   1.00 29.92 ? 112 VAL A O   1 
ATOM   29   C CB  . VAL A 1 5  ? -14.577 11.459  3.452   1.00 36.69 ? 112 VAL A CB  1 
ATOM   30   C CG1 . VAL A 1 5  ? -13.160 10.966  3.592   1.00 36.94 ? 112 VAL A CG1 1 
ATOM   31   C CG2 . VAL A 1 5  ? -14.536 12.900  2.987   1.00 37.29 ? 112 VAL A CG2 1 
ATOM   32   N N   . TRP A 1 6  ? -14.767 8.203   2.269   1.00 25.37 ? 113 TRP A N   1 
ATOM   33   C CA  . TRP A 1 6  ? -14.920 6.766   2.567   1.00 22.03 ? 113 TRP A CA  1 
ATOM   34   C C   . TRP A 1 6  ? -13.577 6.327   3.104   1.00 20.34 ? 113 TRP A C   1 
ATOM   35   O O   . TRP A 1 6  ? -12.605 6.340   2.366   1.00 21.45 ? 113 TRP A O   1 
ATOM   36   C CB  . TRP A 1 6  ? -15.310 5.985   1.311   1.00 24.11 ? 113 TRP A CB  1 
ATOM   37   C CG  . TRP A 1 6  ? -16.635 6.348   0.819   1.00 25.51 ? 113 TRP A CG  1 
ATOM   38   C CD1 . TRP A 1 6  ? -16.935 7.250   -0.160  1.00 28.61 ? 113 TRP A CD1 1 
ATOM   39   C CD2 . TRP A 1 6  ? -17.871 5.917   1.364   1.00 26.52 ? 113 TRP A CD2 1 
ATOM   40   N NE1 . TRP A 1 6  ? -18.299 7.414   -0.254  1.00 31.16 ? 113 TRP A NE1 1 
ATOM   41   C CE2 . TRP A 1 6  ? -18.902 6.581   0.647   1.00 29.51 ? 113 TRP A CE2 1 
ATOM   42   C CE3 . TRP A 1 6  ? -18.210 5.066   2.423   1.00 28.70 ? 113 TRP A CE3 1 
ATOM   43   C CZ2 . TRP A 1 6  ? -20.300 6.395   0.933   1.00 35.63 ? 113 TRP A CZ2 1 
ATOM   44   C CZ3 . TRP A 1 6  ? -19.606 4.846   2.725   1.00 35.87 ? 113 TRP A CZ3 1 
ATOM   45   C CH2 . TRP A 1 6  ? -20.633 5.519   1.967   1.00 36.64 ? 113 TRP A CH2 1 
ATOM   46   N N   . HIS A 1 7  ? -13.499 5.977   4.390   1.00 16.75 ? 114 HIS A N   1 
ATOM   47   C CA  . HIS A 1 7  ? -12.273 5.546   5.079   1.00 14.95 ? 114 HIS A CA  1 
ATOM   48   C C   . HIS A 1 7  ? -11.982 4.048   4.741   1.00 16.47 ? 114 HIS A C   1 
ATOM   49   O O   . HIS A 1 7  ? -12.804 3.161   4.997   1.00 15.58 ? 114 HIS A O   1 
ATOM   50   C CB  . HIS A 1 7  ? -12.534 5.700   6.588   1.00 15.57 ? 114 HIS A CB  1 
ATOM   51   C CG  . HIS A 1 7  ? -11.361 5.507   7.476   1.00 15.40 ? 114 HIS A CG  1 
ATOM   52   N ND1 . HIS A 1 7  ? -11.511 5.294   8.821   1.00 15.87 ? 114 HIS A ND1 1 
ATOM   53   C CD2 . HIS A 1 7  ? -10.034 5.595   7.252   1.00 15.91 ? 114 HIS A CD2 1 
ATOM   54   C CE1 . HIS A 1 7  ? -10.313 5.268   9.402   1.00 18.13 ? 114 HIS A CE1 1 
ATOM   55   N NE2 . HIS A 1 7  ? -9.395  5.441   8.467   1.00 17.26 ? 114 HIS A NE2 1 
ATOM   56   N N   . VAL A 1 8  ? -10.814 3.777   4.200   1.00 17.66 ? 115 VAL A N   1 
ATOM   57   C CA  . VAL A 1 8  ? -10.382 2.436   3.876   1.00 18.86 ? 115 VAL A CA  1 
ATOM   58   C C   . VAL A 1 8  ? -9.978  1.778   5.161   1.00 20.09 ? 115 VAL A C   1 
ATOM   59   O O   . VAL A 1 8  ? -9.111  2.348   5.927   1.00 19.31 ? 115 VAL A O   1 
ATOM   60   C CB  . VAL A 1 8  ? -9.160  2.492   2.916   1.00 21.21 ? 115 VAL A CB  1 
ATOM   61   C CG1 . VAL A 1 8  ? -8.518  1.149   2.675   1.00 23.63 ? 115 VAL A CG1 1 
ATOM   62   C CG2 . VAL A 1 8  ? -9.609  3.042   1.582   1.00 23.07 ? 115 VAL A CG2 1 
ATOM   63   N N   . LEU A 1 9  ? -10.540 0.596   5.389   1.00 17.59 ? 116 LEU A N   1 
ATOM   64   C CA  . LEU A 1 9  ? -10.255 -0.141  6.580   1.00 19.99 ? 116 LEU A CA  1 
ATOM   65   C C   . LEU A 1 9  ? -9.369  -1.325  6.220   1.00 23.18 ? 116 LEU A C   1 
ATOM   66   O O   . LEU A 1 9  ? -8.411  -1.170  5.478   1.00 24.91 ? 116 LEU A O   1 
ATOM   67   C CB  . LEU A 1 9  ? -11.589 -0.567  7.192   1.00 20.04 ? 116 LEU A CB  1 
ATOM   68   C CG  . LEU A 1 9  ? -12.650 0.511   7.279   1.00 19.56 ? 116 LEU A CG  1 
ATOM   69   C CD1 . LEU A 1 9  ? -13.980 -0.106  7.708   1.00 19.92 ? 116 LEU A CD1 1 
ATOM   70   C CD2 . LEU A 1 9  ? -12.275 1.604   8.276   1.00 19.20 ? 116 LEU A CD2 1 
ATOM   71   N N   . ASP A 1 10 ? -9.654  -2.522  6.713   1.00 27.34 ? 117 ASP A N   1 
ATOM   72   C CA  . ASP A 1 10 ? -8.824  -3.700  6.369   1.00 30.74 ? 117 ASP A CA  1 
ATOM   73   C C   . ASP A 1 10 ? -8.815  -3.918  4.902   1.00 30.11 ? 117 ASP A C   1 
ATOM   74   O O   . ASP A 1 10 ? -9.870  -3.813  4.316   1.00 28.82 ? 117 ASP A O   1 
ATOM   75   C CB  . ASP A 1 10 ? -9.317  -4.997  6.969   1.00 30.80 ? 117 ASP A CB  1 
ATOM   76   C CG  . ASP A 1 10 ? -10.843 -5.155  6.952   1.00 35.41 ? 117 ASP A CG  1 
ATOM   77   O OD1 . ASP A 1 10 ? -11.591 -4.155  7.076   1.00 30.31 ? 117 ASP A OD1 1 
ATOM   78   O OD2 . ASP A 1 10 ? -11.305 -6.340  6.934   1.00 40.40 ? 117 ASP A OD2 1 
ATOM   79   N N   . VAL A 1 11 ? -7.629  -4.250  4.356   1.00 28.66 ? 118 VAL A N   1 
ATOM   80   C CA  . VAL A 1 11 ? -7.397  -4.584  2.927   1.00 26.77 ? 118 VAL A CA  1 
ATOM   81   C C   . VAL A 1 11 ? -6.883  -6.005  2.869   1.00 30.18 ? 118 VAL A C   1 
ATOM   82   O O   . VAL A 1 11 ? -5.871  -6.301  3.501   1.00 30.16 ? 118 VAL A O   1 
ATOM   83   C CB  . VAL A 1 11 ? -6.366  -3.618  2.376   1.00 30.40 ? 118 VAL A CB  1 
ATOM   84   C CG1 . VAL A 1 11 ? -5.885  -3.987  0.957   1.00 33.54 ? 118 VAL A CG1 1 
ATOM   85   C CG2 . VAL A 1 11 ? -6.961  -2.222  2.397   1.00 31.49 ? 118 VAL A CG2 1 
ATOM   86   N N   . GLU A 1 12 ? -7.616  -6.923  2.224   1.00 33.18 ? 119 GLU A N   1 
ATOM   87   C CA  . GLU A 1 12 ? -7.202  -8.339  2.118   1.00 29.87 ? 119 GLU A CA  1 
ATOM   88   C C   . GLU A 1 12 ? -5.944  -8.428  1.247   1.00 29.16 ? 119 GLU A C   1 
ATOM   89   O O   . GLU A 1 12 ? -5.785  -7.704  0.262   1.00 22.28 ? 119 GLU A O   1 
ATOM   90   C CB  . GLU A 1 12 ? -8.264  -9.210  1.491   1.00 33.13 ? 119 GLU A CB  1 
ATOM   91   C CG  . GLU A 1 12 ? -9.533  -9.498  2.297   1.00 37.82 ? 119 GLU A CG  1 
ATOM   92   C CD  . GLU A 1 12 ? -9.247  -10.236 3.589   1.00 48.08 ? 119 GLU A CD  1 
ATOM   93   O OE1 . GLU A 1 12 ? -8.138  -10.796 3.735   1.00 59.95 ? 119 GLU A OE1 1 
ATOM   94   O OE2 . GLU A 1 12 ? -10.114 -10.242 4.482   1.00 56.31 ? 119 GLU A OE2 1 
ATOM   95   N N   . PRO A 1 13 ? -5.016  -9.295  1.615   1.00 31.12 ? 120 PRO A N   1 
ATOM   96   C CA  . PRO A 1 13 ? -3.880  -9.514  0.638   1.00 31.18 ? 120 PRO A CA  1 
ATOM   97   C C   . PRO A 1 13 ? -4.330  -10.041 -0.758  1.00 27.71 ? 120 PRO A C   1 
ATOM   98   O O   . PRO A 1 13 ? -5.246  -10.861 -0.837  1.00 24.80 ? 120 PRO A O   1 
ATOM   99   C CB  . PRO A 1 13 ? -2.999  -10.554 1.340   1.00 31.35 ? 120 PRO A CB  1 
ATOM   100  C CG  . PRO A 1 13 ? -3.870  -11.163 2.423   1.00 31.86 ? 120 PRO A CG  1 
ATOM   101  C CD  . PRO A 1 13 ? -5.016  -10.237 2.741   1.00 30.21 ? 120 PRO A CD  1 
ATOM   102  N N   . SER A 1 14 ? -3.685  -9.525  -1.825  1.00 25.67 ? 121 SER A N   1 
ATOM   103  C CA  . SER A 1 14 ? -3.954  -9.903  -3.201  1.00 27.49 ? 121 SER A CA  1 
ATOM   104  C C   . SER A 1 14 ? -5.354  -9.485  -3.711  1.00 27.03 ? 121 SER A C   1 
ATOM   105  O O   . SER A 1 14 ? -5.776  -9.887  -4.784  1.00 26.09 ? 121 SER A O   1 
ATOM   106  C CB  . SER A 1 14 ? -3.733  -11.428 -3.375  1.00 28.14 ? 121 SER A CB  1 
ATOM   107  O OG  . SER A 1 14 ? -2.370  -11.772 -3.158  1.00 28.37 ? 121 SER A OG  1 
ATOM   108  N N   . SER A 1 15 ? -6.029  -8.614  -2.968  1.00 29.11 ? 122 SER A N   1 
ATOM   109  C CA  . SER A 1 15 ? -7.381  -8.090  -3.313  1.00 24.98 ? 122 SER A CA  1 
ATOM   110  C C   . SER A 1 15 ? -7.121  -7.057  -4.389  1.00 23.20 ? 122 SER A C   1 
ATOM   111  O O   . SER A 1 15 ? -6.006  -6.546  -4.432  1.00 22.74 ? 122 SER A O   1 
ATOM   112  C CB  . SER A 1 15 ? -7.958  -7.387  -2.062  1.00 25.52 ? 122 SER A CB  1 
ATOM   113  O OG  . SER A 1 15 ? -7.216  -6.171  -1.738  1.00 23.05 ? 122 SER A OG  1 
ATOM   114  N N   . PRO A 1 16 ? -8.136  -6.702  -5.215  1.00 22.71 ? 123 PRO A N   1 
ATOM   115  C CA  . PRO A 1 16 ? -8.072  -5.495  -6.095  1.00 22.49 ? 123 PRO A CA  1 
ATOM   116  C C   . PRO A 1 16 ? -7.596  -4.265  -5.372  1.00 21.55 ? 123 PRO A C   1 
ATOM   117  O O   . PRO A 1 16 ? -6.659  -3.522  -5.828  1.00 25.32 ? 123 PRO A O   1 
ATOM   118  C CB  . PRO A 1 16 ? -9.518  -5.343  -6.582  1.00 22.23 ? 123 PRO A CB  1 
ATOM   119  C CG  . PRO A 1 16 ? -9.986  -6.796  -6.650  1.00 23.17 ? 123 PRO A CG  1 
ATOM   120  C CD  . PRO A 1 16 ? -9.414  -7.430  -5.411  1.00 22.59 ? 123 PRO A CD  1 
ATOM   121  N N   . ALA A 1 17 ? -8.183  -4.047  -4.222  1.00 20.75 ? 124 ALA A N   1 
ATOM   122  C CA  . ALA A 1 17 ? -7.727  -2.925  -3.365  1.00 21.18 ? 124 ALA A CA  1 
ATOM   123  C C   . ALA A 1 17 ? -6.209  -2.937  -3.053  1.00 18.41 ? 124 ALA A C   1 
ATOM   124  O O   . ALA A 1 17 ? -5.538  -1.941  -3.138  1.00 17.55 ? 124 ALA A O   1 
ATOM   125  C CB  . ALA A 1 17 ? -8.554  -2.958  -2.069  1.00 22.28 ? 124 ALA A CB  1 
ATOM   126  N N   . ALA A 1 18 ? -5.679  -4.089  -2.713  1.00 20.94 ? 125 ALA A N   1 
ATOM   127  C CA  . ALA A 1 18 ? -4.247  -4.278  -2.390  1.00 22.45 ? 125 ALA A CA  1 
ATOM   128  C C   . ALA A 1 18 ? -3.318  -4.027  -3.546  1.00 25.74 ? 125 ALA A C   1 
ATOM   129  O O   . ALA A 1 18 ? -2.285  -3.320  -3.410  1.00 25.92 ? 125 ALA A O   1 
ATOM   130  C CB  . ALA A 1 18 ? -4.044  -5.702  -1.831  1.00 24.81 ? 125 ALA A CB  1 
ATOM   131  N N   . LEU A 1 19 ? -3.700  -4.536  -4.720  1.00 29.80 ? 126 LEU A N   1 
ATOM   132  C CA  . LEU A 1 19 ? -2.942  -4.279  -5.975  1.00 31.28 ? 126 LEU A CA  1 
ATOM   133  C C   . LEU A 1 19 ? -2.930  -2.822  -6.340  1.00 28.74 ? 126 LEU A C   1 
ATOM   134  O O   . LEU A 1 19 ? -1.934  -2.300  -6.789  1.00 31.32 ? 126 LEU A O   1 
ATOM   135  C CB  . LEU A 1 19 ? -3.541  -5.075  -7.158  1.00 38.40 ? 126 LEU A CB  1 
ATOM   136  C CG  . LEU A 1 19 ? -3.999  -6.542  -6.908  1.00 41.32 ? 126 LEU A CG  1 
ATOM   137  C CD1 . LEU A 1 19 ? -4.227  -7.336  -8.211  1.00 41.28 ? 126 LEU A CD1 1 
ATOM   138  C CD2 . LEU A 1 19 ? -3.084  -7.318  -5.949  1.00 42.69 ? 126 LEU A CD2 1 
ATOM   139  N N   . ALA A 1 20 ? -4.038  -2.135  -6.079  1.00 27.34 ? 127 ALA A N   1 
ATOM   140  C CA  . ALA A 1 20 ? -4.117  -0.685  -6.280  1.00 23.85 ? 127 ALA A CA  1 
ATOM   141  C C   . ALA A 1 20 ? -3.269  0.094   -5.315  1.00 21.59 ? 127 ALA A C   1 
ATOM   142  O O   . ALA A 1 20 ? -3.047  1.289   -5.546  1.00 23.27 ? 127 ALA A O   1 
ATOM   143  C CB  . ALA A 1 20 ? -5.579  -0.217  -6.157  1.00 26.42 ? 127 ALA A CB  1 
ATOM   144  N N   . GLY A 1 21 ? -2.837  -0.537  -4.217  1.00 19.44 ? 128 GLY A N   1 
ATOM   145  C CA  . GLY A 1 21 ? -2.027  0.124   -3.238  1.00 20.21 ? 128 GLY A CA  1 
ATOM   146  C C   . GLY A 1 21 ? -2.769  0.889   -2.159  1.00 22.06 ? 128 GLY A C   1 
ATOM   147  O O   . GLY A 1 21 ? -2.157  1.712   -1.445  1.00 20.77 ? 128 GLY A O   1 
ATOM   148  N N   . LEU A 1 22 ? -4.065  0.600   -1.977  1.00 22.04 ? 129 LEU A N   1 
ATOM   149  C CA  . LEU A 1 22 ? -4.831  1.181   -0.892  1.00 20.48 ? 129 LEU A CA  1 
ATOM   150  C C   . LEU A 1 22 ? -4.455  0.701   0.503   1.00 24.77 ? 129 LEU A C   1 
ATOM   151  O O   . LEU A 1 22 ? -4.458  -0.527  0.788   1.00 26.39 ? 129 LEU A O   1 
ATOM   152  C CB  . LEU A 1 22 ? -6.319  0.900   -1.092  1.00 19.83 ? 129 LEU A CB  1 
ATOM   153  C CG  . LEU A 1 22 ? -7.001  1.579   -2.296  1.00 19.50 ? 129 LEU A CG  1 
ATOM   154  C CD1 . LEU A 1 22 ? -8.433  1.112   -2.425  1.00 20.17 ? 129 LEU A CD1 1 
ATOM   155  C CD2 . LEU A 1 22 ? -7.049  3.060   -2.086  1.00 20.55 ? 129 LEU A CD2 1 
ATOM   156  N N   . ARG A 1 23 ? -4.273  1.660   1.421   1.00 22.95 ? 130 ARG A N   1 
ATOM   157  C CA  . ARG A 1 23 ? -3.605  1.396   2.731   1.00 23.05 ? 130 ARG A CA  1 
ATOM   158  C C   . ARG A 1 23 ? -4.613  1.320   3.856   1.00 22.36 ? 130 ARG A C   1 
ATOM   159  O O   . ARG A 1 23 ? -5.382  2.246   4.038   1.00 21.39 ? 130 ARG A O   1 
ATOM   160  C CB  . ARG A 1 23 ? -2.592  2.484   3.036   1.00 21.02 ? 130 ARG A CB  1 
ATOM   161  C CG  . ARG A 1 23 ? -1.585  2.599   1.916   1.00 21.15 ? 130 ARG A CG  1 
ATOM   162  C CD  . ARG A 1 23 ? -0.994  3.982   1.743   1.00 21.15 ? 130 ARG A CD  1 
ATOM   163  N NE  . ARG A 1 23 ? 0.249   3.946   0.976   1.00 23.82 ? 130 ARG A NE  1 
ATOM   164  C CZ  . ARG A 1 23 ? 0.879   5.004   0.503   1.00 25.59 ? 130 ARG A CZ  1 
ATOM   165  N NH1 . ARG A 1 23 ? 0.383   6.228   0.723   1.00 28.75 ? 130 ARG A NH1 1 
ATOM   166  N NH2 . ARG A 1 23 ? 2.029   4.848   -0.140  1.00 26.41 ? 130 ARG A NH2 1 
ATOM   167  N N   . PRO A 1 24 ? -4.573  0.239   4.632   1.00 24.55 ? 131 PRO A N   1 
ATOM   168  C CA  . PRO A 1 24 ? -5.591  0.129   5.661   1.00 25.42 ? 131 PRO A CA  1 
ATOM   169  C C   . PRO A 1 24 ? -5.507  1.287   6.633   1.00 24.50 ? 131 PRO A C   1 
ATOM   170  O O   . PRO A 1 24 ? -4.418  1.692   6.987   1.00 22.94 ? 131 PRO A O   1 
ATOM   171  C CB  . PRO A 1 24 ? -5.250  -1.192  6.367   1.00 25.66 ? 131 PRO A CB  1 
ATOM   172  C CG  . PRO A 1 24 ? -4.542  -1.976  5.331   1.00 25.93 ? 131 PRO A CG  1 
ATOM   173  C CD  . PRO A 1 24 ? -3.693  -0.946  4.615   1.00 26.05 ? 131 PRO A CD  1 
ATOM   174  N N   . TYR A 1 25 ? -6.648  1.889   6.918   1.00 27.96 ? 132 TYR A N   1 
ATOM   175  C CA  . TYR A 1 25 ? -6.811  2.971   7.932   1.00 27.13 ? 132 TYR A CA  1 
ATOM   176  C C   . TYR A 1 25 ? -6.126  4.306   7.775   1.00 22.23 ? 132 TYR A C   1 
ATOM   177  O O   . TYR A 1 25 ? -6.567  5.277   8.389   1.00 17.70 ? 132 TYR A O   1 
ATOM   178  C CB  . TYR A 1 25 ? -6.558  2.405   9.296   1.00 32.19 ? 132 TYR A CB  1 
ATOM   179  C CG  . TYR A 1 25 ? -7.662  1.436   9.641   1.00 37.27 ? 132 TYR A CG  1 
ATOM   180  C CD1 . TYR A 1 25 ? -8.887  1.929   10.144  1.00 41.57 ? 132 TYR A CD1 1 
ATOM   181  C CD2 . TYR A 1 25 ? -7.527  0.034   9.438   1.00 39.06 ? 132 TYR A CD2 1 
ATOM   182  C CE1 . TYR A 1 25 ? -9.919  1.068   10.468  1.00 43.21 ? 132 TYR A CE1 1 
ATOM   183  C CE2 . TYR A 1 25 ? -8.567  -0.850  9.780   1.00 37.03 ? 132 TYR A CE2 1 
ATOM   184  C CZ  . TYR A 1 25 ? -9.731  -0.323  10.292  1.00 40.37 ? 132 TYR A CZ  1 
ATOM   185  O OH  . TYR A 1 25 ? -10.782 -1.118  10.634  1.00 63.63 ? 132 TYR A OH  1 
ATOM   186  N N   . THR A 1 26 ? -5.133  4.402   6.899   1.00 20.49 ? 133 THR A N   1 
ATOM   187  C CA  . THR A 1 26 ? -4.549  5.714   6.576   1.00 20.91 ? 133 THR A CA  1 
ATOM   188  C C   . THR A 1 26 ? -5.067  6.367   5.306   1.00 18.39 ? 133 THR A C   1 
ATOM   189  O O   . THR A 1 26 ? -4.909  7.541   5.153   1.00 18.94 ? 133 THR A O   1 
ATOM   190  C CB  . THR A 1 26 ? -3.015  5.624   6.576   1.00 22.99 ? 133 THR A CB  1 
ATOM   191  O OG1 . THR A 1 26 ? -2.574  4.730   5.531   1.00 23.84 ? 133 THR A OG1 1 
ATOM   192  C CG2 . THR A 1 26 ? -2.544  5.106   7.942   1.00 24.32 ? 133 THR A CG2 1 
ATOM   193  N N   . ASP A 1 27 ? -5.719  5.625   4.426   1.00 19.71 ? 134 ASP A N   1 
ATOM   194  C CA  . ASP A 1 27 ? -6.225  6.140   3.142   1.00 20.53 ? 134 ASP A CA  1 
ATOM   195  C C   . ASP A 1 27 ? -7.757  6.424   3.248   1.00 20.98 ? 134 ASP A C   1 
ATOM   196  O O   . ASP A 1 27 ? -8.497  5.687   3.930   1.00 18.90 ? 134 ASP A O   1 
ATOM   197  C CB  . ASP A 1 27 ? -6.025  5.107   2.026   1.00 23.04 ? 134 ASP A CB  1 
ATOM   198  C CG  . ASP A 1 27 ? -4.657  5.155   1.338   1.00 24.71 ? 134 ASP A CG  1 
ATOM   199  O OD1 . ASP A 1 27 ? -3.844  6.102   1.507   1.00 21.40 ? 134 ASP A OD1 1 
ATOM   200  O OD2 . ASP A 1 27 ? -4.445  4.175   0.555   1.00 24.82 ? 134 ASP A OD2 1 
ATOM   201  N N   . TYR A 1 28 ? -8.188  7.507   2.580   1.00 18.56 ? 135 TYR A N   1 
ATOM   202  C CA  . TYR A 1 28 ? -9.550  7.916   2.489   1.00 17.88 ? 135 TYR A CA  1 
ATOM   203  C C   . TYR A 1 28 ? -9.846  8.192   1.023   1.00 19.78 ? 135 TYR A C   1 
ATOM   204  O O   . TYR A 1 28 ? -9.111  8.945   0.368   1.00 19.18 ? 135 TYR A O   1 
ATOM   205  C CB  . TYR A 1 28 ? -9.763  9.225   3.239   1.00 18.45 ? 135 TYR A CB  1 
ATOM   206  C CG  . TYR A 1 28 ? -9.498  9.093   4.700   1.00 18.88 ? 135 TYR A CG  1 
ATOM   207  C CD1 . TYR A 1 28 ? -8.200  9.015   5.168   1.00 18.96 ? 135 TYR A CD1 1 
ATOM   208  C CD2 . TYR A 1 28 ? -10.518 8.971   5.591   1.00 17.28 ? 135 TYR A CD2 1 
ATOM   209  C CE1 . TYR A 1 28 ? -7.932  8.847   6.492   1.00 19.93 ? 135 TYR A CE1 1 
ATOM   210  C CE2 . TYR A 1 28 ? -10.248 8.812   6.909   1.00 17.43 ? 135 TYR A CE2 1 
ATOM   211  C CZ  . TYR A 1 28 ? -8.973  8.741   7.345   1.00 18.14 ? 135 TYR A CZ  1 
ATOM   212  O OH  . TYR A 1 28 ? -8.676  8.573   8.643   1.00 19.50 ? 135 TYR A OH  1 
ATOM   213  N N   . VAL A 1 29 ? -10.929 7.647   0.518   1.00 20.34 ? 136 VAL A N   1 
ATOM   214  C CA  . VAL A 1 29 ? -11.370 7.877   -0.854  1.00 22.26 ? 136 VAL A CA  1 
ATOM   215  C C   . VAL A 1 29 ? -12.217 9.117   -0.829  1.00 24.82 ? 136 VAL A C   1 
ATOM   216  O O   . VAL A 1 29 ? -13.313 9.113   -0.245  1.00 23.24 ? 136 VAL A O   1 
ATOM   217  C CB  . VAL A 1 29 ? -12.195 6.737   -1.437  1.00 22.99 ? 136 VAL A CB  1 
ATOM   218  C CG1 . VAL A 1 29 ? -12.679 7.041   -2.880  1.00 23.94 ? 136 VAL A CG1 1 
ATOM   219  C CG2 . VAL A 1 29 ? -11.348 5.523   -1.469  1.00 24.72 ? 136 VAL A CG2 1 
ATOM   220  N N   . VAL A 1 30 ? -11.660 10.171  -1.432  1.00 25.99 ? 137 VAL A N   1 
ATOM   221  C CA  . VAL A 1 30 ? -12.266 11.489  -1.511  1.00 29.34 ? 137 VAL A CA  1 
ATOM   222  C C   . VAL A 1 30 ? -12.945 11.815  -2.846  1.00 28.81 ? 137 VAL A C   1 
ATOM   223  O O   . VAL A 1 30 ? -13.581 12.857  -2.955  1.00 33.12 ? 137 VAL A O   1 
ATOM   224  C CB  . VAL A 1 30 ? -11.278 12.634  -1.116  1.00 29.10 ? 137 VAL A CB  1 
ATOM   225  C CG1 . VAL A 1 30 ? -10.683 12.373  0.260   1.00 29.93 ? 137 VAL A CG1 1 
ATOM   226  C CG2 . VAL A 1 30 ? -10.114 12.843  -2.076  1.00 31.14 ? 137 VAL A CG2 1 
ATOM   227  N N   . GLY A 1 31 ? -12.825 10.962  -3.843  1.00 28.50 ? 138 GLY A N   1 
ATOM   228  C CA  . GLY A 1 31 ? -13.590 11.145  -5.085  1.00 33.18 ? 138 GLY A CA  1 
ATOM   229  C C   . GLY A 1 31 ? -13.065 10.260  -6.175  1.00 35.66 ? 138 GLY A C   1 
ATOM   230  O O   . GLY A 1 31 ? -12.049 9.622   -5.990  1.00 33.34 ? 138 GLY A O   1 
ATOM   231  N N   . SER A 1 32 ? -13.777 10.177  -7.294  1.00 39.81 ? 139 SER A N   1 
ATOM   232  C CA  . SER A 1 32 ? -13.205 9.586   -8.528  1.00 41.62 ? 139 SER A CA  1 
ATOM   233  C C   . SER A 1 32 ? -12.385 10.693  -9.132  1.00 44.01 ? 139 SER A C   1 
ATOM   234  O O   . SER A 1 32 ? -12.217 11.752  -8.502  1.00 47.73 ? 139 SER A O   1 
ATOM   235  C CB  . SER A 1 32 ? -14.289 9.185   -9.530  1.00 44.01 ? 139 SER A CB  1 
ATOM   236  O OG  . SER A 1 32 ? -14.933 10.345  -10.091 1.00 44.28 ? 139 SER A OG  1 
ATOM   237  N N   . ASP A 1 33 ? -11.911 10.498  -10.361 1.00 44.04 ? 140 ASP A N   1 
ATOM   238  C CA  . ASP A 1 33 ? -11.238 11.600  -11.044 1.00 45.34 ? 140 ASP A CA  1 
ATOM   239  C C   . ASP A 1 33 ? -12.139 12.619  -11.810 1.00 45.15 ? 140 ASP A C   1 
ATOM   240  O O   . ASP A 1 33 ? -11.584 13.625  -12.277 1.00 38.28 ? 140 ASP A O   1 
ATOM   241  C CB  . ASP A 1 33 ? -10.041 11.099  -11.894 1.00 42.73 ? 140 ASP A CB  1 
ATOM   242  C CG  . ASP A 1 33 ? -10.439 10.323  -13.181 1.00 44.70 ? 140 ASP A CG  1 
ATOM   243  O OD1 . ASP A 1 33 ? -11.619 9.986   -13.476 1.00 37.36 ? 140 ASP A OD1 1 
ATOM   244  O OD2 . ASP A 1 33 ? -9.473  10.068  -13.929 1.00 53.25 ? 140 ASP A OD2 1 
ATOM   245  N N   . GLN A 1 34 ? -13.460 12.362  -11.938 1.00 44.12 ? 141 GLN A N   1 
ATOM   246  C CA  . GLN A 1 34 ? -14.419 13.268  -12.648 1.00 51.85 ? 141 GLN A CA  1 
ATOM   247  C C   . GLN A 1 34 ? -15.474 13.718  -11.674 1.00 47.33 ? 141 GLN A C   1 
ATOM   248  O O   . GLN A 1 34 ? -15.154 14.456  -10.734 1.00 47.60 ? 141 GLN A O   1 
ATOM   249  C CB  . GLN A 1 34 ? -15.089 12.643  -13.917 1.00 55.69 ? 141 GLN A CB  1 
ATOM   250  C CG  . GLN A 1 34 ? -14.068 12.161  -14.953 1.00 63.40 ? 141 GLN A CG  1 
ATOM   251  C CD  . GLN A 1 34 ? -14.598 11.812  -16.365 1.00 70.64 ? 141 GLN A CD  1 
ATOM   252  O OE1 . GLN A 1 34 ? -15.241 12.620  -17.049 1.00 69.30 ? 141 GLN A OE1 1 
ATOM   253  N NE2 . GLN A 1 34 ? -14.251 10.611  -16.831 1.00 66.70 ? 141 GLN A NE2 1 
ATOM   254  N N   . SER A 1 39 ? -21.319 12.913  -11.470 1.00 64.48 ? 146 SER A N   1 
ATOM   255  C CA  . SER A 1 39 ? -21.642 12.999  -10.041 1.00 77.43 ? 146 SER A CA  1 
ATOM   256  C C   . SER A 1 39 ? -22.302 11.691  -9.455  1.00 79.19 ? 146 SER A C   1 
ATOM   257  O O   . SER A 1 39 ? -23.520 11.433  -9.612  1.00 69.39 ? 146 SER A O   1 
ATOM   258  C CB  . SER A 1 39 ? -22.516 14.248  -9.788  1.00 80.94 ? 146 SER A CB  1 
ATOM   259  O OG  . SER A 1 39 ? -22.406 14.722  -8.447  1.00 72.76 ? 146 SER A OG  1 
ATOM   260  N N   . GLU A 1 40 ? -21.481 10.889  -8.761  1.00 77.88 ? 147 GLU A N   1 
ATOM   261  C CA  . GLU A 1 40 ? -21.888 9.572   -8.217  1.00 72.93 ? 147 GLU A CA  1 
ATOM   262  C C   . GLU A 1 40 ? -21.279 9.306   -6.838  1.00 64.36 ? 147 GLU A C   1 
ATOM   263  O O   . GLU A 1 40 ? -20.235 9.832   -6.500  1.00 58.41 ? 147 GLU A O   1 
ATOM   264  C CB  . GLU A 1 40 ? -21.431 8.447   -9.153  1.00 73.65 ? 147 GLU A CB  1 
ATOM   265  C CG  . GLU A 1 40 ? -22.068 8.432   -10.538 1.00 80.65 ? 147 GLU A CG  1 
ATOM   266  C CD  . GLU A 1 40 ? -23.537 8.028   -10.523 1.00 85.26 ? 147 GLU A CD  1 
ATOM   267  O OE1 . GLU A 1 40 ? -23.914 7.246   -9.625  1.00 91.86 ? 147 GLU A OE1 1 
ATOM   268  O OE2 . GLU A 1 40 ? -24.320 8.476   -11.402 1.00 74.64 ? 147 GLU A OE2 1 
ATOM   269  N N   . ASP A 1 41 ? -21.949 8.478   -6.047  1.00 57.36 ? 148 ASP A N   1 
ATOM   270  C CA  . ASP A 1 41 ? -21.375 7.964   -4.804  1.00 55.34 ? 148 ASP A CA  1 
ATOM   271  C C   . ASP A 1 41 ? -20.459 6.786   -5.100  1.00 53.36 ? 148 ASP A C   1 
ATOM   272  O O   . ASP A 1 41 ? -20.435 6.243   -6.205  1.00 53.80 ? 148 ASP A O   1 
ATOM   273  C CB  . ASP A 1 41 ? -22.451 7.521   -3.795  1.00 56.13 ? 148 ASP A CB  1 
ATOM   274  C CG  . ASP A 1 41 ? -23.125 6.177   -4.159  1.00 57.65 ? 148 ASP A CG  1 
ATOM   275  O OD1 . ASP A 1 41 ? -23.200 5.809   -5.342  1.00 59.49 ? 148 ASP A OD1 1 
ATOM   276  O OD2 . ASP A 1 41 ? -23.638 5.498   -3.251  1.00 59.53 ? 148 ASP A OD2 1 
ATOM   277  N N   . PHE A 1 42 ? -19.735 6.388   -4.074  1.00 49.20 ? 149 PHE A N   1 
ATOM   278  C CA  . PHE A 1 42 ? -18.723 5.361   -4.174  1.00 45.58 ? 149 PHE A CA  1 
ATOM   279  C C   . PHE A 1 42 ? -19.280 3.961   -4.614  1.00 39.16 ? 149 PHE A C   1 
ATOM   280  O O   . PHE A 1 42 ? -18.819 3.368   -5.605  1.00 38.13 ? 149 PHE A O   1 
ATOM   281  C CB  . PHE A 1 42 ? -17.962 5.327   -2.808  1.00 46.96 ? 149 PHE A CB  1 
ATOM   282  C CG  . PHE A 1 42 ? -16.739 4.437   -2.798  1.00 43.15 ? 149 PHE A CG  1 
ATOM   283  C CD1 . PHE A 1 42 ? -15.714 4.619   -3.740  1.00 43.54 ? 149 PHE A CD1 1 
ATOM   284  C CD2 . PHE A 1 42 ? -16.628 3.401   -1.884  1.00 39.74 ? 149 PHE A CD2 1 
ATOM   285  C CE1 . PHE A 1 42 ? -14.609 3.797   -3.749  1.00 39.46 ? 149 PHE A CE1 1 
ATOM   286  C CE2 . PHE A 1 42 ? -15.543 2.565   -1.903  1.00 36.98 ? 149 PHE A CE2 1 
ATOM   287  C CZ  . PHE A 1 42 ? -14.547 2.750   -2.841  1.00 40.69 ? 149 PHE A CZ  1 
ATOM   288  N N   . PHE A 1 43 ? -20.318 3.485   -3.949  1.00 33.30 ? 150 PHE A N   1 
ATOM   289  C CA  . PHE A 1 43 ? -20.814 2.151   -4.202  1.00 37.46 ? 150 PHE A CA  1 
ATOM   290  C C   . PHE A 1 43 ? -21.362 1.925   -5.610  1.00 34.81 ? 150 PHE A C   1 
ATOM   291  O O   . PHE A 1 43 ? -21.156 0.873   -6.192  1.00 32.73 ? 150 PHE A O   1 
ATOM   292  C CB  . PHE A 1 43 ? -21.767 1.737   -3.077  1.00 42.24 ? 150 PHE A CB  1 
ATOM   293  C CG  . PHE A 1 43 ? -21.049 1.589   -1.752  1.00 50.17 ? 150 PHE A CG  1 
ATOM   294  C CD1 . PHE A 1 43 ? -20.317 0.450   -1.487  1.00 55.53 ? 150 PHE A CD1 1 
ATOM   295  C CD2 . PHE A 1 43 ? -21.013 2.628   -0.845  1.00 56.49 ? 150 PHE A CD2 1 
ATOM   296  C CE1 . PHE A 1 43 ? -19.598 0.322   -0.323  1.00 64.00 ? 150 PHE A CE1 1 
ATOM   297  C CE2 . PHE A 1 43 ? -20.304 2.516   0.327   1.00 60.08 ? 150 PHE A CE2 1 
ATOM   298  C CZ  . PHE A 1 43 ? -19.589 1.364   0.595   1.00 66.65 ? 150 PHE A CZ  1 
ATOM   299  N N   . THR A 1 44 ? -21.963 2.935   -6.208  1.00 35.47 ? 151 THR A N   1 
ATOM   300  C CA  . THR A 1 44 ? -22.553 2.751   -7.549  1.00 38.47 ? 151 THR A CA  1 
ATOM   301  C C   . THR A 1 44 ? -21.431 2.850   -8.582  1.00 35.33 ? 151 THR A C   1 
ATOM   302  O O   . THR A 1 44 ? -21.408 2.133   -9.569  1.00 41.42 ? 151 THR A O   1 
ATOM   303  C CB  . THR A 1 44 ? -23.731 3.717   -7.801  1.00 44.48 ? 151 THR A CB  1 
ATOM   304  O OG1 . THR A 1 44 ? -23.267 5.070   -7.787  1.00 53.20 ? 151 THR A OG1 1 
ATOM   305  C CG2 . THR A 1 44 ? -24.854 3.544   -6.723  1.00 45.50 ? 151 THR A CG2 1 
ATOM   306  N N   . LEU A 1 45 ? -20.451 3.677   -8.291  1.00 32.66 ? 152 LEU A N   1 
ATOM   307  C CA  . LEU A 1 45 ? -19.218 3.686   -9.053  1.00 33.77 ? 152 LEU A CA  1 
ATOM   308  C C   . LEU A 1 45 ? -18.526 2.323   -9.055  1.00 28.40 ? 152 LEU A C   1 
ATOM   309  O O   . LEU A 1 45 ? -18.291 1.738   -10.103 1.00 28.21 ? 152 LEU A O   1 
ATOM   310  C CB  . LEU A 1 45 ? -18.304 4.769   -8.504  1.00 36.76 ? 152 LEU A CB  1 
ATOM   311  C CG  . LEU A 1 45 ? -17.533 5.610   -9.480  1.00 43.38 ? 152 LEU A CG  1 
ATOM   312  C CD1 . LEU A 1 45 ? -18.476 6.361   -10.391 1.00 47.16 ? 152 LEU A CD1 1 
ATOM   313  C CD2 . LEU A 1 45 ? -16.675 6.578   -8.664  1.00 44.84 ? 152 LEU A CD2 1 
ATOM   314  N N   . ILE A 1 46 ? -18.278 1.794   -7.877  1.00 26.71 ? 153 ILE A N   1 
ATOM   315  C CA  . ILE A 1 46 ? -17.623 0.484   -7.766  1.00 28.52 ? 153 ILE A CA  1 
ATOM   316  C C   . ILE A 1 46 ? -18.445 -0.502  -8.566  1.00 30.16 ? 153 ILE A C   1 
ATOM   317  O O   . ILE A 1 46 ? -17.894 -1.264  -9.305  1.00 33.46 ? 153 ILE A O   1 
ATOM   318  C CB  . ILE A 1 46 ? -17.538 -0.026  -6.309  1.00 30.89 ? 153 ILE A CB  1 
ATOM   319  C CG1 . ILE A 1 46 ? -16.700 0.890   -5.399  1.00 29.66 ? 153 ILE A CG1 1 
ATOM   320  C CG2 . ILE A 1 46 ? -17.069 -1.497  -6.262  1.00 30.46 ? 153 ILE A CG2 1 
ATOM   321  C CD1 . ILE A 1 46 ? -15.267 1.045   -5.872  1.00 33.96 ? 153 ILE A CD1 1 
ATOM   322  N N   . GLU A 1 47 ? -19.775 -0.439  -8.443  1.00 34.62 ? 154 GLU A N   1 
ATOM   323  C CA  . GLU A 1 47 ? -20.686 -1.368  -9.123  1.00 35.78 ? 154 GLU A CA  1 
ATOM   324  C C   . GLU A 1 47 ? -20.578 -1.256  -10.631 1.00 34.64 ? 154 GLU A C   1 
ATOM   325  O O   . GLU A 1 47 ? -20.322 -2.202  -11.339 1.00 31.52 ? 154 GLU A O   1 
ATOM   326  C CB  . GLU A 1 47 ? -22.084 -1.052  -8.692  1.00 42.63 ? 154 GLU A CB  1 
ATOM   327  C CG  . GLU A 1 47 ? -23.145 -1.944  -9.265  1.00 48.93 ? 154 GLU A CG  1 
ATOM   328  C CD  . GLU A 1 47 ? -24.434 -1.761  -8.499  1.00 64.81 ? 154 GLU A CD  1 
ATOM   329  O OE1 . GLU A 1 47 ? -24.763 -2.648  -7.664  1.00 71.53 ? 154 GLU A OE1 1 
ATOM   330  O OE2 . GLU A 1 47 ? -25.082 -0.697  -8.699  1.00 72.09 ? 154 GLU A OE2 1 
ATOM   331  N N   . SER A 1 48 ? -20.678 -0.044  -11.093 1.00 34.33 ? 155 SER A N   1 
ATOM   332  C CA  . SER A 1 48 ? -20.688 0.230   -12.504 1.00 38.53 ? 155 SER A CA  1 
ATOM   333  C C   . SER A 1 48 ? -19.342 0.064   -13.164 1.00 36.98 ? 155 SER A C   1 
ATOM   334  O O   . SER A 1 48 ? -19.307 0.145   -14.377 1.00 32.71 ? 155 SER A O   1 
ATOM   335  C CB  . SER A 1 48 ? -21.117 1.677   -12.749 1.00 43.08 ? 155 SER A CB  1 
ATOM   336  O OG  . SER A 1 48 ? -20.017 2.557   -12.558 1.00 46.02 ? 155 SER A OG  1 
ATOM   337  N N   . HIS A 1 49 ? -18.243 -0.084  -12.389 1.00 33.65 ? 156 HIS A N   1 
ATOM   338  C CA  . HIS A 1 49 ? -16.936 -0.384  -12.966 1.00 27.56 ? 156 HIS A CA  1 
ATOM   339  C C   . HIS A 1 49 ? -16.511 -1.788  -12.650 1.00 26.82 ? 156 HIS A C   1 
ATOM   340  O O   . HIS A 1 49 ? -15.344 -2.096  -12.591 1.00 26.52 ? 156 HIS A O   1 
ATOM   341  C CB  . HIS A 1 49 ? -15.875 0.576   -12.461 1.00 29.35 ? 156 HIS A CB  1 
ATOM   342  C CG  . HIS A 1 49 ? -16.068 1.977   -12.894 1.00 29.63 ? 156 HIS A CG  1 
ATOM   343  N ND1 . HIS A 1 49 ? -17.166 2.723   -12.521 1.00 32.19 ? 156 HIS A ND1 1 
ATOM   344  C CD2 . HIS A 1 49 ? -15.302 2.778   -13.673 1.00 28.62 ? 156 HIS A CD2 1 
ATOM   345  C CE1 . HIS A 1 49 ? -17.079 3.923   -13.078 1.00 32.68 ? 156 HIS A CE1 1 
ATOM   346  N NE2 . HIS A 1 49 ? -15.946 3.990   -13.762 1.00 28.43 ? 156 HIS A NE2 1 
ATOM   347  N N   . GLU A 1 50 ? -17.454 -2.670  -12.433 1.00 28.76 ? 157 GLU A N   1 
ATOM   348  C CA  . GLU A 1 50 ? -17.107 -4.059  -12.323 1.00 32.95 ? 157 GLU A CA  1 
ATOM   349  C C   . GLU A 1 50 ? -16.331 -4.445  -13.564 1.00 34.67 ? 157 GLU A C   1 
ATOM   350  O O   . GLU A 1 50 ? -16.744 -4.137  -14.639 1.00 37.53 ? 157 GLU A O   1 
ATOM   351  C CB  . GLU A 1 50 ? -18.348 -4.904  -12.186 1.00 32.54 ? 157 GLU A CB  1 
ATOM   352  C CG  . GLU A 1 50 ? -18.023 -6.360  -12.170 1.00 37.35 ? 157 GLU A CG  1 
ATOM   353  C CD  . GLU A 1 50 ? -17.289 -6.827  -10.919 1.00 39.16 ? 157 GLU A CD  1 
ATOM   354  O OE1 . GLU A 1 50 ? -17.280 -6.089  -9.915  1.00 43.14 ? 157 GLU A OE1 1 
ATOM   355  O OE2 . GLU A 1 50 ? -16.758 -7.962  -10.942 1.00 36.94 ? 157 GLU A OE2 1 
ATOM   356  N N   . GLY A 1 51 ? -15.176 -5.070  -13.404 1.00 34.09 ? 158 GLY A N   1 
ATOM   357  C CA  . GLY A 1 51 ? -14.303 -5.370  -14.525 1.00 31.67 ? 158 GLY A CA  1 
ATOM   358  C C   . GLY A 1 51 ? -13.640 -4.258  -15.296 1.00 34.35 ? 158 GLY A C   1 
ATOM   359  O O   . GLY A 1 51 ? -13.165 -4.483  -16.378 1.00 39.15 ? 158 GLY A O   1 
ATOM   360  N N   . LYS A 1 52 ? -13.513 -3.070  -14.760 1.00 35.23 ? 159 LYS A N   1 
ATOM   361  C CA  . LYS A 1 52 ? -13.032 -2.002  -15.570 1.00 35.23 ? 159 LYS A CA  1 
ATOM   362  C C   . LYS A 1 52 ? -12.208 -1.159  -14.663 1.00 33.49 ? 159 LYS A C   1 
ATOM   363  O O   . LYS A 1 52 ? -12.508 -1.101  -13.494 1.00 32.48 ? 159 LYS A O   1 
ATOM   364  C CB  . LYS A 1 52 ? -14.237 -1.250  -16.158 1.00 46.36 ? 159 LYS A CB  1 
ATOM   365  C CG  . LYS A 1 52 ? -14.140 -0.926  -17.659 1.00 61.05 ? 159 LYS A CG  1 
ATOM   366  C CD  . LYS A 1 52 ? -13.903 -2.154  -18.592 1.00 66.70 ? 159 LYS A CD  1 
ATOM   367  C CE  . LYS A 1 52 ? -13.539 -1.785  -20.046 1.00 66.23 ? 159 LYS A CE  1 
ATOM   368  N NZ  . LYS A 1 52 ? -12.164 -1.235  -20.246 1.00 57.53 ? 159 LYS A NZ  1 
ATOM   369  N N   . PRO A 1 53 ? -11.137 -0.537  -15.174 1.00 32.60 ? 160 PRO A N   1 
ATOM   370  C CA  . PRO A 1 53 ? -10.322 0.261   -14.277 1.00 34.40 ? 160 PRO A CA  1 
ATOM   371  C C   . PRO A 1 53 ? -11.082 1.493   -13.874 1.00 35.24 ? 160 PRO A C   1 
ATOM   372  O O   . PRO A 1 53 ? -11.892 1.998   -14.647 1.00 29.83 ? 160 PRO A O   1 
ATOM   373  C CB  . PRO A 1 53 ? -9.076  0.639   -15.095 1.00 32.23 ? 160 PRO A CB  1 
ATOM   374  C CG  . PRO A 1 53 ? -9.232  0.008   -16.420 1.00 32.89 ? 160 PRO A CG  1 
ATOM   375  C CD  . PRO A 1 53 ? -10.651 -0.467  -16.563 1.00 33.10 ? 160 PRO A CD  1 
ATOM   376  N N   . LEU A 1 54 ? -10.785 1.950   -12.667 1.00 33.97 ? 161 LEU A N   1 
ATOM   377  C CA  . LEU A 1 54 ? -11.507 3.015   -12.023 1.00 33.26 ? 161 LEU A CA  1 
ATOM   378  C C   . LEU A 1 54 ? -10.474 3.872   -11.364 1.00 32.73 ? 161 LEU A C   1 
ATOM   379  O O   . LEU A 1 54 ? -9.754  3.365   -10.510 1.00 31.61 ? 161 LEU A O   1 
ATOM   380  C CB  . LEU A 1 54 ? -12.482 2.439   -10.970 1.00 31.06 ? 161 LEU A CB  1 
ATOM   381  C CG  . LEU A 1 54 ? -13.304 3.379   -10.051 1.00 31.72 ? 161 LEU A CG  1 
ATOM   382  C CD1 . LEU A 1 54 ? -13.949 4.492   -10.822 1.00 28.65 ? 161 LEU A CD1 1 
ATOM   383  C CD2 . LEU A 1 54 ? -14.370 2.625   -9.232  1.00 31.40 ? 161 LEU A CD2 1 
ATOM   384  N N   . LYS A 1 55 ? -10.386 5.149   -11.757 1.00 33.07 ? 162 LYS A N   1 
ATOM   385  C CA  . LYS A 1 55 ? -9.486  6.131   -11.068 1.00 32.58 ? 162 LYS A CA  1 
ATOM   386  C C   . LYS A 1 55 ? -10.121 6.775   -9.870  1.00 29.50 ? 162 LYS A C   1 
ATOM   387  O O   . LYS A 1 55 ? -11.304 7.206   -9.925  1.00 31.44 ? 162 LYS A O   1 
ATOM   388  C CB  . LYS A 1 55 ? -9.000  7.231   -11.991 1.00 31.90 ? 162 LYS A CB  1 
ATOM   389  C CG  . LYS A 1 55 ? -8.080  6.678   -13.057 1.00 39.98 ? 162 LYS A CG  1 
ATOM   390  C CD  . LYS A 1 55 ? -6.717  7.373   -13.144 1.00 46.03 ? 162 LYS A CD  1 
ATOM   391  C CE  . LYS A 1 55 ? -5.985  7.034   -14.464 1.00 52.59 ? 162 LYS A CE  1 
ATOM   392  N NZ  . LYS A 1 55 ? -5.676  5.567   -14.699 1.00 50.42 ? 162 LYS A NZ  1 
ATOM   393  N N   . LEU A 1 56 ? -9.325  6.856   -8.790  1.00 27.10 ? 163 LEU A N   1 
ATOM   394  C CA  . LEU A 1 56 ? -9.790  7.418   -7.511  1.00 24.35 ? 163 LEU A CA  1 
ATOM   395  C C   . LEU A 1 56 ? -8.807  8.362   -6.929  1.00 22.60 ? 163 LEU A C   1 
ATOM   396  O O   . LEU A 1 56 ? -7.632  8.186   -7.140  1.00 25.17 ? 163 LEU A O   1 
ATOM   397  C CB  . LEU A 1 56 ? -10.016 6.317   -6.520  1.00 23.99 ? 163 LEU A CB  1 
ATOM   398  C CG  . LEU A 1 56 ? -11.031 5.253   -6.829  1.00 24.87 ? 163 LEU A CG  1 
ATOM   399  C CD1 . LEU A 1 56 ? -10.839 4.181   -5.768  1.00 26.27 ? 163 LEU A CD1 1 
ATOM   400  C CD2 . LEU A 1 56 ? -12.436 5.808   -6.834  1.00 23.28 ? 163 LEU A CD2 1 
ATOM   401  N N   . MET A 1 57 ? -9.285  9.363   -6.200  1.00 21.99 ? 164 MET A N   1 
ATOM   402  C CA  . MET A 1 57 ? -8.428  10.302  -5.530  1.00 25.86 ? 164 MET A CA  1 
ATOM   403  C C   . MET A 1 57 ? -8.486  9.923   -4.078  1.00 21.84 ? 164 MET A C   1 
ATOM   404  O O   . MET A 1 57 ? -9.563  9.780   -3.519  1.00 20.35 ? 164 MET A O   1 
ATOM   405  C CB  . MET A 1 57 ? -8.875  11.743  -5.760  1.00 32.32 ? 164 MET A CB  1 
ATOM   406  C CG  . MET A 1 57 ? -8.962  12.112  -7.246  1.00 41.96 ? 164 MET A CG  1 
ATOM   407  S SD  . MET A 1 57 ? -7.485  11.762  -8.273  1.00 50.43 ? 164 MET A SD  1 
ATOM   408  C CE  . MET A 1 57 ? -6.454  13.012  -7.642  1.00 44.96 ? 164 MET A CE  1 
ATOM   409  N N   . VAL A 1 58 ? -7.311  9.790   -3.486  1.00 20.21 ? 165 VAL A N   1 
ATOM   410  C CA  . VAL A 1 58 ? -7.138  9.148   -2.207  1.00 19.97 ? 165 VAL A CA  1 
ATOM   411  C C   . VAL A 1 58 ? -6.308  10.041  -1.337  1.00 19.30 ? 165 VAL A C   1 
ATOM   412  O O   . VAL A 1 58 ? -5.179  10.296  -1.612  1.00 23.66 ? 165 VAL A O   1 
ATOM   413  C CB  . VAL A 1 58 ? -6.484  7.801   -2.375  1.00 18.30 ? 165 VAL A CB  1 
ATOM   414  C CG1 . VAL A 1 58 ? -6.224  7.135   -1.025  1.00 19.74 ? 165 VAL A CG1 1 
ATOM   415  C CG2 . VAL A 1 58 ? -7.339  6.940   -3.260  1.00 18.69 ? 165 VAL A CG2 1 
ATOM   416  N N   . TYR A 1 59 ? -6.868  10.499  -0.247  1.00 21.41 ? 166 TYR A N   1 
ATOM   417  C CA  . TYR A 1 59 ? -6.116  11.182  0.789   1.00 20.36 ? 166 TYR A CA  1 
ATOM   418  C C   . TYR A 1 59 ? -5.510  10.184  1.795   1.00 19.74 ? 166 TYR A C   1 
ATOM   419  O O   . TYR A 1 59 ? -6.222  9.317   2.286   1.00 21.12 ? 166 TYR A O   1 
ATOM   420  C CB  . TYR A 1 59 ? -7.025  12.182  1.491   1.00 22.81 ? 166 TYR A CB  1 
ATOM   421  C CG  . TYR A 1 59 ? -6.340  12.862  2.673   1.00 26.12 ? 166 TYR A CG  1 
ATOM   422  C CD1 . TYR A 1 59 ? -5.357  13.819  2.468   1.00 26.72 ? 166 TYR A CD1 1 
ATOM   423  C CD2 . TYR A 1 59 ? -6.638  12.489  3.985   1.00 26.04 ? 166 TYR A CD2 1 
ATOM   424  C CE1 . TYR A 1 59 ? -4.704  14.405  3.541   1.00 30.20 ? 166 TYR A CE1 1 
ATOM   425  C CE2 . TYR A 1 59 ? -5.984  13.052  5.058   1.00 29.42 ? 166 TYR A CE2 1 
ATOM   426  C CZ  . TYR A 1 59 ? -5.055  14.038  4.845   1.00 30.11 ? 166 TYR A CZ  1 
ATOM   427  O OH  . TYR A 1 59 ? -4.455  14.609  5.901   1.00 29.17 ? 166 TYR A OH  1 
ATOM   428  N N   . ASN A 1 60 ? -4.235  10.371  2.161   1.00 18.31 ? 167 ASN A N   1 
ATOM   429  C CA  . ASN A 1 60 ? -3.574  9.581   3.166   1.00 20.69 ? 167 ASN A CA  1 
ATOM   430  C C   . ASN A 1 60 ? -3.320  10.487  4.396   1.00 21.60 ? 167 ASN A C   1 
ATOM   431  O O   . ASN A 1 60 ? -2.766  11.560  4.281   1.00 19.36 ? 167 ASN A O   1 
ATOM   432  C CB  . ASN A 1 60 ? -2.249  8.962   2.641   1.00 19.06 ? 167 ASN A CB  1 
ATOM   433  C CG  . ASN A 1 60 ? -1.578  8.042   3.671   1.00 21.03 ? 167 ASN A CG  1 
ATOM   434  O OD1 . ASN A 1 60 ? -0.848  8.500   4.603   1.00 21.52 ? 167 ASN A OD1 1 
ATOM   435  N ND2 . ASN A 1 60 ? -1.819  6.753   3.530   1.00 21.77 ? 167 ASN A ND2 1 
ATOM   436  N N   . SER A 1 61 ? -3.714  10.031  5.580   1.00 23.93 ? 168 SER A N   1 
ATOM   437  C CA  . SER A 1 61 ? -3.535  10.863  6.806   1.00 27.27 ? 168 SER A CA  1 
ATOM   438  C C   . SER A 1 61 ? -2.092  10.947  7.314   1.00 26.83 ? 168 SER A C   1 
ATOM   439  O O   . SER A 1 61 ? -1.706  11.992  7.827   1.00 28.43 ? 168 SER A O   1 
ATOM   440  C CB  . SER A 1 61 ? -4.429  10.341  7.929   1.00 23.39 ? 168 SER A CB  1 
ATOM   441  O OG  . SER A 1 61 ? -4.111  8.993   8.106   1.00 21.13 ? 168 SER A OG  1 
ATOM   442  N N   . LYS A 1 62 ? -1.306  9.883   7.184   1.00 27.04 ? 169 LYS A N   1 
ATOM   443  C CA  . LYS A 1 62 ? 0.076   9.921   7.679   1.00 32.42 ? 169 LYS A CA  1 
ATOM   444  C C   . LYS A 1 62 ? 0.988   10.745  6.809   1.00 33.73 ? 169 LYS A C   1 
ATOM   445  O O   . LYS A 1 62 ? 1.819   11.504  7.328   1.00 40.36 ? 169 LYS A O   1 
ATOM   446  C CB  . LYS A 1 62 ? 0.703   8.546   7.812   1.00 38.21 ? 169 LYS A CB  1 
ATOM   447  C CG  . LYS A 1 62 ? 0.754   8.081   9.254   1.00 49.26 ? 169 LYS A CG  1 
ATOM   448  C CD  . LYS A 1 62 ? -0.636  7.847   9.882   1.00 52.39 ? 169 LYS A CD  1 
ATOM   449  C CE  . LYS A 1 62 ? -0.536  6.712   10.911  1.00 58.13 ? 169 LYS A CE  1 
ATOM   450  N NZ  . LYS A 1 62 ? -1.638  6.724   11.909  1.00 61.71 ? 169 LYS A NZ  1 
ATOM   451  N N   . SER A 1 63 ? 0.886   10.595  5.502   1.00 31.29 ? 170 SER A N   1 
ATOM   452  C CA  . SER A 1 63 ? 1.662   11.472  4.620   1.00 33.80 ? 170 SER A CA  1 
ATOM   453  C C   . SER A 1 63 ? 1.016   12.861  4.488   1.00 34.68 ? 170 SER A C   1 
ATOM   454  O O   . SER A 1 63 ? 1.633   13.779  3.973   1.00 32.71 ? 170 SER A O   1 
ATOM   455  C CB  . SER A 1 63 ? 1.816   10.866  3.246   1.00 30.44 ? 170 SER A CB  1 
ATOM   456  O OG  . SER A 1 63 ? 0.615   10.904  2.553   1.00 34.12 ? 170 SER A OG  1 
ATOM   457  N N   . ASP A 1 64 ? -0.241  12.975  4.915   1.00 32.23 ? 171 ASP A N   1 
ATOM   458  C CA  . ASP A 1 64 ? -1.030  14.160  4.773   1.00 35.52 ? 171 ASP A CA  1 
ATOM   459  C C   . ASP A 1 64 ? -0.991  14.706  3.324   1.00 32.88 ? 171 ASP A C   1 
ATOM   460  O O   . ASP A 1 64 ? -0.556  15.825  3.088   1.00 38.95 ? 171 ASP A O   1 
ATOM   461  C CB  . ASP A 1 64 ? -0.601  15.186  5.827   1.00 38.45 ? 171 ASP A CB  1 
ATOM   462  C CG  . ASP A 1 64 ? -1.575  16.371  5.938   1.00 45.32 ? 171 ASP A CG  1 
ATOM   463  O OD1 . ASP A 1 64 ? -2.772  16.276  5.558   1.00 46.66 ? 171 ASP A OD1 1 
ATOM   464  O OD2 . ASP A 1 64 ? -1.104  17.421  6.389   1.00 52.36 ? 171 ASP A OD2 1 
ATOM   465  N N   . SER A 1 65 ? -1.437  13.898  2.372   1.00 30.58 ? 172 SER A N   1 
ATOM   466  C CA  . SER A 1 65 ? -1.365  14.248  0.974   1.00 31.92 ? 172 SER A CA  1 
ATOM   467  C C   . SER A 1 65 ? -2.266  13.418  0.110   1.00 30.20 ? 172 SER A C   1 
ATOM   468  O O   . SER A 1 65 ? -2.674  12.347  0.494   1.00 30.00 ? 172 SER A O   1 
ATOM   469  C CB  . SER A 1 65 ? 0.094   14.117  0.472   1.00 33.53 ? 172 SER A CB  1 
ATOM   470  O OG  . SER A 1 65 ? 0.498   12.761  0.343   1.00 33.85 ? 172 SER A OG  1 
ATOM   471  N N   . CYS A 1 66 ? -2.540  13.918  -1.084  1.00 29.05 ? 173 CYS A N   1 
ATOM   472  C CA  A CYS A 1 66 ? -3.478  13.280  -1.986  0.50 29.10 ? 173 CYS A CA  1 
ATOM   473  C CA  B CYS A 1 66 ? -3.496  13.290  -1.986  0.50 31.49 ? 173 CYS A CA  1 
ATOM   474  C C   . CYS A 1 66 ? -2.744  12.570  -3.103  1.00 29.74 ? 173 CYS A C   1 
ATOM   475  O O   . CYS A 1 66 ? -1.638  12.965  -3.450  1.00 25.92 ? 173 CYS A O   1 
ATOM   476  C CB  A CYS A 1 66 ? -4.452  14.325  -2.540  0.50 28.47 ? 173 CYS A CB  1 
ATOM   477  C CB  B CYS A 1 66 ? -4.481  14.340  -2.559  0.50 33.55 ? 173 CYS A CB  1 
ATOM   478  S SG  A CYS A 1 66 ? -5.570  14.881  -1.245  0.50 24.63 ? 173 CYS A SG  1 
ATOM   479  S SG  B CYS A 1 66 ? -6.186  13.746  -2.750  0.50 36.03 ? 173 CYS A SG  1 
ATOM   480  N N   . ARG A 1 67 ? -3.361  11.519  -3.644  1.00 26.17 ? 174 ARG A N   1 
ATOM   481  C CA  . ARG A 1 67 ? -2.760  10.779  -4.765  1.00 28.28 ? 174 ARG A CA  1 
ATOM   482  C C   . ARG A 1 67 ? -3.825  10.125  -5.579  1.00 27.44 ? 174 ARG A C   1 
ATOM   483  O O   . ARG A 1 67 ? -4.929  9.980   -5.103  1.00 26.06 ? 174 ARG A O   1 
ATOM   484  C CB  . ARG A 1 67 ? -1.705  9.738   -4.318  1.00 27.17 ? 174 ARG A CB  1 
ATOM   485  C CG  . ARG A 1 67 ? -2.217  8.405   -3.821  1.00 25.85 ? 174 ARG A CG  1 
ATOM   486  C CD  . ARG A 1 67 ? -1.082  7.641   -3.146  1.00 27.13 ? 174 ARG A CD  1 
ATOM   487  N NE  . ARG A 1 67 ? -1.489  6.273   -2.824  1.00 27.16 ? 174 ARG A NE  1 
ATOM   488  C CZ  . ARG A 1 67 ? -2.280  5.935   -1.795  1.00 28.21 ? 174 ARG A CZ  1 
ATOM   489  N NH1 . ARG A 1 67 ? -2.708  6.838   -0.942  1.00 29.82 ? 174 ARG A NH1 1 
ATOM   490  N NH2 . ARG A 1 67 ? -2.624  4.682   -1.614  1.00 27.35 ? 174 ARG A NH2 1 
ATOM   491  N N   . GLU A 1 68 ? -3.461  9.757   -6.805  1.00 25.53 ? 175 GLU A N   1 
ATOM   492  C CA  . GLU A 1 68 ? -4.315  9.053   -7.754  1.00 27.40 ? 175 GLU A CA  1 
ATOM   493  C C   . GLU A 1 68 ? -4.154  7.554   -7.490  1.00 26.18 ? 175 GLU A C   1 
ATOM   494  O O   . GLU A 1 68 ? -3.052  7.081   -7.310  1.00 25.72 ? 175 GLU A O   1 
ATOM   495  C CB  . GLU A 1 68 ? -3.811  9.393   -9.145  1.00 33.00 ? 175 GLU A CB  1 
ATOM   496  C CG  . GLU A 1 68 ? -4.656  9.156   -10.376 1.00 36.77 ? 175 GLU A CG  1 
ATOM   497  C CD  . GLU A 1 68 ? -3.829  9.421   -11.696 1.00 41.89 ? 175 GLU A CD  1 
ATOM   498  O OE1 . GLU A 1 68 ? -2.710  10.047  -11.736 1.00 36.45 ? 175 GLU A OE1 1 
ATOM   499  O OE2 . GLU A 1 68 ? -4.311  8.982   -12.747 1.00 53.12 ? 175 GLU A OE2 1 
ATOM   500  N N   . VAL A 1 69 ? -5.227  6.786   -7.510  1.00 23.81 ? 176 VAL A N   1 
ATOM   501  C CA  . VAL A 1 69 ? -5.093  5.319   -7.453  1.00 26.05 ? 176 VAL A CA  1 
ATOM   502  C C   . VAL A 1 69 ? -6.015  4.664   -8.483  1.00 23.84 ? 176 VAL A C   1 
ATOM   503  O O   . VAL A 1 69 ? -7.092  5.172   -8.745  1.00 24.81 ? 176 VAL A O   1 
ATOM   504  C CB  . VAL A 1 69 ? -5.394  4.823   -5.975  1.00 29.05 ? 176 VAL A CB  1 
ATOM   505  C CG1 . VAL A 1 69 ? -5.731  3.353   -5.908  1.00 31.29 ? 176 VAL A CG1 1 
ATOM   506  C CG2 . VAL A 1 69 ? -4.223  5.125   -5.023  1.00 29.61 ? 176 VAL A CG2 1 
ATOM   507  N N   . THR A 1 70 ? -5.613  3.502   -9.019  1.00 24.93 ? 177 THR A N   1 
ATOM   508  C CA  . THR A 1 70 ? -6.364  2.831   -10.079 1.00 23.82 ? 177 THR A CA  1 
ATOM   509  C C   . THR A 1 70 ? -6.716  1.500   -9.598  1.00 23.21 ? 177 THR A C   1 
ATOM   510  O O   . THR A 1 70 ? -5.861  0.757   -9.161  1.00 21.84 ? 177 THR A O   1 
ATOM   511  C CB  . THR A 1 70 ? -5.600  2.688   -11.397 1.00 25.61 ? 177 THR A CB  1 
ATOM   512  O OG1 . THR A 1 70 ? -5.213  3.988   -11.836 1.00 31.77 ? 177 THR A OG1 1 
ATOM   513  C CG2 . THR A 1 70 ? -6.460  2.035   -12.453 1.00 26.96 ? 177 THR A CG2 1 
ATOM   514  N N   . VAL A 1 71 ? -8.001  1.181   -9.711  1.00 25.59 ? 178 VAL A N   1 
ATOM   515  C CA  . VAL A 1 71 ? -8.521  -0.053  -9.200  1.00 26.18 ? 178 VAL A CA  1 
ATOM   516  C C   . VAL A 1 71 ? -9.431  -0.743  -10.213 1.00 27.91 ? 178 VAL A C   1 
ATOM   517  O O   . VAL A 1 71 ? -10.309 -0.112  -10.879 1.00 26.54 ? 178 VAL A O   1 
ATOM   518  C CB  . VAL A 1 71 ? -9.199  0.192   -7.825  1.00 26.18 ? 178 VAL A CB  1 
ATOM   519  C CG1 . VAL A 1 71 ? -10.441 1.092   -7.912  1.00 28.52 ? 178 VAL A CG1 1 
ATOM   520  C CG2 . VAL A 1 71 ? -9.543  -1.123  -7.178  1.00 27.61 ? 178 VAL A CG2 1 
ATOM   521  N N   . THR A 1 72 ? -9.286  -2.062  -10.303 1.00 26.48 ? 179 THR A N   1 
ATOM   522  C CA  . THR A 1 72 ? -10.232 -2.780  -11.096 1.00 27.29 ? 179 THR A CA  1 
ATOM   523  C C   . THR A 1 72 ? -11.061 -3.664  -10.187 1.00 24.04 ? 179 THR A C   1 
ATOM   524  O O   . THR A 1 72 ? -10.604 -4.706  -9.852  1.00 24.25 ? 179 THR A O   1 
ATOM   525  C CB  . THR A 1 72 ? -9.514  -3.537  -12.243 1.00 29.48 ? 179 THR A CB  1 
ATOM   526  O OG1 . THR A 1 72 ? -8.713  -2.600  -12.925 1.00 26.53 ? 179 THR A OG1 1 
ATOM   527  C CG2 . THR A 1 72 ? -10.498 -4.157  -13.238 1.00 28.86 ? 179 THR A CG2 1 
ATOM   528  N N   . PRO A 1 73 ? -12.308 -3.251  -9.848  1.00 24.09 ? 180 PRO A N   1 
ATOM   529  C CA  . PRO A 1 73 ? -13.172 -4.191  -9.114  1.00 25.52 ? 180 PRO A CA  1 
ATOM   530  C C   . PRO A 1 73 ? -13.339 -5.534  -9.887  1.00 25.99 ? 180 PRO A C   1 
ATOM   531  O O   . PRO A 1 73 ? -13.318 -5.576  -11.136 1.00 23.48 ? 180 PRO A O   1 
ATOM   532  C CB  . PRO A 1 73 ? -14.518 -3.433  -8.970  1.00 26.27 ? 180 PRO A CB  1 
ATOM   533  C CG  . PRO A 1 73 ? -14.249 -1.979  -9.372  1.00 25.06 ? 180 PRO A CG  1 
ATOM   534  C CD  . PRO A 1 73 ? -12.987 -1.963  -10.166 1.00 23.98 ? 180 PRO A CD  1 
ATOM   535  N N   . ASN A 1 74 ? -13.468 -6.624  -9.130  1.00 26.06 ? 181 ASN A N   1 
ATOM   536  C CA  . ASN A 1 74 ? -13.521 -7.942  -9.652  1.00 21.82 ? 181 ASN A CA  1 
ATOM   537  C C   . ASN A 1 74 ? -14.168 -8.797  -8.591  1.00 23.16 ? 181 ASN A C   1 
ATOM   538  O O   . ASN A 1 74 ? -13.522 -9.249  -7.681  1.00 23.28 ? 181 ASN A O   1 
ATOM   539  C CB  . ASN A 1 74 ? -12.094 -8.356  -9.980  1.00 25.22 ? 181 ASN A CB  1 
ATOM   540  C CG  . ASN A 1 74 ? -11.958 -9.775  -10.496 1.00 25.64 ? 181 ASN A CG  1 
ATOM   541  O OD1 . ASN A 1 74 ? -12.966 -10.476 -10.770 1.00 29.89 ? 181 ASN A OD1 1 
ATOM   542  N ND2 . ASN A 1 74 ? -10.691 -10.228 -10.590 1.00 22.32 ? 181 ASN A ND2 1 
ATOM   543  N N   . ALA A 1 75 ? -15.444 -9.112  -8.782  1.00 22.12 ? 182 ALA A N   1 
ATOM   544  C CA  . ALA A 1 75 ? -16.193 -9.976  -7.894  1.00 27.45 ? 182 ALA A CA  1 
ATOM   545  C C   . ALA A 1 75 ? -15.587 -11.365 -7.852  1.00 27.59 ? 182 ALA A C   1 
ATOM   546  O O   . ALA A 1 75 ? -15.723 -12.048 -6.869  1.00 30.67 ? 182 ALA A O   1 
ATOM   547  C CB  . ALA A 1 75 ? -17.653 -10.021 -8.311  1.00 27.46 ? 182 ALA A CB  1 
ATOM   548  N N   . ALA A 1 76 ? -14.825 -11.717 -8.892  1.00 29.96 ? 183 ALA A N   1 
ATOM   549  C CA  . ALA A 1 76 ? -14.203 -13.028 -8.998  1.00 29.17 ? 183 ALA A CA  1 
ATOM   550  C C   . ALA A 1 76 ? -12.769 -13.016 -8.523  1.00 28.84 ? 183 ALA A C   1 
ATOM   551  O O   . ALA A 1 76 ? -12.077 -13.965 -8.799  1.00 28.07 ? 183 ALA A O   1 
ATOM   552  C CB  . ALA A 1 76 ? -14.267 -13.509 -10.437 1.00 27.54 ? 183 ALA A CB  1 
ATOM   553  N N   . TRP A 1 77 ? -12.314 -12.005 -7.771  1.00 26.71 ? 184 TRP A N   1 
ATOM   554  C CA  . TRP A 1 77 ? -10.941 -12.016 -7.326  1.00 22.96 ? 184 TRP A CA  1 
ATOM   555  C C   . TRP A 1 77 ? -10.616 -13.207 -6.413  1.00 24.48 ? 184 TRP A C   1 
ATOM   556  O O   . TRP A 1 77 ? -9.464  -13.538 -6.255  1.00 20.10 ? 184 TRP A O   1 
ATOM   557  C CB  . TRP A 1 77 ? -10.597 -10.687 -6.677  1.00 27.36 ? 184 TRP A CB  1 
ATOM   558  C CG  . TRP A 1 77 ? -11.091 -10.479 -5.253  1.00 28.60 ? 184 TRP A CG  1 
ATOM   559  C CD1 . TRP A 1 77 ? -12.289 -9.934  -4.852  1.00 29.68 ? 184 TRP A CD1 1 
ATOM   560  C CD2 . TRP A 1 77 ? -10.362 -10.763 -4.053  1.00 28.46 ? 184 TRP A CD2 1 
ATOM   561  N NE1 . TRP A 1 77 ? -12.351 -9.886  -3.477  1.00 31.33 ? 184 TRP A NE1 1 
ATOM   562  C CE2 . TRP A 1 77 ? -11.187 -10.394 -2.961  1.00 28.21 ? 184 TRP A CE2 1 
ATOM   563  C CE3 . TRP A 1 77 ? -9.098  -11.304 -3.793  1.00 30.55 ? 184 TRP A CE3 1 
ATOM   564  C CZ2 . TRP A 1 77 ? -10.788 -10.558 -1.624  1.00 30.52 ? 184 TRP A CZ2 1 
ATOM   565  C CZ3 . TRP A 1 77 ? -8.685  -11.474 -2.436  1.00 29.63 ? 184 TRP A CZ3 1 
ATOM   566  C CH2 . TRP A 1 77 ? -9.538  -11.119 -1.377  1.00 30.49 ? 184 TRP A CH2 1 
ATOM   567  N N   . GLY A 1 78 ? -11.629 -13.859 -5.822  1.00 23.83 ? 185 GLY A N   1 
ATOM   568  C CA  . GLY A 1 78 ? -11.393 -15.023 -4.940  1.00 27.52 ? 185 GLY A CA  1 
ATOM   569  C C   . GLY A 1 78 ? -11.947 -14.966 -3.535  1.00 27.61 ? 185 GLY A C   1 
ATOM   570  O O   . GLY A 1 78 ? -12.337 -16.008 -3.001  1.00 27.04 ? 185 GLY A O   1 
ATOM   571  N N   . GLY A 1 79 ? -11.917 -13.766 -2.946  1.00 28.48 ? 186 GLY A N   1 
ATOM   572  C CA  . GLY A 1 79 ? -12.628 -13.441 -1.690  1.00 31.72 ? 186 GLY A CA  1 
ATOM   573  C C   . GLY A 1 79 ? -13.965 -12.707 -1.849  1.00 34.70 ? 186 GLY A C   1 
ATOM   574  O O   . GLY A 1 79 ? -14.625 -12.757 -2.947  1.00 30.55 ? 186 GLY A O   1 
ATOM   575  N N   . GLU A 1 80 ? -14.353 -12.058 -0.734  1.00 32.30 ? 187 GLU A N   1 
ATOM   576  C CA  . GLU A 1 80 ? -15.606 -11.343 -0.557  1.00 31.09 ? 187 GLU A CA  1 
ATOM   577  C C   . GLU A 1 80 ? -15.583 -10.034 -1.274  1.00 28.46 ? 187 GLU A C   1 
ATOM   578  O O   . GLU A 1 80 ? -14.573 -9.373  -1.322  1.00 28.78 ? 187 GLU A O   1 
ATOM   579  C CB  . GLU A 1 80 ? -15.893 -11.008 0.908   1.00 38.99 ? 187 GLU A CB  1 
ATOM   580  C CG  . GLU A 1 80 ? -16.548 -12.095 1.758   1.00 44.90 ? 187 GLU A CG  1 
ATOM   581  C CD  . GLU A 1 80 ? -17.064 -11.578 3.151   1.00 58.89 ? 187 GLU A CD  1 
ATOM   582  O OE1 . GLU A 1 80 ? -16.945 -10.353 3.503   1.00 65.37 ? 187 GLU A OE1 1 
ATOM   583  O OE2 . GLU A 1 80 ? -17.605 -12.418 3.920   1.00 58.30 ? 187 GLU A OE2 1 
ATOM   584  N N   . GLY A 1 81 ? -16.723 -9.665  -1.855  1.00 25.93 ? 188 GLY A N   1 
ATOM   585  C CA  . GLY A 1 81 ? -16.848 -8.378  -2.541  1.00 25.30 ? 188 GLY A CA  1 
ATOM   586  C C   . GLY A 1 81 ? -16.134 -8.309  -3.870  1.00 24.31 ? 188 GLY A C   1 
ATOM   587  O O   . GLY A 1 81 ? -15.822 -9.386  -4.479  1.00 21.61 ? 188 GLY A O   1 
ATOM   588  N N   . SER A 1 82 ? -15.961 -7.048  -4.315  1.00 20.16 ? 189 SER A N   1 
ATOM   589  C CA  . SER A 1 82 ? -15.276 -6.677  -5.560  1.00 21.38 ? 189 SER A CA  1 
ATOM   590  C C   . SER A 1 82 ? -13.940 -5.924  -5.386  1.00 22.34 ? 189 SER A C   1 
ATOM   591  O O   . SER A 1 82 ? -13.122 -5.876  -6.279  1.00 19.35 ? 189 SER A O   1 
ATOM   592  C CB  . SER A 1 82 ? -16.225 -5.833  -6.417  1.00 23.27 ? 189 SER A CB  1 
ATOM   593  O OG  . SER A 1 82 ? -17.206 -6.686  -6.997  1.00 22.97 ? 189 SER A OG  1 
ATOM   594  N N   . LEU A 1 83 ? -13.750 -5.282  -4.238  1.00 24.13 ? 190 LEU A N   1 
ATOM   595  C CA  . LEU A 1 83 ? -12.482 -4.641  -3.909  1.00 23.96 ? 190 LEU A CA  1 
ATOM   596  C C   . LEU A 1 83 ? -11.667 -5.513  -2.939  1.00 22.02 ? 190 LEU A C   1 
ATOM   597  O O   . LEU A 1 83 ? -10.469 -5.487  -2.975  1.00 21.21 ? 190 LEU A O   1 
ATOM   598  C CB  . LEU A 1 83 ? -12.717 -3.282  -3.275  1.00 24.84 ? 190 LEU A CB  1 
ATOM   599  C CG  . LEU A 1 83 ? -13.293 -2.161  -4.074  1.00 27.60 ? 190 LEU A CG  1 
ATOM   600  C CD1 . LEU A 1 83 ? -13.095 -0.900  -3.286  1.00 31.71 ? 190 LEU A CD1 1 
ATOM   601  C CD2 . LEU A 1 83 ? -12.570 -2.006  -5.384  1.00 28.80 ? 190 LEU A CD2 1 
ATOM   602  N N   . GLY A 1 84 ? -12.313 -6.258  -2.082  1.00 22.46 ? 191 GLY A N   1 
ATOM   603  C CA  . GLY A 1 84 ? -11.622 -6.984  -1.007  1.00 26.15 ? 191 GLY A CA  1 
ATOM   604  C C   . GLY A 1 84 ? -11.091 -6.073  0.124   1.00 27.23 ? 191 GLY A C   1 
ATOM   605  O O   . GLY A 1 84 ? -10.152 -6.457  0.827   1.00 27.92 ? 191 GLY A O   1 
ATOM   606  N N   . CYS A 1 85 ? -11.673 -4.886  0.294   1.00 24.72 ? 192 CYS A N   1 
ATOM   607  C CA  . CYS A 1 85 ? -11.543 -4.172  1.539   1.00 27.34 ? 192 CYS A CA  1 
ATOM   608  C C   . CYS A 1 85 ? -12.855 -3.886  2.320   1.00 28.20 ? 192 CYS A C   1 
ATOM   609  O O   . CYS A 1 85 ? -13.984 -3.896  1.772   1.00 27.33 ? 192 CYS A O   1 
ATOM   610  C CB  . CYS A 1 85 ? -10.806 -2.885  1.291   1.00 29.68 ? 192 CYS A CB  1 
ATOM   611  S SG  . CYS A 1 85 ? -11.552 -1.682  0.151   1.00 32.50 ? 192 CYS A SG  1 
ATOM   612  N N   . GLY A 1 86 ? -12.683 -3.641  3.614   1.00 22.79 ? 193 GLY A N   1 
ATOM   613  C CA  . GLY A 1 86 ? -13.670 -2.897  4.378   1.00 22.56 ? 193 GLY A CA  1 
ATOM   614  C C   . GLY A 1 86 ? -13.610 -1.371  4.092   1.00 21.36 ? 193 GLY A C   1 
ATOM   615  O O   . GLY A 1 86 ? -12.565 -0.811  3.805   1.00 19.47 ? 193 GLY A O   1 
ATOM   616  N N   . ILE A 1 87 ? -14.753 -0.733  4.233   1.00 20.22 ? 194 ILE A N   1 
ATOM   617  C CA  . ILE A 1 87 ? -14.951 0.697   4.064   1.00 19.57 ? 194 ILE A CA  1 
ATOM   618  C C   . ILE A 1 87 ? -15.809 1.270   5.188   1.00 18.78 ? 194 ILE A C   1 
ATOM   619  O O   . ILE A 1 87 ? -16.819 0.675   5.556   1.00 17.53 ? 194 ILE A O   1 
ATOM   620  C CB  . ILE A 1 87 ? -15.681 0.965   2.734   1.00 22.52 ? 194 ILE A CB  1 
ATOM   621  C CG1 . ILE A 1 87 ? -14.795 0.538   1.549   1.00 26.55 ? 194 ILE A CG1 1 
ATOM   622  C CG2 . ILE A 1 87 ? -16.033 2.428   2.582   1.00 23.60 ? 194 ILE A CG2 1 
ATOM   623  C CD1 . ILE A 1 87 ? -13.528 1.386   1.283   1.00 25.50 ? 194 ILE A CD1 1 
ATOM   624  N N   . GLY A 1 88 ? -15.410 2.424   5.722   1.00 17.03 ? 195 GLY A N   1 
ATOM   625  C CA  . GLY A 1 88 ? -16.185 3.156   6.680   1.00 18.95 ? 195 GLY A CA  1 
ATOM   626  C C   . GLY A 1 88 ? -16.589 4.535   6.209   1.00 18.05 ? 195 GLY A C   1 
ATOM   627  O O   . GLY A 1 88 ? -15.960 5.082   5.342   1.00 17.30 ? 195 GLY A O   1 
ATOM   628  N N   . TYR A 1 89 ? -17.648 5.053   6.806   1.00 15.41 ? 196 TYR A N   1 
ATOM   629  C CA  . TYR A 1 89 ? -18.188 6.330   6.440   1.00 17.51 ? 196 TYR A CA  1 
ATOM   630  C C   . TYR A 1 89 ? -17.549 7.423   7.264   1.00 15.21 ? 196 TYR A C   1 
ATOM   631  O O   . TYR A 1 89 ? -17.664 7.418   8.479   1.00 13.44 ? 196 TYR A O   1 
ATOM   632  C CB  . TYR A 1 89 ? -19.723 6.361   6.634   1.00 21.56 ? 196 TYR A CB  1 
ATOM   633  C CG  . TYR A 1 89 ? -20.397 7.519   5.890   1.00 27.33 ? 196 TYR A CG  1 
ATOM   634  C CD1 . TYR A 1 89 ? -20.468 7.534   4.524   1.00 33.96 ? 196 TYR A CD1 1 
ATOM   635  C CD2 . TYR A 1 89 ? -20.952 8.573   6.565   1.00 29.80 ? 196 TYR A CD2 1 
ATOM   636  C CE1 . TYR A 1 89 ? -21.082 8.580   3.853   1.00 40.38 ? 196 TYR A CE1 1 
ATOM   637  C CE2 . TYR A 1 89 ? -21.576 9.618   5.913   1.00 33.42 ? 196 TYR A CE2 1 
ATOM   638  C CZ  . TYR A 1 89 ? -21.632 9.628   4.569   1.00 39.00 ? 196 TYR A CZ  1 
ATOM   639  O OH  . TYR A 1 89 ? -22.226 10.688  3.970   1.00 44.72 ? 196 TYR A OH  1 
ATOM   640  N N   . GLY A 1 90 ? -16.860 8.343   6.581   1.00 15.99 ? 197 GLY A N   1 
ATOM   641  C CA  . GLY A 1 90 ? -16.122 9.415   7.176   1.00 15.79 ? 197 GLY A CA  1 
ATOM   642  C C   . GLY A 1 90 ? -14.815 8.950   7.791   1.00 16.79 ? 197 GLY A C   1 
ATOM   643  O O   . GLY A 1 90 ? -13.773 9.059   7.191   1.00 16.56 ? 197 GLY A O   1 
ATOM   644  N N   . TYR A 1 91 ? -14.934 8.379   9.001   1.00 15.74 ? 198 TYR A N   1 
ATOM   645  C CA  . TYR A 1 91 ? -13.782 8.012   9.803   1.00 16.27 ? 198 TYR A CA  1 
ATOM   646  C C   . TYR A 1 91 ? -14.255 7.084   10.863  1.00 14.67 ? 198 TYR A C   1 
ATOM   647  O O   . TYR A 1 91 ? -15.216 7.384   11.541  1.00 16.85 ? 198 TYR A O   1 
ATOM   648  C CB  . TYR A 1 91 ? -13.147 9.262   10.451  1.00 15.26 ? 198 TYR A CB  1 
ATOM   649  C CG  . TYR A 1 91 ? -12.031 8.931   11.460  1.00 14.35 ? 198 TYR A CG  1 
ATOM   650  C CD1 . TYR A 1 91 ? -10.703 8.727   11.030  1.00 13.25 ? 198 TYR A CD1 1 
ATOM   651  C CD2 . TYR A 1 91 ? -12.301 8.841   12.813  1.00 14.87 ? 198 TYR A CD2 1 
ATOM   652  C CE1 . TYR A 1 91 ? -9.713  8.373   11.891  1.00 13.96 ? 198 TYR A CE1 1 
ATOM   653  C CE2 . TYR A 1 91 ? -11.283 8.523   13.728  1.00 15.17 ? 198 TYR A CE2 1 
ATOM   654  C CZ  . TYR A 1 91 ? -9.990  8.321   13.254  1.00 15.24 ? 198 TYR A CZ  1 
ATOM   655  O OH  . TYR A 1 91 ? -9.027  8.007   14.142  1.00 14.80 ? 198 TYR A OH  1 
ATOM   656  N N   . LEU A 1 92 ? -13.588 5.962   11.016  1.00 15.66 ? 199 LEU A N   1 
ATOM   657  C CA  . LEU A 1 92 ? -13.774 5.046   12.164  1.00 16.25 ? 199 LEU A CA  1 
ATOM   658  C C   . LEU A 1 92 ? -12.521 5.055   12.990  1.00 16.28 ? 199 LEU A C   1 
ATOM   659  O O   . LEU A 1 92 ? -11.468 4.927   12.436  1.00 13.81 ? 199 LEU A O   1 
ATOM   660  C CB  . LEU A 1 92 ? -14.057 3.614   11.695  1.00 15.15 ? 199 LEU A CB  1 
ATOM   661  C CG  . LEU A 1 92 ? -15.200 3.478   10.726  1.00 14.92 ? 199 LEU A CG  1 
ATOM   662  C CD1 . LEU A 1 92 ? -15.334 2.031   10.382  1.00 14.95 ? 199 LEU A CD1 1 
ATOM   663  C CD2 . LEU A 1 92 ? -16.500 3.921   11.337  1.00 14.83 ? 199 LEU A CD2 1 
ATOM   664  N N   . HIS A 1 93 ? -12.635 5.150   14.313  1.00 18.11 ? 200 HIS A N   1 
ATOM   665  C CA  . HIS A 1 93 ? -11.472 5.314   15.150  1.00 19.37 ? 200 HIS A CA  1 
ATOM   666  C C   . HIS A 1 93 ? -10.772 4.021   15.552  1.00 17.65 ? 200 HIS A C   1 
ATOM   667  O O   . HIS A 1 93 ? -11.171 3.357   16.444  1.00 18.05 ? 200 HIS A O   1 
ATOM   668  C CB  . HIS A 1 93 ? -11.820 6.153   16.416  1.00 20.68 ? 200 HIS A CB  1 
ATOM   669  C CG  . HIS A 1 93 ? -10.597 6.628   17.141  1.00 21.79 ? 200 HIS A CG  1 
ATOM   670  N ND1 . HIS A 1 93 ? -9.642  7.400   16.527  1.00 23.82 ? 200 HIS A ND1 1 
ATOM   671  C CD2 . HIS A 1 93 ? -10.159 6.423   18.408  1.00 22.50 ? 200 HIS A CD2 1 
ATOM   672  C CE1 . HIS A 1 93 ? -8.670  7.649   17.390  1.00 26.52 ? 200 HIS A CE1 1 
ATOM   673  N NE2 . HIS A 1 93 ? -8.975  7.083   18.542  1.00 21.12 ? 200 HIS A NE2 1 
ATOM   674  N N   . ARG A 1 94 ? -9.647  3.730   14.948  1.00 20.12 ? 201 ARG A N   1 
ATOM   675  C CA  . ARG A 1 94 ? -8.888  2.500   15.191  1.00 22.47 ? 201 ARG A CA  1 
ATOM   676  C C   . ARG A 1 94 ? -7.769  2.721   16.190  1.00 23.96 ? 201 ARG A C   1 
ATOM   677  O O   . ARG A 1 94 ? -7.077  3.668   16.055  1.00 28.70 ? 201 ARG A O   1 
ATOM   678  C CB  . ARG A 1 94 ? -8.314  1.989   13.904  1.00 24.63 ? 201 ARG A CB  1 
ATOM   679  C CG  . ARG A 1 94 ? -7.376  0.855   14.101  1.00 27.05 ? 201 ARG A CG  1 
ATOM   680  C CD  . ARG A 1 94 ? -6.738  0.636   12.790  1.00 29.67 ? 201 ARG A CD  1 
ATOM   681  N NE  . ARG A 1 94 ? -5.969  -0.595  12.772  1.00 28.56 ? 201 ARG A NE  1 
ATOM   682  C CZ  . ARG A 1 94 ? -4.679  -0.678  13.036  1.00 26.24 ? 201 ARG A CZ  1 
ATOM   683  N NH1 . ARG A 1 94 ? -4.002  0.356   13.417  1.00 30.43 ? 201 ARG A NH1 1 
ATOM   684  N NH2 . ARG A 1 94 ? -4.090  -1.837  12.996  1.00 26.11 ? 201 ARG A NH2 1 
ATOM   685  N N   . ILE A 1 95 ? -7.640  1.885   17.218  1.00 22.80 ? 202 ILE A N   1 
ATOM   686  C CA  . ILE A 1 95 ? -6.606  2.001   18.206  1.00 25.88 ? 202 ILE A CA  1 
ATOM   687  C C   . ILE A 1 95 ? -5.606  0.886   17.880  1.00 26.64 ? 202 ILE A C   1 
ATOM   688  O O   . ILE A 1 95 ? -5.991  -0.298  17.867  1.00 26.18 ? 202 ILE A O   1 
ATOM   689  C CB  . ILE A 1 95 ? -7.173  1.792   19.642  1.00 30.81 ? 202 ILE A CB  1 
ATOM   690  C CG1 . ILE A 1 95 ? -8.318  2.756   19.895  1.00 30.96 ? 202 ILE A CG1 1 
ATOM   691  C CG2 . ILE A 1 95 ? -6.119  2.006   20.721  1.00 29.66 ? 202 ILE A CG2 1 
ATOM   692  C CD1 . ILE A 1 95 ? -9.324  2.189   20.828  1.00 32.17 ? 202 ILE A CD1 1 
ATOM   693  N N   . PRO A 1 96 ? -4.349  1.238   17.555  1.00 28.63 ? 203 PRO A N   1 
ATOM   694  C CA  . PRO A 1 96 ? -3.355  0.209   17.301  1.00 31.99 ? 203 PRO A CA  1 
ATOM   695  C C   . PRO A 1 96 ? -3.052  -0.458  18.629  1.00 32.62 ? 203 PRO A C   1 
ATOM   696  O O   . PRO A 1 96 ? -2.883  0.228   19.594  1.00 34.39 ? 203 PRO A O   1 
ATOM   697  C CB  . PRO A 1 96 ? -2.113  0.988   16.805  1.00 31.77 ? 203 PRO A CB  1 
ATOM   698  C CG  . PRO A 1 96 ? -2.543  2.427   16.699  1.00 33.02 ? 203 PRO A CG  1 
ATOM   699  C CD  . PRO A 1 96 ? -3.731  2.579   17.591  1.00 31.69 ? 203 PRO A CD  1 
ATOM   700  N N   . THR A 1 97 ? -3.052  -1.781  18.666  1.00 36.09 ? 204 THR A N   1 
ATOM   701  C CA  . THR A 1 97 ? -2.847  -2.533  19.891  1.00 38.90 ? 204 THR A CA  1 
ATOM   702  C C   . THR A 1 97 ? -1.802  -3.634  19.666  1.00 38.77 ? 204 THR A C   1 
ATOM   703  O O   . THR A 1 97 ? -1.487  -4.002  18.527  1.00 31.15 ? 204 THR A O   1 
ATOM   704  C CB  . THR A 1 97 ? -4.206  -3.071  20.358  1.00 44.66 ? 204 THR A CB  1 
ATOM   705  O OG1 . THR A 1 97 ? -5.103  -1.956  20.520  1.00 47.05 ? 204 THR A OG1 1 
ATOM   706  C CG2 . THR A 1 97 ? -4.106  -3.833  21.670  1.00 46.68 ? 204 THR A CG2 1 
ATOM   707  O OXT . THR A 1 97 ? -1.220  -4.169  20.643  1.00 39.83 ? 204 THR A OXT 1 
ATOM   708  N N   . GLU B 1 3  ? 16.728  -15.449 -7.643  1.00 77.20 ? 110 GLU B N   1 
ATOM   709  C CA  . GLU B 1 3  ? 17.238  -15.992 -6.344  1.00 72.40 ? 110 GLU B CA  1 
ATOM   710  C C   . GLU B 1 3  ? 17.777  -14.918 -5.397  1.00 65.71 ? 110 GLU B C   1 
ATOM   711  O O   . GLU B 1 3  ? 18.277  -15.282 -4.346  1.00 66.48 ? 110 GLU B O   1 
ATOM   712  C CB  . GLU B 1 3  ? 18.343  -17.046 -6.566  1.00 80.45 ? 110 GLU B CB  1 
ATOM   713  C CG  . GLU B 1 3  ? 17.855  -18.407 -7.065  1.00 90.14 ? 110 GLU B CG  1 
ATOM   714  C CD  . GLU B 1 3  ? 17.498  -18.429 -8.549  1.00 96.37 ? 110 GLU B CD  1 
ATOM   715  O OE1 . GLU B 1 3  ? 16.779  -19.362 -8.979  1.00 91.87 ? 110 GLU B OE1 1 
ATOM   716  O OE2 . GLU B 1 3  ? 17.916  -17.506 -9.290  1.00 99.61 ? 110 GLU B OE2 1 
ATOM   717  N N   . GLN B 1 4  ? 17.687  -13.624 -5.743  1.00 55.19 ? 111 GLN B N   1 
ATOM   718  C CA  . GLN B 1 4  ? 18.204  -12.537 -4.886  1.00 50.59 ? 111 GLN B CA  1 
ATOM   719  C C   . GLN B 1 4  ? 17.276  -12.115 -3.750  1.00 41.34 ? 111 GLN B C   1 
ATOM   720  O O   . GLN B 1 4  ? 16.081  -12.308 -3.800  1.00 40.38 ? 111 GLN B O   1 
ATOM   721  C CB  . GLN B 1 4  ? 18.581  -11.322 -5.725  1.00 59.02 ? 111 GLN B CB  1 
ATOM   722  C CG  . GLN B 1 4  ? 17.418  -10.470 -6.238  1.00 64.88 ? 111 GLN B CG  1 
ATOM   723  C CD  . GLN B 1 4  ? 17.755  -9.721  -7.537  1.00 77.16 ? 111 GLN B CD  1 
ATOM   724  O OE1 . GLN B 1 4  ? 18.527  -10.226 -8.394  1.00 78.67 ? 111 GLN B OE1 1 
ATOM   725  N NE2 . GLN B 1 4  ? 17.177  -8.511  -7.695  1.00 70.92 ? 111 GLN B NE2 1 
ATOM   726  N N   . VAL B 1 5  ? 17.840  -11.535 -2.704  1.00 36.55 ? 112 VAL B N   1 
ATOM   727  C CA  . VAL B 1 5  ? 17.080  -11.197 -1.499  1.00 32.28 ? 112 VAL B CA  1 
ATOM   728  C C   . VAL B 1 5  ? 17.574  -9.874  -0.975  1.00 26.47 ? 112 VAL B C   1 
ATOM   729  O O   . VAL B 1 5  ? 18.771  -9.635  -0.938  1.00 26.73 ? 112 VAL B O   1 
ATOM   730  C CB  . VAL B 1 5  ? 17.225  -12.323 -0.454  1.00 32.28 ? 112 VAL B CB  1 
ATOM   731  C CG1 . VAL B 1 5  ? 16.726  -11.909 0.920   1.00 30.58 ? 112 VAL B CG1 1 
ATOM   732  C CG2 . VAL B 1 5  ? 16.498  -13.567 -0.956  1.00 32.82 ? 112 VAL B CG2 1 
ATOM   733  N N   . TRP B 1 6  ? 16.646  -8.985  -0.644  1.00 22.36 ? 113 TRP B N   1 
ATOM   734  C CA  . TRP B 1 6  ? 16.985  -7.726  -0.041  1.00 22.31 ? 113 TRP B CA  1 
ATOM   735  C C   . TRP B 1 6  ? 16.527  -7.558  1.414   1.00 20.74 ? 113 TRP B C   1 
ATOM   736  O O   . TRP B 1 6  ? 15.311  -7.698  1.745   1.00 20.12 ? 113 TRP B O   1 
ATOM   737  C CB  . TRP B 1 6  ? 16.462  -6.602  -0.929  1.00 24.85 ? 113 TRP B CB  1 
ATOM   738  C CG  . TRP B 1 6  ? 16.994  -6.640  -2.310  1.00 28.78 ? 113 TRP B CG  1 
ATOM   739  C CD1 . TRP B 1 6  ? 16.441  -7.274  -3.376  1.00 32.78 ? 113 TRP B CD1 1 
ATOM   740  C CD2 . TRP B 1 6  ? 18.205  -6.034  -2.779  1.00 32.56 ? 113 TRP B CD2 1 
ATOM   741  N NE1 . TRP B 1 6  ? 17.234  -7.086  -4.484  1.00 37.85 ? 113 TRP B NE1 1 
ATOM   742  C CE2 . TRP B 1 6  ? 18.317  -6.329  -4.142  1.00 35.74 ? 113 TRP B CE2 1 
ATOM   743  C CE3 . TRP B 1 6  ? 19.206  -5.284  -2.166  1.00 35.96 ? 113 TRP B CE3 1 
ATOM   744  C CZ2 . TRP B 1 6  ? 19.393  -5.897  -4.925  1.00 41.87 ? 113 TRP B CZ2 1 
ATOM   745  C CZ3 . TRP B 1 6  ? 20.261  -4.841  -2.926  1.00 42.20 ? 113 TRP B CZ3 1 
ATOM   746  C CH2 . TRP B 1 6  ? 20.348  -5.145  -4.312  1.00 40.62 ? 113 TRP B CH2 1 
ATOM   747  N N   . HIS B 1 7  ? 17.472  -7.164  2.262   1.00 17.20 ? 114 HIS B N   1 
ATOM   748  C CA  . HIS B 1 7  ? 17.271  -7.048  3.699   1.00 17.31 ? 114 HIS B CA  1 
ATOM   749  C C   . HIS B 1 7  ? 16.775  -5.628  3.991   1.00 17.99 ? 114 HIS B C   1 
ATOM   750  O O   . HIS B 1 7  ? 17.478  -4.669  3.683   1.00 17.43 ? 114 HIS B O   1 
ATOM   751  C CB  . HIS B 1 7  ? 18.576  -7.346  4.436   1.00 16.76 ? 114 HIS B CB  1 
ATOM   752  C CG  . HIS B 1 7  ? 18.494  -7.338  5.941   1.00 17.95 ? 114 HIS B CG  1 
ATOM   753  N ND1 . HIS B 1 7  ? 19.618  -7.224  6.749   1.00 17.17 ? 114 HIS B ND1 1 
ATOM   754  C CD2 . HIS B 1 7  ? 17.449  -7.534  6.789   1.00 17.03 ? 114 HIS B CD2 1 
ATOM   755  C CE1 . HIS B 1 7  ? 19.238  -7.224  8.023   1.00 18.19 ? 114 HIS B CE1 1 
ATOM   756  N NE2 . HIS B 1 7  ? 17.937  -7.483  8.072   1.00 16.64 ? 114 HIS B NE2 1 
ATOM   757  N N   . VAL B 1 8  ? 15.558  -5.507  4.569   1.00 18.42 ? 115 VAL B N   1 
ATOM   758  C CA  . VAL B 1 8  ? 15.011  -4.202  4.983   1.00 21.25 ? 115 VAL B CA  1 
ATOM   759  C C   . VAL B 1 8  ? 15.601  -3.749  6.315   1.00 19.57 ? 115 VAL B C   1 
ATOM   760  O O   . VAL B 1 8  ? 15.587  -4.487  7.304   1.00 21.22 ? 115 VAL B O   1 
ATOM   761  C CB  . VAL B 1 8  ? 13.468  -4.235  5.139   1.00 22.71 ? 115 VAL B CB  1 
ATOM   762  C CG1 . VAL B 1 8  ? 12.946  -2.835  5.528   1.00 22.14 ? 115 VAL B CG1 1 
ATOM   763  C CG2 . VAL B 1 8  ? 12.841  -4.801  3.898   1.00 22.44 ? 115 VAL B CG2 1 
ATOM   764  N N   . LEU B 1 9  ? 16.152  -2.562  6.323   1.00 21.29 ? 116 LEU B N   1 
ATOM   765  C CA  . LEU B 1 9  ? 16.887  -2.061  7.449   1.00 25.14 ? 116 LEU B CA  1 
ATOM   766  C C   . LEU B 1 9  ? 16.036  -1.053  8.203   1.00 23.85 ? 116 LEU B C   1 
ATOM   767  O O   . LEU B 1 9  ? 14.981  -1.428  8.616   1.00 27.28 ? 116 LEU B O   1 
ATOM   768  C CB  . LEU B 1 9  ? 18.238  -1.469  7.003   1.00 26.54 ? 116 LEU B CB  1 
ATOM   769  C CG  . LEU B 1 9  ? 19.092  -2.472  6.216   1.00 26.35 ? 116 LEU B CG  1 
ATOM   770  C CD1 . LEU B 1 9  ? 20.266  -1.724  5.654   1.00 26.79 ? 116 LEU B CD1 1 
ATOM   771  C CD2 . LEU B 1 9  ? 19.622  -3.636  7.019   1.00 26.80 ? 116 LEU B CD2 1 
ATOM   772  N N   . ASP B 1 10 ? 16.535  0.160   8.451   1.00 24.08 ? 117 ASP B N   1 
ATOM   773  C CA  . ASP B 1 10 ? 15.797  1.217   9.075   1.00 25.51 ? 117 ASP B CA  1 
ATOM   774  C C   . ASP B 1 10 ? 14.598  1.542   8.211   1.00 30.04 ? 117 ASP B C   1 
ATOM   775  O O   . ASP B 1 10 ? 14.745  1.443   6.969   1.00 31.88 ? 117 ASP B O   1 
ATOM   776  C CB  . ASP B 1 10 ? 16.640  2.493   9.229   1.00 28.21 ? 117 ASP B CB  1 
ATOM   777  C CG  . ASP B 1 10 ? 17.470  2.872   7.974   1.00 35.67 ? 117 ASP B CG  1 
ATOM   778  O OD1 . ASP B 1 10 ? 18.222  2.012   7.432   1.00 36.96 ? 117 ASP B OD1 1 
ATOM   779  O OD2 . ASP B 1 10 ? 17.430  4.069   7.586   1.00 33.26 ? 117 ASP B OD2 1 
ATOM   780  N N   . VAL B 1 11 ? 13.444  1.892   8.809   1.00 27.13 ? 118 VAL B N   1 
ATOM   781  C CA  . VAL B 1 11 ? 12.203  2.257   8.042   1.00 29.92 ? 118 VAL B CA  1 
ATOM   782  C C   . VAL B 1 11 ? 11.658  3.517   8.682   1.00 35.11 ? 118 VAL B C   1 
ATOM   783  O O   . VAL B 1 11 ? 11.077  3.420   9.767   1.00 41.59 ? 118 VAL B O   1 
ATOM   784  C CB  . VAL B 1 11 ? 11.128  1.136   8.105   1.00 32.73 ? 118 VAL B CB  1 
ATOM   785  C CG1 . VAL B 1 11 ? 9.730   1.581   7.535   1.00 34.29 ? 118 VAL B CG1 1 
ATOM   786  C CG2 . VAL B 1 11 ? 11.595  -0.104  7.383   1.00 32.38 ? 118 VAL B CG2 1 
ATOM   787  N N   . GLU B 1 12 ? 11.893  4.676   8.055   1.00 38.70 ? 119 GLU B N   1 
ATOM   788  C CA  . GLU B 1 12 ? 11.406  6.006   8.498   1.00 39.36 ? 119 GLU B CA  1 
ATOM   789  C C   . GLU B 1 12 ? 9.924   6.103   8.823   1.00 41.61 ? 119 GLU B C   1 
ATOM   790  O O   . GLU B 1 12 ? 9.112   5.416   8.223   1.00 33.87 ? 119 GLU B O   1 
ATOM   791  C CB  . GLU B 1 12 ? 11.716  7.087   7.470   1.00 39.41 ? 119 GLU B CB  1 
ATOM   792  C CG  . GLU B 1 12 ? 13.143  7.520   7.483   1.00 44.36 ? 119 GLU B CG  1 
ATOM   793  C CD  . GLU B 1 12 ? 13.538  7.887   8.891   1.00 54.61 ? 119 GLU B CD  1 
ATOM   794  O OE1 . GLU B 1 12 ? 13.209  9.027   9.310   1.00 61.33 ? 119 GLU B OE1 1 
ATOM   795  O OE2 . GLU B 1 12 ? 14.117  7.006   9.580   1.00 49.54 ? 119 GLU B OE2 1 
ATOM   796  N N   . PRO B 1 13 ? 9.584   6.936   9.827   1.00 45.72 ? 120 PRO B N   1 
ATOM   797  C CA  . PRO B 1 13 ? 8.183   7.043   10.200  1.00 46.37 ? 120 PRO B CA  1 
ATOM   798  C C   . PRO B 1 13 ? 7.434   7.758   9.073   1.00 39.78 ? 120 PRO B C   1 
ATOM   799  O O   . PRO B 1 13 ? 7.933   8.743   8.534   1.00 33.57 ? 120 PRO B O   1 
ATOM   800  C CB  . PRO B 1 13 ? 8.242   7.929   11.440  1.00 49.73 ? 120 PRO B CB  1 
ATOM   801  C CG  . PRO B 1 13 ? 9.383   8.876   11.168  1.00 49.00 ? 120 PRO B CG  1 
ATOM   802  C CD  . PRO B 1 13 ? 10.383  8.030   10.410  1.00 48.70 ? 120 PRO B CD  1 
ATOM   803  N N   . SER B 1 14 ? 6.292   7.214   8.679   1.00 39.31 ? 121 SER B N   1 
ATOM   804  C CA  A SER B 1 14 ? 5.430   7.863   7.675   0.43 40.61 ? 121 SER B CA  1 
ATOM   805  C CA  B SER B 1 14 ? 5.424   7.852   7.678   0.57 41.26 ? 121 SER B CA  1 
ATOM   806  C C   . SER B 1 14 ? 6.023   7.886   6.241   1.00 42.40 ? 121 SER B C   1 
ATOM   807  O O   . SER B 1 14 ? 5.681   8.764   5.423   1.00 37.60 ? 121 SER B O   1 
ATOM   808  C CB  A SER B 1 14 ? 5.075   9.297   8.124   0.43 38.17 ? 121 SER B CB  1 
ATOM   809  C CB  B SER B 1 14 ? 4.987   9.260   8.171   0.57 38.53 ? 121 SER B CB  1 
ATOM   810  O OG  A SER B 1 14 ? 6.002   10.231  7.611   0.43 34.46 ? 121 SER B OG  1 
ATOM   811  O OG  B SER B 1 14 ? 4.284   9.160   9.404   0.57 34.04 ? 121 SER B OG  1 
ATOM   812  N N   . SER B 1 15 ? 6.917   6.925   5.935   1.00 37.22 ? 122 SER B N   1 
ATOM   813  C CA  . SER B 1 15 ? 7.559   6.801   4.618   1.00 31.47 ? 122 SER B CA  1 
ATOM   814  C C   . SER B 1 15 ? 6.689   5.812   3.808   1.00 27.35 ? 122 SER B C   1 
ATOM   815  O O   . SER B 1 15 ? 5.912   5.046   4.380   1.00 26.98 ? 122 SER B O   1 
ATOM   816  C CB  . SER B 1 15 ? 9.006   6.287   4.795   1.00 36.18 ? 122 SER B CB  1 
ATOM   817  O OG  . SER B 1 15 ? 9.048   4.914   5.254   1.00 35.03 ? 122 SER B OG  1 
ATOM   818  N N   . PRO B 1 16 ? 6.792   5.826   2.481   1.00 25.67 ? 123 PRO B N   1 
ATOM   819  C CA  . PRO B 1 16 ? 6.120   4.752   1.702   1.00 26.78 ? 123 PRO B CA  1 
ATOM   820  C C   . PRO B 1 16 ? 6.355   3.324   2.203   1.00 25.29 ? 123 PRO B C   1 
ATOM   821  O O   . PRO B 1 16 ? 5.422   2.491   2.195   1.00 26.65 ? 123 PRO B O   1 
ATOM   822  C CB  . PRO B 1 16 ? 6.730   4.891   0.313   1.00 26.80 ? 123 PRO B CB  1 
ATOM   823  C CG  . PRO B 1 16 ? 7.124   6.333   0.273   1.00 26.19 ? 123 PRO B CG  1 
ATOM   824  C CD  . PRO B 1 16 ? 7.620   6.686   1.624   1.00 23.89 ? 123 PRO B CD  1 
ATOM   825  N N   . ALA B 1 17 ? 7.587   3.042   2.615   1.00 24.83 ? 124 ALA B N   1 
ATOM   826  C CA  . ALA B 1 17 ? 7.896   1.714   3.219   1.00 25.34 ? 124 ALA B CA  1 
ATOM   827  C C   . ALA B 1 17 ? 7.109   1.515   4.476   1.00 24.17 ? 124 ALA B C   1 
ATOM   828  O O   . ALA B 1 17 ? 6.526   0.455   4.660   1.00 20.89 ? 124 ALA B O   1 
ATOM   829  C CB  . ALA B 1 17 ? 9.378   1.611   3.534   1.00 23.85 ? 124 ALA B CB  1 
ATOM   830  N N   . ALA B 1 18 ? 7.087   2.546   5.336   1.00 24.87 ? 125 ALA B N   1 
ATOM   831  C CA  . ALA B 1 18 ? 6.255   2.484   6.590   1.00 31.18 ? 125 ALA B CA  1 
ATOM   832  C C   . ALA B 1 18 ? 4.768   2.237   6.311   1.00 32.83 ? 125 ALA B C   1 
ATOM   833  O O   . ALA B 1 18 ? 4.142   1.308   6.843   1.00 35.26 ? 125 ALA B O   1 
ATOM   834  C CB  . ALA B 1 18 ? 6.431   3.731   7.417   1.00 31.90 ? 125 ALA B CB  1 
ATOM   835  N N   . LEU B 1 19 ? 4.243   2.964   5.346   1.00 35.68 ? 126 LEU B N   1 
ATOM   836  C CA  . LEU B 1 19 ? 2.808   2.823   4.954   1.00 31.53 ? 126 LEU B CA  1 
ATOM   837  C C   . LEU B 1 19 ? 2.488   1.438   4.410   1.00 31.44 ? 126 LEU B C   1 
ATOM   838  O O   . LEU B 1 19 ? 1.351   0.887   4.543   1.00 33.01 ? 126 LEU B O   1 
ATOM   839  C CB  . LEU B 1 19 ? 2.488   3.919   3.950   1.00 29.77 ? 126 LEU B CB  1 
ATOM   840  C CG  . LEU B 1 19 ? 2.580   5.264   4.679   1.00 31.42 ? 126 LEU B CG  1 
ATOM   841  C CD1 . LEU B 1 19 ? 2.604   6.488   3.753   1.00 29.70 ? 126 LEU B CD1 1 
ATOM   842  C CD2 . LEU B 1 19 ? 1.428   5.338   5.708   1.00 38.17 ? 126 LEU B CD2 1 
ATOM   843  N N   . ALA B 1 20 ? 3.498   0.840   3.793   1.00 28.22 ? 127 ALA B N   1 
ATOM   844  C CA  . ALA B 1 20 ? 3.368   -0.505  3.315   1.00 25.05 ? 127 ALA B CA  1 
ATOM   845  C C   . ALA B 1 20 ? 3.443   -1.494  4.440   1.00 26.16 ? 127 ALA B C   1 
ATOM   846  O O   . ALA B 1 20 ? 3.078   -2.661  4.267   1.00 31.18 ? 127 ALA B O   1 
ATOM   847  C CB  . ALA B 1 20 ? 4.414   -0.757  2.268   1.00 27.44 ? 127 ALA B CB  1 
ATOM   848  N N   . GLY B 1 21 ? 3.878   -1.062  5.622   1.00 29.39 ? 128 GLY B N   1 
ATOM   849  C CA  . GLY B 1 21 ? 4.019   -1.986  6.774   1.00 28.28 ? 128 GLY B CA  1 
ATOM   850  C C   . GLY B 1 21 ? 5.335   -2.749  6.742   1.00 29.43 ? 128 GLY B C   1 
ATOM   851  O O   . GLY B 1 21 ? 5.423   -3.856  7.263   1.00 27.60 ? 128 GLY B O   1 
ATOM   852  N N   . LEU B 1 22 ? 6.372   -2.201  6.094   1.00 32.08 ? 129 LEU B N   1 
ATOM   853  C CA  . LEU B 1 22 ? 7.685   -2.885  6.146   1.00 31.02 ? 129 LEU B CA  1 
ATOM   854  C C   . LEU B 1 22 ? 8.277   -2.881  7.616   1.00 31.14 ? 129 LEU B C   1 
ATOM   855  O O   . LEU B 1 22 ? 8.547   -1.811  8.159   1.00 35.56 ? 129 LEU B O   1 
ATOM   856  C CB  . LEU B 1 22 ? 8.678   -2.311  5.128   1.00 28.33 ? 129 LEU B CB  1 
ATOM   857  C CG  . LEU B 1 22 ? 8.239   -2.632  3.722   1.00 27.11 ? 129 LEU B CG  1 
ATOM   858  C CD1 . LEU B 1 22 ? 9.139   -1.986  2.686   1.00 27.96 ? 129 LEU B CD1 1 
ATOM   859  C CD2 . LEU B 1 22 ? 8.137   -4.143  3.521   1.00 29.99 ? 129 LEU B CD2 1 
ATOM   860  N N   . ARG B 1 23 ? 8.482   -4.080  8.183   1.00 28.74 ? 130 ARG B N   1 
ATOM   861  C CA  . ARG B 1 23 ? 9.046   -4.278  9.551   1.00 30.86 ? 130 ARG B CA  1 
ATOM   862  C C   . ARG B 1 23 ? 10.624  -4.223  9.563   1.00 30.73 ? 130 ARG B C   1 
ATOM   863  O O   . ARG B 1 23 ? 11.320  -5.028  8.878   1.00 31.55 ? 130 ARG B O   1 
ATOM   864  C CB  . ARG B 1 23 ? 8.501   -5.590  10.119  1.00 29.05 ? 130 ARG B CB  1 
ATOM   865  C CG  . ARG B 1 23 ? 6.958   -5.659  10.129  1.00 25.97 ? 130 ARG B CG  1 
ATOM   866  C CD  . ARG B 1 23 ? 6.536   -7.093  10.370  1.00 27.67 ? 130 ARG B CD  1 
ATOM   867  N NE  . ARG B 1 23 ? 5.094   -7.332  10.169  1.00 28.59 ? 130 ARG B NE  1 
ATOM   868  C CZ  . ARG B 1 23 ? 4.566   -8.528  9.938   1.00 27.45 ? 130 ARG B CZ  1 
ATOM   869  N NH1 . ARG B 1 23 ? 5.291   -9.659  10.025  1.00 28.23 ? 130 ARG B NH1 1 
ATOM   870  N NH2 . ARG B 1 23 ? 3.261   -8.620  9.702   1.00 35.58 ? 130 ARG B NH2 1 
ATOM   871  N N   . PRO B 1 24 ? 11.177  -3.206  10.201  1.00 28.53 ? 131 PRO B N   1 
ATOM   872  C CA  . PRO B 1 24 ? 12.629  -2.940  10.094  1.00 30.77 ? 131 PRO B CA  1 
ATOM   873  C C   . PRO B 1 24 ? 13.447  -4.107  10.600  1.00 31.31 ? 131 PRO B C   1 
ATOM   874  O O   . PRO B 1 24 ? 13.001  -4.834  11.531  1.00 28.92 ? 131 PRO B O   1 
ATOM   875  C CB  . PRO B 1 24 ? 12.876  -1.754  10.992  1.00 31.83 ? 131 PRO B CB  1 
ATOM   876  C CG  . PRO B 1 24 ? 11.517  -1.203  11.359  1.00 31.76 ? 131 PRO B CG  1 
ATOM   877  C CD  . PRO B 1 24 ? 10.444  -2.155  10.913  1.00 31.84 ? 131 PRO B CD  1 
ATOM   878  N N   . TYR B 1 25 ? 14.587  -4.341  9.934   1.00 26.90 ? 132 TYR B N   1 
ATOM   879  C CA  . TYR B 1 25 ? 15.575  -5.389  10.320  1.00 22.75 ? 132 TYR B CA  1 
ATOM   880  C C   . TYR B 1 25 ? 15.072  -6.839  10.232  1.00 22.41 ? 132 TYR B C   1 
ATOM   881  O O   . TYR B 1 25 ? 15.885  -7.693  10.139  1.00 20.45 ? 132 TYR B O   1 
ATOM   882  C CB  . TYR B 1 25 ? 16.181  -5.047  11.676  1.00 22.76 ? 132 TYR B CB  1 
ATOM   883  C CG  . TYR B 1 25 ? 16.719  -3.626  11.718  1.00 22.77 ? 132 TYR B CG  1 
ATOM   884  C CD1 . TYR B 1 25 ? 17.751  -3.243  10.894  1.00 21.95 ? 132 TYR B CD1 1 
ATOM   885  C CD2 . TYR B 1 25 ? 16.149  -2.665  12.553  1.00 28.77 ? 132 TYR B CD2 1 
ATOM   886  C CE1 . TYR B 1 25 ? 18.215  -1.960  10.873  1.00 24.07 ? 132 TYR B CE1 1 
ATOM   887  C CE2 . TYR B 1 25 ? 16.609  -1.349  12.594  1.00 26.04 ? 132 TYR B CE2 1 
ATOM   888  C CZ  . TYR B 1 25 ? 17.649  -1.011  11.711  1.00 28.99 ? 132 TYR B CZ  1 
ATOM   889  O OH  . TYR B 1 25 ? 18.148  0.270   11.683  1.00 29.17 ? 132 TYR B OH  1 
ATOM   890  N N   . THR B 1 26 ? 13.756  -7.115  10.139  1.00 22.98 ? 133 THR B N   1 
ATOM   891  C CA  . THR B 1 26 ? 13.237  -8.504  10.056  1.00 21.13 ? 133 THR B CA  1 
ATOM   892  C C   . THR B 1 26 ? 12.593  -8.907  8.807   1.00 23.38 ? 133 THR B C   1 
ATOM   893  O O   . THR B 1 26 ? 12.325  -10.131 8.593   1.00 20.46 ? 133 THR B O   1 
ATOM   894  C CB  . THR B 1 26 ? 12.255  -8.790  11.214  1.00 27.08 ? 133 THR B CB  1 
ATOM   895  O OG1 . THR B 1 26 ? 10.975  -8.083  11.054  1.00 28.30 ? 133 THR B OG1 1 
ATOM   896  C CG2 . THR B 1 26 ? 12.949  -8.362  12.553  1.00 29.91 ? 133 THR B CG2 1 
ATOM   897  N N   . ASP B 1 27 ? 12.291  -7.921  7.957   1.00 24.78 ? 134 ASP B N   1 
ATOM   898  C CA  . ASP B 1 27 ? 11.702  -8.216  6.665   1.00 22.96 ? 134 ASP B CA  1 
ATOM   899  C C   . ASP B 1 27 ? 12.756  -8.347  5.588   1.00 23.98 ? 134 ASP B C   1 
ATOM   900  O O   . ASP B 1 27 ? 13.752  -7.665  5.634   1.00 24.21 ? 134 ASP B O   1 
ATOM   901  C CB  . ASP B 1 27 ? 10.762  -7.108  6.237   1.00 24.78 ? 134 ASP B CB  1 
ATOM   902  C CG  . ASP B 1 27 ? 9.351   -7.234  6.818   1.00 26.88 ? 134 ASP B CG  1 
ATOM   903  O OD1 . ASP B 1 27 ? 8.917   -8.329  7.262   1.00 23.15 ? 134 ASP B OD1 1 
ATOM   904  O OD2 . ASP B 1 27 ? 8.643   -6.187  6.721   1.00 31.45 ? 134 ASP B OD2 1 
ATOM   905  N N   . TYR B 1 28 ? 12.484  -9.223  4.619   1.00 23.15 ? 135 TYR B N   1 
ATOM   906  C CA  . TYR B 1 28 ? 13.334  -9.439  3.502   1.00 22.08 ? 135 TYR B CA  1 
ATOM   907  C C   . TYR B 1 28 ? 12.448  -9.574  2.325   1.00 21.91 ? 135 TYR B C   1 
ATOM   908  O O   . TYR B 1 28 ? 11.579  -10.402 2.328   1.00 26.31 ? 135 TYR B O   1 
ATOM   909  C CB  . TYR B 1 28 ? 14.141  -10.747 3.638   1.00 23.06 ? 135 TYR B CB  1 
ATOM   910  C CG  . TYR B 1 28 ? 14.980  -10.793 4.857   1.00 21.99 ? 135 TYR B CG  1 
ATOM   911  C CD1 . TYR B 1 28 ? 14.435  -11.057 6.126   1.00 23.05 ? 135 TYR B CD1 1 
ATOM   912  C CD2 . TYR B 1 28 ? 16.354  -10.656 4.766   1.00 23.55 ? 135 TYR B CD2 1 
ATOM   913  C CE1 . TYR B 1 28 ? 15.243  -11.070 7.279   1.00 23.43 ? 135 TYR B CE1 1 
ATOM   914  C CE2 . TYR B 1 28 ? 17.146  -10.655 5.895   1.00 23.43 ? 135 TYR B CE2 1 
ATOM   915  C CZ  . TYR B 1 28 ? 16.615  -10.899 7.124   1.00 23.92 ? 135 TYR B CZ  1 
ATOM   916  O OH  . TYR B 1 28 ? 17.476  -10.879 8.180   1.00 26.30 ? 135 TYR B OH  1 
ATOM   917  N N   . VAL B 1 29 ? 12.728  -8.800  1.289   1.00 23.88 ? 136 VAL B N   1 
ATOM   918  C CA  . VAL B 1 29 ? 12.108  -8.892  0.014   1.00 23.37 ? 136 VAL B CA  1 
ATOM   919  C C   . VAL B 1 29 ? 12.738  -10.068 -0.755  1.00 25.68 ? 136 VAL B C   1 
ATOM   920  O O   . VAL B 1 29 ? 13.902  -10.070 -1.084  1.00 20.14 ? 136 VAL B O   1 
ATOM   921  C CB  . VAL B 1 29 ? 12.323  -7.573  -0.803  1.00 23.14 ? 136 VAL B CB  1 
ATOM   922  C CG1 . VAL B 1 29 ? 11.701  -7.647  -2.221  1.00 22.35 ? 136 VAL B CG1 1 
ATOM   923  C CG2 . VAL B 1 29 ? 11.854  -6.353  -0.021  1.00 20.64 ? 136 VAL B CG2 1 
ATOM   924  N N   . VAL B 1 30 ? 11.915  -11.052 -1.077  1.00 28.16 ? 137 VAL B N   1 
ATOM   925  C CA  . VAL B 1 30 ? 12.359  -12.286 -1.686  1.00 31.14 ? 137 VAL B CA  1 
ATOM   926  C C   . VAL B 1 30 ? 11.689  -12.482 -3.048  1.00 36.90 ? 137 VAL B C   1 
ATOM   927  O O   . VAL B 1 30 ? 11.801  -13.546 -3.622  1.00 43.90 ? 137 VAL B O   1 
ATOM   928  C CB  . VAL B 1 30 ? 12.055  -13.479 -0.748  1.00 34.35 ? 137 VAL B CB  1 
ATOM   929  C CG1 . VAL B 1 30 ? 13.005  -13.481 0.439   1.00 35.52 ? 137 VAL B CG1 1 
ATOM   930  C CG2 . VAL B 1 30 ? 10.642  -13.437 -0.168  1.00 35.84 ? 137 VAL B CG2 1 
ATOM   931  N N   . GLY B 1 31 ? 10.992  -11.461 -3.562  1.00 41.43 ? 138 GLY B N   1 
ATOM   932  C CA  . GLY B 1 31 ? 10.270  -11.535 -4.858  1.00 47.84 ? 138 GLY B CA  1 
ATOM   933  C C   . GLY B 1 31 ? 9.390   -10.366 -5.360  1.00 49.97 ? 138 GLY B C   1 
ATOM   934  O O   . GLY B 1 31 ? 8.966   -9.504  -4.558  1.00 36.79 ? 138 GLY B O   1 
ATOM   935  N N   . SER B 1 32 ? 9.162   -10.398 -6.702  1.00 64.12 ? 139 SER B N   1 
ATOM   936  C CA  . SER B 1 32 ? 8.330   -9.484  -7.568  1.00 62.71 ? 139 SER B CA  1 
ATOM   937  C C   . SER B 1 32 ? 8.275   -8.015  -7.166  1.00 66.96 ? 139 SER B C   1 
ATOM   938  O O   . SER B 1 32 ? 9.288   -7.321  -7.147  1.00 60.77 ? 139 SER B O   1 
ATOM   939  C CB  . SER B 1 32 ? 6.893   -10.020 -7.728  1.00 67.69 ? 139 SER B CB  1 
ATOM   940  O OG  . SER B 1 32 ? 6.299   -9.550  -8.938  1.00 70.65 ? 139 SER B OG  1 
ATOM   941  N N   . ASP B 1 41 ? 17.517  -4.146  -11.416 1.00 62.80 ? 148 ASP B N   1 
ATOM   942  C CA  . ASP B 1 41 ? 17.329  -5.160  -10.357 1.00 71.98 ? 148 ASP B CA  1 
ATOM   943  C C   . ASP B 1 41 ? 16.130  -4.768  -9.416  1.00 68.44 ? 148 ASP B C   1 
ATOM   944  O O   . ASP B 1 41 ? 15.066  -4.402  -9.923  1.00 69.94 ? 148 ASP B O   1 
ATOM   945  C CB  . ASP B 1 41 ? 18.665  -5.404  -9.623  1.00 69.70 ? 148 ASP B CB  1 
ATOM   946  C CG  . ASP B 1 41 ? 19.251  -4.133  -9.016  1.00 76.83 ? 148 ASP B CG  1 
ATOM   947  O OD1 . ASP B 1 41 ? 18.867  -3.022  -9.467  1.00 83.08 ? 148 ASP B OD1 1 
ATOM   948  O OD2 . ASP B 1 41 ? 20.111  -4.236  -8.104  1.00 83.16 ? 148 ASP B OD2 1 
ATOM   949  N N   . PHE B 1 42 ? 16.253  -4.881  -8.089  1.00 52.88 ? 149 PHE B N   1 
ATOM   950  C CA  . PHE B 1 42 ? 15.238  -4.330  -7.188  1.00 44.37 ? 149 PHE B CA  1 
ATOM   951  C C   . PHE B 1 42 ? 15.214  -2.772  -7.261  1.00 45.07 ? 149 PHE B C   1 
ATOM   952  O O   . PHE B 1 42 ? 14.134  -2.165  -7.238  1.00 38.09 ? 149 PHE B O   1 
ATOM   953  C CB  . PHE B 1 42 ? 15.483  -4.843  -5.786  1.00 38.71 ? 149 PHE B CB  1 
ATOM   954  C CG  . PHE B 1 42 ? 14.473  -4.403  -4.778  1.00 34.59 ? 149 PHE B CG  1 
ATOM   955  C CD1 . PHE B 1 42 ? 13.129  -4.765  -4.906  1.00 36.08 ? 149 PHE B CD1 1 
ATOM   956  C CD2 . PHE B 1 42 ? 14.851  -3.638  -3.705  1.00 30.90 ? 149 PHE B CD2 1 
ATOM   957  C CE1 . PHE B 1 42 ? 12.192  -4.344  -3.983  1.00 32.27 ? 149 PHE B CE1 1 
ATOM   958  C CE2 . PHE B 1 42 ? 13.929  -3.224  -2.779  1.00 34.70 ? 149 PHE B CE2 1 
ATOM   959  C CZ  . PHE B 1 42 ? 12.585  -3.565  -2.922  1.00 33.25 ? 149 PHE B CZ  1 
ATOM   960  N N   . PHE B 1 43 ? 16.377  -2.143  -7.422  1.00 41.77 ? 150 PHE B N   1 
ATOM   961  C CA  . PHE B 1 43 ? 16.437  -0.684  -7.462  1.00 47.23 ? 150 PHE B CA  1 
ATOM   962  C C   . PHE B 1 43 ? 15.787  -0.130  -8.713  1.00 44.82 ? 150 PHE B C   1 
ATOM   963  O O   . PHE B 1 43 ? 15.198  0.945   -8.668  1.00 44.28 ? 150 PHE B O   1 
ATOM   964  C CB  . PHE B 1 43 ? 17.883  -0.140  -7.274  1.00 48.15 ? 150 PHE B CB  1 
ATOM   965  C CG  . PHE B 1 43 ? 18.527  -0.601  -5.984  1.00 46.25 ? 150 PHE B CG  1 
ATOM   966  C CD1 . PHE B 1 43 ? 17.859  -0.421  -4.749  1.00 49.55 ? 150 PHE B CD1 1 
ATOM   967  C CD2 . PHE B 1 43 ? 19.747  -1.253  -5.992  1.00 43.50 ? 150 PHE B CD2 1 
ATOM   968  C CE1 . PHE B 1 43 ? 18.413  -0.878  -3.565  1.00 47.70 ? 150 PHE B CE1 1 
ATOM   969  C CE2 . PHE B 1 43 ? 20.300  -1.719  -4.818  1.00 47.31 ? 150 PHE B CE2 1 
ATOM   970  C CZ  . PHE B 1 43 ? 19.630  -1.529  -3.595  1.00 48.61 ? 150 PHE B CZ  1 
ATOM   971  N N   . THR B 1 44 ? 15.890  -0.883  -9.804  1.00 46.64 ? 151 THR B N   1 
ATOM   972  C CA  . THR B 1 44 ? 15.406  -0.462  -11.119 1.00 45.80 ? 151 THR B CA  1 
ATOM   973  C C   . THR B 1 44 ? 13.911  -0.561  -11.089 1.00 38.50 ? 151 THR B C   1 
ATOM   974  O O   . THR B 1 44 ? 13.216  0.307   -11.549 1.00 38.25 ? 151 THR B O   1 
ATOM   975  C CB  . THR B 1 44 ? 15.984  -1.378  -12.251 1.00 52.18 ? 151 THR B CB  1 
ATOM   976  O OG1 . THR B 1 44 ? 17.352  -1.017  -12.484 1.00 58.09 ? 151 THR B OG1 1 
ATOM   977  C CG2 . THR B 1 44 ? 15.213  -1.264  -13.600 1.00 54.28 ? 151 THR B CG2 1 
ATOM   978  N N   . LEU B 1 45 ? 13.465  -1.693  -10.590 1.00 33.34 ? 152 LEU B N   1 
ATOM   979  C CA  . LEU B 1 45 ? 12.072  -1.964  -10.375 1.00 35.58 ? 152 LEU B CA  1 
ATOM   980  C C   . LEU B 1 45 ? 11.388  -0.885  -9.506  1.00 31.82 ? 152 LEU B C   1 
ATOM   981  O O   . LEU B 1 45 ? 10.251  -0.475  -9.796  1.00 32.16 ? 152 LEU B O   1 
ATOM   982  C CB  . LEU B 1 45 ? 11.932  -3.340  -9.724  1.00 36.21 ? 152 LEU B CB  1 
ATOM   983  C CG  . LEU B 1 45 ? 10.684  -4.189  -9.954  1.00 41.75 ? 152 LEU B CG  1 
ATOM   984  C CD1 . LEU B 1 45 ? 10.464  -4.541  -11.415 1.00 42.67 ? 152 LEU B CD1 1 
ATOM   985  C CD2 . LEU B 1 45 ? 10.883  -5.444  -9.137  1.00 40.56 ? 152 LEU B CD2 1 
ATOM   986  N N   . ILE B 1 46 ? 12.065  -0.444  -8.450  1.00 29.99 ? 153 ILE B N   1 
ATOM   987  C CA  . ILE B 1 46 ? 11.587  0.690   -7.633  1.00 34.12 ? 153 ILE B CA  1 
ATOM   988  C C   . ILE B 1 46 ? 11.404  1.958   -8.451  1.00 35.68 ? 153 ILE B C   1 
ATOM   989  O O   . ILE B 1 46 ? 10.324  2.557   -8.423  1.00 34.79 ? 153 ILE B O   1 
ATOM   990  C CB  . ILE B 1 46 ? 12.530  0.985   -6.453  1.00 36.08 ? 153 ILE B CB  1 
ATOM   991  C CG1 . ILE B 1 46 ? 12.330  -0.094  -5.361  1.00 40.24 ? 153 ILE B CG1 1 
ATOM   992  C CG2 . ILE B 1 46 ? 12.301  2.402   -5.906  1.00 34.52 ? 153 ILE B CG2 1 
ATOM   993  C CD1 . ILE B 1 46 ? 13.573  -0.424  -4.575  1.00 43.02 ? 153 ILE B CD1 1 
ATOM   994  N N   . GLU B 1 47 ? 12.455  2.341   -9.168  1.00 36.22 ? 154 GLU B N   1 
ATOM   995  C CA  . GLU B 1 47 ? 12.460  3.559   -9.981  1.00 43.67 ? 154 GLU B CA  1 
ATOM   996  C C   . GLU B 1 47 ? 11.376  3.521   -11.036 1.00 38.13 ? 154 GLU B C   1 
ATOM   997  O O   . GLU B 1 47 ? 10.561  4.463   -11.156 1.00 47.13 ? 154 GLU B O   1 
ATOM   998  C CB  . GLU B 1 47 ? 13.839  3.817   -10.593 1.00 52.41 ? 154 GLU B CB  1 
ATOM   999  C CG  . GLU B 1 47 ? 14.853  4.239   -9.528  1.00 65.11 ? 154 GLU B CG  1 
ATOM   1000 C CD  . GLU B 1 47 ? 16.256  4.428   -10.072 1.00 72.11 ? 154 GLU B CD  1 
ATOM   1001 O OE1 . GLU B 1 47 ? 16.376  5.176   -11.077 1.00 76.83 ? 154 GLU B OE1 1 
ATOM   1002 O OE2 . GLU B 1 47 ? 17.223  3.849   -9.488  1.00 70.09 ? 154 GLU B OE2 1 
ATOM   1003 N N   . SER B 1 48 ? 11.280  2.398   -11.711 1.00 33.68 ? 155 SER B N   1 
ATOM   1004 C CA  . SER B 1 48 ? 10.256  2.254   -12.714 1.00 36.13 ? 155 SER B CA  1 
ATOM   1005 C C   . SER B 1 48 ? 8.839   2.261   -12.129 1.00 34.60 ? 155 SER B C   1 
ATOM   1006 O O   . SER B 1 48 ? 7.907   2.473   -12.881 1.00 35.71 ? 155 SER B O   1 
ATOM   1007 C CB  . SER B 1 48 ? 10.470  0.997   -13.542 1.00 38.73 ? 155 SER B CB  1 
ATOM   1008 O OG  . SER B 1 48 ? 10.333  -0.147  -12.725 1.00 46.67 ? 155 SER B OG  1 
ATOM   1009 N N   . HIS B 1 49 ? 8.654   2.060   -10.824 1.00 27.20 ? 156 HIS B N   1 
ATOM   1010 C CA  . HIS B 1 49 ? 7.322   2.194   -10.222 1.00 28.45 ? 156 HIS B CA  1 
ATOM   1011 C C   . HIS B 1 49 ? 7.106   3.494   -9.402  1.00 29.40 ? 156 HIS B C   1 
ATOM   1012 O O   . HIS B 1 49 ? 6.218   3.557   -8.551  1.00 32.04 ? 156 HIS B O   1 
ATOM   1013 C CB  . HIS B 1 49 ? 7.020   0.970   -9.345  1.00 29.17 ? 156 HIS B CB  1 
ATOM   1014 C CG  . HIS B 1 49 ? 6.776   -0.267  -10.112 1.00 27.94 ? 156 HIS B CG  1 
ATOM   1015 N ND1 . HIS B 1 49 ? 7.795   -0.994  -10.694 1.00 29.74 ? 156 HIS B ND1 1 
ATOM   1016 C CD2 . HIS B 1 49 ? 5.625   -0.937  -10.369 1.00 30.22 ? 156 HIS B CD2 1 
ATOM   1017 C CE1 . HIS B 1 49 ? 7.270   -2.046  -11.304 1.00 32.75 ? 156 HIS B CE1 1 
ATOM   1018 N NE2 . HIS B 1 49 ? 5.954   -2.038  -11.115 1.00 30.59 ? 156 HIS B NE2 1 
ATOM   1019 N N   . GLU B 1 50 ? 7.894   4.523   -9.645  1.00 31.81 ? 157 GLU B N   1 
ATOM   1020 C CA  . GLU B 1 50 ? 7.610   5.816   -9.057  1.00 34.95 ? 157 GLU B CA  1 
ATOM   1021 C C   . GLU B 1 50 ? 6.106   6.207   -9.131  1.00 35.27 ? 157 GLU B C   1 
ATOM   1022 O O   . GLU B 1 50 ? 5.485   6.197   -10.184 1.00 29.32 ? 157 GLU B O   1 
ATOM   1023 C CB  . GLU B 1 50 ? 8.519   6.846   -9.684  1.00 41.21 ? 157 GLU B CB  1 
ATOM   1024 C CG  . GLU B 1 50 ? 8.204   8.304   -9.401  1.00 50.20 ? 157 GLU B CG  1 
ATOM   1025 C CD  . GLU B 1 50 ? 8.218   8.660   -7.944  1.00 59.12 ? 157 GLU B CD  1 
ATOM   1026 O OE1 . GLU B 1 50 ? 8.918   7.941   -7.197  1.00 73.44 ? 157 GLU B OE1 1 
ATOM   1027 O OE2 . GLU B 1 50 ? 7.553   9.668   -7.538  1.00 63.25 ? 157 GLU B OE2 1 
ATOM   1028 N N   . GLY B 1 51 ? 5.518   6.522   -7.977  1.00 33.54 ? 158 GLY B N   1 
ATOM   1029 C CA  . GLY B 1 51 ? 4.087   6.824   -7.866  1.00 32.82 ? 158 GLY B CA  1 
ATOM   1030 C C   . GLY B 1 51 ? 3.093   5.742   -8.263  1.00 32.04 ? 158 GLY B C   1 
ATOM   1031 O O   . GLY B 1 51 ? 1.914   6.039   -8.562  1.00 28.00 ? 158 GLY B O   1 
ATOM   1032 N N   . LYS B 1 52 ? 3.541   4.489   -8.210  1.00 35.10 ? 159 LYS B N   1 
ATOM   1033 C CA  . LYS B 1 52 ? 2.776   3.346   -8.722  1.00 37.90 ? 159 LYS B CA  1 
ATOM   1034 C C   . LYS B 1 52 ? 2.942   2.155   -7.781  1.00 33.98 ? 159 LYS B C   1 
ATOM   1035 O O   . LYS B 1 52 ? 4.045   1.891   -7.366  1.00 31.29 ? 159 LYS B O   1 
ATOM   1036 C CB  . LYS B 1 52 ? 3.287   3.000   -10.150 1.00 46.18 ? 159 LYS B CB  1 
ATOM   1037 C CG  . LYS B 1 52 ? 2.716   1.737   -10.806 1.00 54.43 ? 159 LYS B CG  1 
ATOM   1038 C CD  . LYS B 1 52 ? 3.302   1.544   -12.227 1.00 61.15 ? 159 LYS B CD  1 
ATOM   1039 C CE  . LYS B 1 52 ? 2.229   1.152   -13.258 1.00 64.58 ? 159 LYS B CE  1 
ATOM   1040 N NZ  . LYS B 1 52 ? 2.369   1.827   -14.583 1.00 61.24 ? 159 LYS B NZ  1 
ATOM   1041 N N   . PRO B 1 53 ? 1.838   1.443   -7.458  1.00 34.84 ? 160 PRO B N   1 
ATOM   1042 C CA  . PRO B 1 53 ? 1.913   0.303   -6.579  1.00 34.76 ? 160 PRO B CA  1 
ATOM   1043 C C   . PRO B 1 53 ? 2.754   -0.850  -7.147  1.00 32.13 ? 160 PRO B C   1 
ATOM   1044 O O   . PRO B 1 53 ? 2.629   -1.221  -8.323  1.00 31.47 ? 160 PRO B O   1 
ATOM   1045 C CB  . PRO B 1 53 ? 0.436   -0.125  -6.399  1.00 35.71 ? 160 PRO B CB  1 
ATOM   1046 C CG  . PRO B 1 53 ? -0.305  0.463   -7.539  1.00 32.41 ? 160 PRO B CG  1 
ATOM   1047 C CD  . PRO B 1 53 ? 0.438   1.693   -7.901  1.00 32.69 ? 160 PRO B CD  1 
ATOM   1048 N N   . LEU B 1 54 ? 3.594   -1.395  -6.270  1.00 27.01 ? 161 LEU B N   1 
ATOM   1049 C CA  . LEU B 1 54 ? 4.522   -2.466  -6.581  1.00 25.22 ? 161 LEU B CA  1 
ATOM   1050 C C   . LEU B 1 54 ? 4.226   -3.602  -5.658  1.00 26.17 ? 161 LEU B C   1 
ATOM   1051 O O   . LEU B 1 54 ? 4.300   -3.416  -4.427  1.00 24.50 ? 161 LEU B O   1 
ATOM   1052 C CB  . LEU B 1 54 ? 5.929   -1.978  -6.276  1.00 24.55 ? 161 LEU B CB  1 
ATOM   1053 C CG  . LEU B 1 54 ? 7.025   -3.027  -6.437  1.00 27.65 ? 161 LEU B CG  1 
ATOM   1054 C CD1 . LEU B 1 54 ? 7.045   -3.589  -7.854  1.00 25.45 ? 161 LEU B CD1 1 
ATOM   1055 C CD2 . LEU B 1 54 ? 8.374   -2.413  -6.051  1.00 27.63 ? 161 LEU B CD2 1 
ATOM   1056 N N   . LYS B 1 55 ? 3.951   -4.787  -6.197  1.00 24.88 ? 162 LYS B N   1 
ATOM   1057 C CA  . LYS B 1 55 ? 3.667   -5.924  -5.339  1.00 29.52 ? 162 LYS B CA  1 
ATOM   1058 C C   . LYS B 1 55 ? 5.032   -6.536  -4.926  1.00 29.35 ? 162 LYS B C   1 
ATOM   1059 O O   . LYS B 1 55 ? 5.881   -6.708  -5.747  1.00 31.71 ? 162 LYS B O   1 
ATOM   1060 C CB  . LYS B 1 55 ? 2.810   -6.911  -6.074  1.00 33.03 ? 162 LYS B CB  1 
ATOM   1061 C CG  . LYS B 1 55 ? 2.028   -7.875  -5.189  1.00 38.06 ? 162 LYS B CG  1 
ATOM   1062 C CD  . LYS B 1 55 ? 1.609   -9.144  -5.979  1.00 40.16 ? 162 LYS B CD  1 
ATOM   1063 C CE  . LYS B 1 55 ? 0.850   -8.833  -7.284  1.00 45.34 ? 162 LYS B CE  1 
ATOM   1064 N NZ  . LYS B 1 55 ? 0.516   -10.025 -8.123  1.00 44.90 ? 162 LYS B NZ  1 
ATOM   1065 N N   . LEU B 1 56 ? 5.261   -6.744  -3.641  1.00 29.85 ? 163 LEU B N   1 
ATOM   1066 C CA  . LEU B 1 56 ? 6.460   -7.465  -3.147  1.00 30.45 ? 163 LEU B CA  1 
ATOM   1067 C C   . LEU B 1 56 ? 6.042   -8.698  -2.339  1.00 28.92 ? 163 LEU B C   1 
ATOM   1068 O O   . LEU B 1 56 ? 4.965   -8.674  -1.710  1.00 28.27 ? 163 LEU B O   1 
ATOM   1069 C CB  . LEU B 1 56 ? 7.330   -6.553  -2.307  1.00 29.42 ? 163 LEU B CB  1 
ATOM   1070 C CG  . LEU B 1 56 ? 7.780   -5.251  -2.975  1.00 32.21 ? 163 LEU B CG  1 
ATOM   1071 C CD1 . LEU B 1 56 ? 8.499   -4.332  -2.007  1.00 33.24 ? 163 LEU B CD1 1 
ATOM   1072 C CD2 . LEU B 1 56 ? 8.698   -5.509  -4.155  1.00 31.96 ? 163 LEU B CD2 1 
ATOM   1073 N N   . MET B 1 57 ? 6.835   -9.777  -2.455  1.00 28.24 ? 164 MET B N   1 
ATOM   1074 C CA  . MET B 1 57 ? 6.741   -10.970 -1.607  1.00 33.12 ? 164 MET B CA  1 
ATOM   1075 C C   . MET B 1 57 ? 7.830   -10.889 -0.532  1.00 32.02 ? 164 MET B C   1 
ATOM   1076 O O   . MET B 1 57 ? 9.026   -10.812 -0.836  1.00 29.51 ? 164 MET B O   1 
ATOM   1077 C CB  . MET B 1 57 ? 6.871   -12.257 -2.440  1.00 42.01 ? 164 MET B CB  1 
ATOM   1078 C CG  . MET B 1 57 ? 6.392   -13.549 -1.733  1.00 53.16 ? 164 MET B CG  1 
ATOM   1079 S SD  . MET B 1 57 ? 4.756   -13.579 -0.883  1.00 75.17 ? 164 MET B SD  1 
ATOM   1080 C CE  . MET B 1 57 ? 4.162   -15.275 -1.108  1.00 71.88 ? 164 MET B CE  1 
ATOM   1081 N N   . VAL B 1 58 ? 7.396   -10.855 0.719   1.00 30.10 ? 165 VAL B N   1 
ATOM   1082 C CA  . VAL B 1 58 ? 8.238   -10.568 1.863   1.00 31.58 ? 165 VAL B CA  1 
ATOM   1083 C C   . VAL B 1 58 ? 8.254   -11.691 2.947   1.00 33.95 ? 165 VAL B C   1 
ATOM   1084 O O   . VAL B 1 58 ? 7.237   -12.006 3.552   1.00 31.76 ? 165 VAL B O   1 
ATOM   1085 C CB  . VAL B 1 58 ? 7.855   -9.235  2.534   1.00 27.18 ? 165 VAL B CB  1 
ATOM   1086 C CG1 . VAL B 1 58 ? 8.792   -8.885  3.679   1.00 29.27 ? 165 VAL B CG1 1 
ATOM   1087 C CG2 . VAL B 1 58 ? 7.824   -8.085  1.525   1.00 28.82 ? 165 VAL B CG2 1 
ATOM   1088 N N   . TYR B 1 59 ? 9.474   -12.169 3.238   1.00 33.69 ? 166 TYR B N   1 
ATOM   1089 C CA  . TYR B 1 59 ? 9.788   -13.034 4.362   1.00 28.22 ? 166 TYR B CA  1 
ATOM   1090 C C   . TYR B 1 59 ? 10.103  -12.270 5.557   1.00 25.92 ? 166 TYR B C   1 
ATOM   1091 O O   . TYR B 1 59 ? 10.980  -11.372 5.553   1.00 25.92 ? 166 TYR B O   1 
ATOM   1092 C CB  . TYR B 1 59 ? 11.008  -13.883 4.052   1.00 32.86 ? 166 TYR B CB  1 
ATOM   1093 C CG  . TYR B 1 59 ? 11.403  -14.833 5.161   1.00 33.48 ? 166 TYR B CG  1 
ATOM   1094 C CD1 . TYR B 1 59 ? 12.285  -14.424 6.183   1.00 37.72 ? 166 TYR B CD1 1 
ATOM   1095 C CD2 . TYR B 1 59 ? 10.914  -16.150 5.182   1.00 33.16 ? 166 TYR B CD2 1 
ATOM   1096 C CE1 . TYR B 1 59 ? 12.653  -15.286 7.214   1.00 37.62 ? 166 TYR B CE1 1 
ATOM   1097 C CE2 . TYR B 1 59 ? 11.277  -17.009 6.214   1.00 37.18 ? 166 TYR B CE2 1 
ATOM   1098 C CZ  . TYR B 1 59 ? 12.164  -16.565 7.214   1.00 35.97 ? 166 TYR B CZ  1 
ATOM   1099 O OH  . TYR B 1 59 ? 12.503  -17.380 8.240   1.00 41.77 ? 166 TYR B OH  1 
ATOM   1100 N N   . ASN B 1 60 ? 9.421   -12.615 6.643   1.00 26.51 ? 167 ASN B N   1 
ATOM   1101 C CA  . ASN B 1 60 ? 9.824   -12.083 7.907   1.00 28.55 ? 167 ASN B CA  1 
ATOM   1102 C C   . ASN B 1 60 ? 10.512  -13.146 8.864   1.00 29.76 ? 167 ASN B C   1 
ATOM   1103 O O   . ASN B 1 60 ? 10.067  -14.288 8.989   1.00 35.40 ? 167 ASN B O   1 
ATOM   1104 C CB  . ASN B 1 60 ? 8.618   -11.409 8.514   1.00 28.15 ? 167 ASN B CB  1 
ATOM   1105 C CG  . ASN B 1 60 ? 8.947   -10.744 9.770   1.00 25.53 ? 167 ASN B CG  1 
ATOM   1106 O OD1 . ASN B 1 60 ? 8.995   -11.441 10.795  1.00 28.88 ? 167 ASN B OD1 1 
ATOM   1107 N ND2 . ASN B 1 60 ? 9.220   -9.414  9.747   1.00 23.42 ? 167 ASN B ND2 1 
ATOM   1108 N N   . SER B 1 61 ? 11.578  -12.750 9.543   1.00 32.51 ? 168 SER B N   1 
ATOM   1109 C CA  . SER B 1 61 ? 12.425  -13.713 10.310  1.00 30.43 ? 168 SER B CA  1 
ATOM   1110 C C   . SER B 1 61 ? 11.884  -14.067 11.714  1.00 36.39 ? 168 SER B C   1 
ATOM   1111 O O   . SER B 1 61 ? 12.279  -15.070 12.280  1.00 44.04 ? 168 SER B O   1 
ATOM   1112 C CB  . SER B 1 61 ? 13.876  -13.189 10.413  1.00 27.07 ? 168 SER B CB  1 
ATOM   1113 O OG  . SER B 1 61 ? 14.007  -11.935 11.124  1.00 23.53 ? 168 SER B OG  1 
ATOM   1114 N N   . LYS B 1 62 ? 11.015  -13.244 12.292  1.00 36.42 ? 169 LYS B N   1 
ATOM   1115 C CA  . LYS B 1 62 ? 10.260  -13.645 13.518  1.00 37.00 ? 169 LYS B CA  1 
ATOM   1116 C C   . LYS B 1 62 ? 9.099   -14.639 13.229  1.00 36.75 ? 169 LYS B C   1 
ATOM   1117 O O   . LYS B 1 62 ? 8.949   -15.602 13.892  1.00 35.06 ? 169 LYS B O   1 
ATOM   1118 C CB  . LYS B 1 62 ? 9.778   -12.432 14.276  1.00 30.63 ? 169 LYS B CB  1 
ATOM   1119 C CG  . LYS B 1 62 ? 10.925  -11.493 14.588  1.00 31.69 ? 169 LYS B CG  1 
ATOM   1120 C CD  . LYS B 1 62 ? 10.403  -10.268 15.295  1.00 37.98 ? 169 LYS B CD  1 
ATOM   1121 C CE  . LYS B 1 62 ? 11.488  -9.401  15.925  1.00 39.86 ? 169 LYS B CE  1 
ATOM   1122 N NZ  . LYS B 1 62 ? 12.304  -10.109 16.924  1.00 40.60 ? 169 LYS B NZ  1 
ATOM   1123 N N   . SER B 1 63 ? 8.356   -14.431 12.184  1.00 34.71 ? 170 SER B N   1 
ATOM   1124 C CA  . SER B 1 63 ? 7.275   -15.291 11.868  1.00 37.31 ? 170 SER B CA  1 
ATOM   1125 C C   . SER B 1 63 ? 7.765   -16.523 11.126  1.00 41.10 ? 170 SER B C   1 
ATOM   1126 O O   . SER B 1 63 ? 7.052   -17.519 11.099  1.00 49.51 ? 170 SER B O   1 
ATOM   1127 C CB  . SER B 1 63 ? 6.189   -14.514 11.021  1.00 38.33 ? 170 SER B CB  1 
ATOM   1128 O OG  . SER B 1 63 ? 6.408   -14.445 9.587   1.00 35.37 ? 170 SER B OG  1 
ATOM   1129 N N   . ASP B 1 64 ? 8.902   -16.459 10.453  1.00 35.40 ? 171 ASP B N   1 
ATOM   1130 C CA  . ASP B 1 64 ? 9.297   -17.561 9.567   1.00 40.05 ? 171 ASP B CA  1 
ATOM   1131 C C   . ASP B 1 64 ? 8.183   -17.882 8.542   1.00 43.18 ? 171 ASP B C   1 
ATOM   1132 O O   . ASP B 1 64 ? 7.972   -19.046 8.139   1.00 48.97 ? 171 ASP B O   1 
ATOM   1133 C CB  . ASP B 1 64 ? 9.801   -18.844 10.342  1.00 39.16 ? 171 ASP B CB  1 
ATOM   1134 C CG  . ASP B 1 64 ? 10.271  -20.023 9.359   1.00 44.60 ? 171 ASP B CG  1 
ATOM   1135 O OD1 . ASP B 1 64 ? 10.828  -19.773 8.240   1.00 42.06 ? 171 ASP B OD1 1 
ATOM   1136 O OD2 . ASP B 1 64 ? 10.068  -21.226 9.696   1.00 47.90 ? 171 ASP B OD2 1 
ATOM   1137 N N   . SER B 1 65 ? 7.515   -16.826 8.080   1.00 45.12 ? 172 SER B N   1 
ATOM   1138 C CA  . SER B 1 65 ? 6.421   -16.937 7.141   1.00 49.56 ? 172 SER B CA  1 
ATOM   1139 C C   . SER B 1 65 ? 6.546   -15.815 6.118   1.00 47.14 ? 172 SER B C   1 
ATOM   1140 O O   . SER B 1 65 ? 7.074   -14.769 6.431   1.00 35.63 ? 172 SER B O   1 
ATOM   1141 C CB  . SER B 1 65 ? 5.049   -16.795 7.851   1.00 57.19 ? 172 SER B CB  1 
ATOM   1142 O OG  . SER B 1 65 ? 5.011   -17.401 9.145   1.00 70.00 ? 172 SER B OG  1 
ATOM   1143 N N   . CYS B 1 66 ? 6.012   -16.055 4.920   1.00 46.82 ? 173 CYS B N   1 
ATOM   1144 C CA  . CYS B 1 66 ? 5.950   -15.074 3.851   1.00 45.02 ? 173 CYS B CA  1 
ATOM   1145 C C   . CYS B 1 66 ? 4.562   -14.389 3.796   1.00 42.35 ? 173 CYS B C   1 
ATOM   1146 O O   . CYS B 1 66 ? 3.530   -14.981 4.187   1.00 35.06 ? 173 CYS B O   1 
ATOM   1147 C CB  . CYS B 1 66 ? 6.272   -15.743 2.531   1.00 52.07 ? 173 CYS B CB  1 
ATOM   1148 S SG  . CYS B 1 66 ? 8.048   -15.901 2.253   1.00 65.23 ? 173 CYS B SG  1 
ATOM   1149 N N   . ARG B 1 67 ? 4.573   -13.128 3.333   1.00 36.41 ? 174 ARG B N   1 
ATOM   1150 C CA  . ARG B 1 67 ? 3.361   -12.334 3.028   1.00 29.83 ? 174 ARG B CA  1 
ATOM   1151 C C   . ARG B 1 67 ? 3.551   -11.393 1.809   1.00 34.11 ? 174 ARG B C   1 
ATOM   1152 O O   . ARG B 1 67 ? 4.662   -10.991 1.465   1.00 30.53 ? 174 ARG B O   1 
ATOM   1153 C CB  . ARG B 1 67 ? 2.968   -11.536 4.232   1.00 26.20 ? 174 ARG B CB  1 
ATOM   1154 C CG  . ARG B 1 67 ? 3.779   -10.282 4.452   1.00 23.97 ? 174 ARG B CG  1 
ATOM   1155 C CD  . ARG B 1 67 ? 3.413   -9.643  5.731   1.00 24.42 ? 174 ARG B CD  1 
ATOM   1156 N NE  . ARG B 1 67 ? 4.064   -8.333  5.964   1.00 27.04 ? 174 ARG B NE  1 
ATOM   1157 C CZ  . ARG B 1 67 ? 5.321   -8.148  6.368   1.00 29.00 ? 174 ARG B CZ  1 
ATOM   1158 N NH1 . ARG B 1 67 ? 6.103   -9.200  6.620   1.00 32.19 ? 174 ARG B NH1 1 
ATOM   1159 N NH2 . ARG B 1 67 ? 5.788   -6.901  6.555   1.00 26.94 ? 174 ARG B NH2 1 
ATOM   1160 N N   . GLU B 1 68 ? 2.450   -11.075 1.139   1.00 37.82 ? 175 GLU B N   1 
ATOM   1161 C CA  . GLU B 1 68 ? 2.460   -10.145 0.028   1.00 40.89 ? 175 GLU B CA  1 
ATOM   1162 C C   . GLU B 1 68 ? 2.336   -8.737  0.658   1.00 39.70 ? 175 GLU B C   1 
ATOM   1163 O O   . GLU B 1 68 ? 1.496   -8.508  1.515   1.00 46.07 ? 175 GLU B O   1 
ATOM   1164 C CB  . GLU B 1 68 ? 1.344   -10.500 -0.966  1.00 47.34 ? 175 GLU B CB  1 
ATOM   1165 C CG  . GLU B 1 68 ? 1.217   -9.551  -2.165  1.00 59.31 ? 175 GLU B CG  1 
ATOM   1166 C CD  . GLU B 1 68 ? -0.170  -9.598  -2.866  1.00 69.65 ? 175 GLU B CD  1 
ATOM   1167 O OE1 . GLU B 1 68 ? -0.435  -10.569 -3.656  1.00 65.59 ? 175 GLU B OE1 1 
ATOM   1168 O OE2 . GLU B 1 68 ? -0.971  -8.633  -2.651  1.00 70.55 ? 175 GLU B OE2 1 
ATOM   1169 N N   . VAL B 1 69 ? 3.253   -7.836  0.309   1.00 39.03 ? 176 VAL B N   1 
ATOM   1170 C CA  . VAL B 1 69 ? 3.174   -6.400  0.629   1.00 36.40 ? 176 VAL B CA  1 
ATOM   1171 C C   . VAL B 1 69 ? 3.007   -5.600  -0.704  1.00 34.59 ? 176 VAL B C   1 
ATOM   1172 O O   . VAL B 1 69 ? 3.372   -6.099  -1.785  1.00 29.84 ? 176 VAL B O   1 
ATOM   1173 C CB  . VAL B 1 69 ? 4.471   -5.961  1.319   1.00 40.08 ? 176 VAL B CB  1 
ATOM   1174 C CG1 . VAL B 1 69 ? 4.417   -4.491  1.761   1.00 39.33 ? 176 VAL B CG1 1 
ATOM   1175 C CG2 . VAL B 1 69 ? 4.780   -6.892  2.499   1.00 44.19 ? 176 VAL B CG2 1 
ATOM   1176 N N   . THR B 1 70 ? 2.437   -4.389  -0.642  1.00 32.92 ? 177 THR B N   1 
ATOM   1177 C CA  . THR B 1 70 ? 2.303   -3.532  -1.862  1.00 29.78 ? 177 THR B CA  1 
ATOM   1178 C C   . THR B 1 70 ? 2.795   -2.234  -1.411  1.00 25.11 ? 177 THR B C   1 
ATOM   1179 O O   . THR B 1 70 ? 2.300   -1.690  -0.454  1.00 28.28 ? 177 THR B O   1 
ATOM   1180 C CB  . THR B 1 70 ? 0.865   -3.352  -2.455  1.00 29.07 ? 177 THR B CB  1 
ATOM   1181 O OG1 . THR B 1 70 ? 0.452   -4.550  -3.073  1.00 30.95 ? 177 THR B OG1 1 
ATOM   1182 C CG2 . THR B 1 70 ? 0.832   -2.323  -3.593  1.00 29.49 ? 177 THR B CG2 1 
ATOM   1183 N N   . VAL B 1 71 ? 3.785   -1.724  -2.100  1.00 24.14 ? 178 VAL B N   1 
ATOM   1184 C CA  . VAL B 1 71 ? 4.362   -0.419  -1.752  1.00 23.20 ? 178 VAL B CA  1 
ATOM   1185 C C   . VAL B 1 71 ? 4.225   0.551   -2.943  1.00 22.24 ? 178 VAL B C   1 
ATOM   1186 O O   . VAL B 1 71 ? 4.140   0.113   -4.050  1.00 22.19 ? 178 VAL B O   1 
ATOM   1187 C CB  . VAL B 1 71 ? 5.796   -0.599  -1.289  1.00 22.02 ? 178 VAL B CB  1 
ATOM   1188 C CG1 . VAL B 1 71 ? 6.661   -1.166  -2.425  1.00 24.15 ? 178 VAL B CG1 1 
ATOM   1189 C CG2 . VAL B 1 71 ? 6.342   0.705   -0.797  1.00 24.44 ? 178 VAL B CG2 1 
ATOM   1190 N N   . THR B 1 72 ? 4.195   1.858   -2.693  1.00 21.27 ? 179 THR B N   1 
ATOM   1191 C CA  . THR B 1 72 ? 3.926   2.830   -3.706  1.00 20.57 ? 179 THR B CA  1 
ATOM   1192 C C   . THR B 1 72 ? 5.018   3.846   -3.526  1.00 20.83 ? 179 THR B C   1 
ATOM   1193 O O   . THR B 1 72 ? 4.846   4.737   -2.721  1.00 20.92 ? 179 THR B O   1 
ATOM   1194 C CB  . THR B 1 72 ? 2.522   3.506   -3.572  1.00 20.85 ? 179 THR B CB  1 
ATOM   1195 O OG1 . THR B 1 72 ? 1.468   2.547   -3.712  1.00 22.03 ? 179 THR B OG1 1 
ATOM   1196 C CG2 . THR B 1 72 ? 2.340   4.495   -4.697  1.00 23.83 ? 179 THR B CG2 1 
ATOM   1197 N N   . PRO B 1 73 ? 6.165   3.698   -4.257  1.00 21.09 ? 180 PRO B N   1 
ATOM   1198 C CA  . PRO B 1 73 ? 7.271   4.553   -4.037  1.00 21.51 ? 180 PRO B CA  1 
ATOM   1199 C C   . PRO B 1 73 ? 6.905   5.976   -4.342  1.00 25.98 ? 180 PRO B C   1 
ATOM   1200 O O   . PRO B 1 73 ? 6.029   6.194   -5.200  1.00 22.62 ? 180 PRO B O   1 
ATOM   1201 C CB  . PRO B 1 73 ? 8.296   4.058   -5.060  1.00 22.00 ? 180 PRO B CB  1 
ATOM   1202 C CG  . PRO B 1 73 ? 7.956   2.665   -5.357  1.00 21.30 ? 180 PRO B CG  1 
ATOM   1203 C CD  . PRO B 1 73 ? 6.467   2.699   -5.310  1.00 22.28 ? 180 PRO B CD  1 
ATOM   1204 N N   . ASN B 1 74 ? 7.579   6.926   -3.680  1.00 25.45 ? 181 ASN B N   1 
ATOM   1205 C CA  . ASN B 1 74 ? 7.270   8.315   -3.872  1.00 24.73 ? 181 ASN B CA  1 
ATOM   1206 C C   . ASN B 1 74 ? 8.497   9.105   -3.636  1.00 24.27 ? 181 ASN B C   1 
ATOM   1207 O O   . ASN B 1 74 ? 8.827   9.455   -2.516  1.00 24.79 ? 181 ASN B O   1 
ATOM   1208 C CB  . ASN B 1 74 ? 6.087   8.741   -2.949  1.00 25.80 ? 181 ASN B CB  1 
ATOM   1209 C CG  . ASN B 1 74 ? 5.801   10.288  -2.978  1.00 28.39 ? 181 ASN B CG  1 
ATOM   1210 O OD1 . ASN B 1 74 ? 6.387   11.067  -3.742  1.00 22.82 ? 181 ASN B OD1 1 
ATOM   1211 N ND2 . ASN B 1 74 ? 4.917   10.705  -2.104  1.00 25.93 ? 181 ASN B ND2 1 
ATOM   1212 N N   . ALA B 1 75 ? 9.166   9.407   -4.723  1.00 25.78 ? 182 ALA B N   1 
ATOM   1213 C CA  . ALA B 1 75 ? 10.360  10.238  -4.736  1.00 28.67 ? 182 ALA B CA  1 
ATOM   1214 C C   . ALA B 1 75 ? 10.177  11.545  -4.019  1.00 28.82 ? 182 ALA B C   1 
ATOM   1215 O O   . ALA B 1 75 ? 11.115  12.081  -3.504  1.00 37.82 ? 182 ALA B O   1 
ATOM   1216 C CB  . ALA B 1 75 ? 10.733  10.510  -6.172  1.00 29.44 ? 182 ALA B CB  1 
ATOM   1217 N N   . ALA B 1 76 ? 8.951   12.041  -3.989  1.00 32.11 ? 183 ALA B N   1 
ATOM   1218 C CA  . ALA B 1 76 ? 8.591   13.281  -3.303  1.00 32.83 ? 183 ALA B CA  1 
ATOM   1219 C C   . ALA B 1 76 ? 8.178   13.088  -1.857  1.00 32.24 ? 183 ALA B C   1 
ATOM   1220 O O   . ALA B 1 76 ? 7.811   14.011  -1.222  1.00 31.55 ? 183 ALA B O   1 
ATOM   1221 C CB  . ALA B 1 76 ? 7.467   13.982  -4.077  1.00 35.73 ? 183 ALA B CB  1 
ATOM   1222 N N   . TRP B 1 77 ? 8.269   11.902  -1.298  1.00 36.38 ? 184 TRP B N   1 
ATOM   1223 C CA  . TRP B 1 77 ? 7.779   11.669  0.058   1.00 33.70 ? 184 TRP B CA  1 
ATOM   1224 C C   . TRP B 1 77 ? 8.413   12.635  1.045   1.00 36.10 ? 184 TRP B C   1 
ATOM   1225 O O   . TRP B 1 77 ? 7.905   12.819  2.103   1.00 38.84 ? 184 TRP B O   1 
ATOM   1226 C CB  . TRP B 1 77 ? 7.970   10.197  0.454   1.00 34.68 ? 184 TRP B CB  1 
ATOM   1227 C CG  . TRP B 1 77 ? 9.384   9.871   0.855   1.00 38.10 ? 184 TRP B CG  1 
ATOM   1228 C CD1 . TRP B 1 77 ? 10.502  9.669   0.043   1.00 33.23 ? 184 TRP B CD1 1 
ATOM   1229 C CD2 . TRP B 1 77 ? 9.827   9.722   2.197   1.00 37.57 ? 184 TRP B CD2 1 
ATOM   1230 N NE1 . TRP B 1 77 ? 11.595  9.455   0.825   1.00 36.32 ? 184 TRP B NE1 1 
ATOM   1231 C CE2 . TRP B 1 77 ? 11.211  9.475   2.152   1.00 39.08 ? 184 TRP B CE2 1 
ATOM   1232 C CE3 . TRP B 1 77 ? 9.174   9.760   3.441   1.00 35.95 ? 184 TRP B CE3 1 
ATOM   1233 C CZ2 . TRP B 1 77 ? 11.961  9.263   3.323   1.00 42.33 ? 184 TRP B CZ2 1 
ATOM   1234 C CZ3 . TRP B 1 77 ? 9.921   9.580   4.596   1.00 40.92 ? 184 TRP B CZ3 1 
ATOM   1235 C CH2 . TRP B 1 77 ? 11.293  9.319   4.529   1.00 39.84 ? 184 TRP B CH2 1 
ATOM   1236 N N   . GLY B 1 78 ? 9.539   13.232  0.697   1.00 39.67 ? 185 GLY B N   1 
ATOM   1237 C CA  . GLY B 1 78 ? 10.055  14.418  1.393   1.00 42.28 ? 185 GLY B CA  1 
ATOM   1238 C C   . GLY B 1 78 ? 11.313  14.095  2.159   1.00 46.86 ? 185 GLY B C   1 
ATOM   1239 O O   . GLY B 1 78 ? 11.475  14.469  3.294   1.00 53.61 ? 185 GLY B O   1 
ATOM   1240 N N   . GLY B 1 79 ? 12.221  13.416  1.491   1.00 52.24 ? 186 GLY B N   1 
ATOM   1241 C CA  . GLY B 1 79 ? 13.197  12.586  2.149   1.00 46.71 ? 186 GLY B CA  1 
ATOM   1242 C C   . GLY B 1 79 ? 14.000  11.935  1.051   1.00 47.61 ? 186 GLY B C   1 
ATOM   1243 O O   . GLY B 1 79 ? 13.653  12.036  -0.146  1.00 38.35 ? 186 GLY B O   1 
ATOM   1244 N N   . GLU B 1 80 ? 15.084  11.292  1.484   1.00 51.37 ? 187 GLU B N   1 
ATOM   1245 C CA  . GLU B 1 80 ? 15.987  10.568  0.606   1.00 49.24 ? 187 GLU B CA  1 
ATOM   1246 C C   . GLU B 1 80 ? 15.266  9.363   -0.042  1.00 43.05 ? 187 GLU B C   1 
ATOM   1247 O O   . GLU B 1 80 ? 14.405  8.678   0.586   1.00 43.98 ? 187 GLU B O   1 
ATOM   1248 C CB  . GLU B 1 80 ? 17.192  10.120  1.444   1.00 55.02 ? 187 GLU B CB  1 
ATOM   1249 C CG  . GLU B 1 80 ? 18.344  9.495   0.688   1.00 55.38 ? 187 GLU B CG  1 
ATOM   1250 C CD  . GLU B 1 80 ? 19.607  9.367   1.556   1.00 57.34 ? 187 GLU B CD  1 
ATOM   1251 O OE1 . GLU B 1 80 ? 20.679  9.251   0.921   1.00 54.28 ? 187 GLU B OE1 1 
ATOM   1252 O OE2 . GLU B 1 80 ? 19.536  9.337   2.842   1.00 51.01 ? 187 GLU B OE2 1 
ATOM   1253 N N   . GLY B 1 81 ? 15.592  9.151   -1.312  1.00 34.91 ? 188 GLY B N   1 
ATOM   1254 C CA  . GLY B 1 81 ? 15.057  8.054   -2.067  1.00 36.33 ? 188 GLY B CA  1 
ATOM   1255 C C   . GLY B 1 81 ? 13.579  8.215   -2.366  1.00 33.17 ? 188 GLY B C   1 
ATOM   1256 O O   . GLY B 1 81 ? 13.013  9.320   -2.364  1.00 35.47 ? 188 GLY B O   1 
ATOM   1257 N N   . SER B 1 82 ? 12.969  7.101   -2.678  1.00 25.97 ? 189 SER B N   1 
ATOM   1258 C CA  . SER B 1 82 ? 11.561  7.090   -2.894  1.00 25.70 ? 189 SER B CA  1 
ATOM   1259 C C   . SER B 1 82 ? 10.858  6.085   -2.005  1.00 29.21 ? 189 SER B C   1 
ATOM   1260 O O   . SER B 1 82 ? 9.608   6.024   -1.994  1.00 27.44 ? 189 SER B O   1 
ATOM   1261 C CB  . SER B 1 82 ? 11.288  6.823   -4.370  1.00 22.65 ? 189 SER B CB  1 
ATOM   1262 O OG  . SER B 1 82 ? 11.531  5.478   -4.732  1.00 25.00 ? 189 SER B OG  1 
ATOM   1263 N N   . LEU B 1 83 ? 11.619  5.293   -1.238  1.00 30.16 ? 190 LEU B N   1 
ATOM   1264 C CA  . LEU B 1 83 ? 11.007  4.387   -0.266  1.00 31.76 ? 190 LEU B CA  1 
ATOM   1265 C C   . LEU B 1 83 ? 11.117  4.875   1.187   1.00 25.51 ? 190 LEU B C   1 
ATOM   1266 O O   . LEU B 1 83 ? 10.225  4.641   2.007   1.00 24.23 ? 190 LEU B O   1 
ATOM   1267 C CB  . LEU B 1 83 ? 11.583  2.957   -0.440  1.00 34.18 ? 190 LEU B CB  1 
ATOM   1268 C CG  . LEU B 1 83 ? 11.200  2.115   -1.660  1.00 35.78 ? 190 LEU B CG  1 
ATOM   1269 C CD1 . LEU B 1 83 ? 11.723  0.696   -1.454  1.00 35.78 ? 190 LEU B CD1 1 
ATOM   1270 C CD2 . LEU B 1 83 ? 9.694   2.125   -1.942  1.00 37.80 ? 190 LEU B CD2 1 
ATOM   1271 N N   . GLY B 1 84 ? 12.232  5.487   1.519   1.00 27.60 ? 191 GLY B N   1 
ATOM   1272 C CA  . GLY B 1 84 ? 12.515  5.880   2.934   1.00 29.68 ? 191 GLY B CA  1 
ATOM   1273 C C   . GLY B 1 84 ? 12.778  4.687   3.850   1.00 32.81 ? 191 GLY B C   1 
ATOM   1274 O O   . GLY B 1 84 ? 12.326  4.635   5.026   1.00 30.25 ? 191 GLY B O   1 
ATOM   1275 N N   . CYS B 1 85 ? 13.437  3.677   3.281   1.00 30.62 ? 192 CYS B N   1 
ATOM   1276 C CA  . CYS B 1 85 ? 14.066  2.674   4.081   1.00 29.48 ? 192 CYS B CA  1 
ATOM   1277 C C   . CYS B 1 85 ? 15.484  2.398   3.613   1.00 29.35 ? 192 CYS B C   1 
ATOM   1278 O O   . CYS B 1 85 ? 15.926  2.821   2.529   1.00 27.54 ? 192 CYS B O   1 
ATOM   1279 C CB  . CYS B 1 85 ? 13.249  1.408   4.150   1.00 30.01 ? 192 CYS B CB  1 
ATOM   1280 S SG  . CYS B 1 85 ? 13.083  0.551   2.611   1.00 32.38 ? 192 CYS B SG  1 
ATOM   1281 N N   . GLY B 1 86 ? 16.230  1.766   4.516   1.00 26.82 ? 193 GLY B N   1 
ATOM   1282 C CA  . GLY B 1 86 ? 17.573  1.329   4.220   1.00 25.20 ? 193 GLY B CA  1 
ATOM   1283 C C   . GLY B 1 86 ? 17.448  -0.074  3.709   1.00 23.11 ? 193 GLY B C   1 
ATOM   1284 O O   . GLY B 1 86 ? 16.524  -0.762  4.085   1.00 20.71 ? 193 GLY B O   1 
ATOM   1285 N N   . ILE B 1 87 ? 18.353  -0.446  2.786   1.00 23.58 ? 194 ILE B N   1 
ATOM   1286 C CA  . ILE B 1 87 ? 18.337  -1.713  2.144   1.00 23.49 ? 194 ILE B CA  1 
ATOM   1287 C C   . ILE B 1 87 ? 19.788  -2.273  2.112   1.00 24.33 ? 194 ILE B C   1 
ATOM   1288 O O   . ILE B 1 87 ? 20.770  -1.556  1.877   1.00 18.01 ? 194 ILE B O   1 
ATOM   1289 C CB  . ILE B 1 87 ? 17.776  -1.531  0.760   1.00 26.83 ? 194 ILE B CB  1 
ATOM   1290 C CG1 . ILE B 1 87 ? 16.251  -1.392  0.807   1.00 28.42 ? 194 ILE B CG1 1 
ATOM   1291 C CG2 . ILE B 1 87 ? 18.139  -2.674  -0.144  1.00 30.33 ? 194 ILE B CG2 1 
ATOM   1292 C CD1 . ILE B 1 87 ? 15.498  -2.686  1.031   1.00 31.11 ? 194 ILE B CD1 1 
ATOM   1293 N N   . GLY B 1 88 ? 19.885  -3.568  2.403   1.00 22.15 ? 195 GLY B N   1 
ATOM   1294 C CA  . GLY B 1 88 ? 21.106  -4.294  2.256   1.00 21.11 ? 195 GLY B CA  1 
ATOM   1295 C C   . GLY B 1 88 ? 20.941  -5.496  1.397   1.00 20.06 ? 195 GLY B C   1 
ATOM   1296 O O   . GLY B 1 88 ? 19.820  -6.068  1.312   1.00 20.07 ? 195 GLY B O   1 
ATOM   1297 N N   . TYR B 1 89 ? 22.022  -5.890  0.708   1.00 18.41 ? 196 TYR B N   1 
ATOM   1298 C CA  . TYR B 1 89 ? 21.964  -7.115  -0.113  1.00 18.93 ? 196 TYR B CA  1 
ATOM   1299 C C   . TYR B 1 89 ? 22.099  -8.388  0.722   1.00 17.21 ? 196 TYR B C   1 
ATOM   1300 O O   . TYR B 1 89 ? 23.142  -8.623  1.392   1.00 14.83 ? 196 TYR B O   1 
ATOM   1301 C CB  . TYR B 1 89 ? 23.037  -7.104  -1.246  1.00 24.02 ? 196 TYR B CB  1 
ATOM   1302 C CG  . TYR B 1 89 ? 22.739  -8.055  -2.414  1.00 26.12 ? 196 TYR B CG  1 
ATOM   1303 C CD1 . TYR B 1 89 ? 21.864  -7.727  -3.396  1.00 34.92 ? 196 TYR B CD1 1 
ATOM   1304 C CD2 . TYR B 1 89 ? 23.355  -9.260  -2.527  1.00 31.97 ? 196 TYR B CD2 1 
ATOM   1305 C CE1 . TYR B 1 89 ? 21.602  -8.566  -4.477  1.00 37.41 ? 196 TYR B CE1 1 
ATOM   1306 C CE2 . TYR B 1 89 ? 23.117  -10.115 -3.589  1.00 34.10 ? 196 TYR B CE2 1 
ATOM   1307 C CZ  . TYR B 1 89 ? 22.236  -9.769  -4.554  1.00 39.50 ? 196 TYR B CZ  1 
ATOM   1308 O OH  . TYR B 1 89 ? 22.020  -10.645 -5.569  1.00 47.66 ? 196 TYR B OH  1 
ATOM   1309 N N   . GLY B 1 90 ? 21.051  -9.196  0.692   1.00 16.18 ? 197 GLY B N   1 
ATOM   1310 C CA  . GLY B 1 90 ? 20.980  -10.434 1.413   1.00 16.97 ? 197 GLY B CA  1 
ATOM   1311 C C   . GLY B 1 90 ? 20.781  -10.327 2.938   1.00 16.38 ? 197 GLY B C   1 
ATOM   1312 O O   . GLY B 1 90 ? 19.690  -10.542 3.437   1.00 14.58 ? 197 GLY B O   1 
ATOM   1313 N N   . TYR B 1 91 ? 21.841  -9.990  3.657   1.00 15.19 ? 198 TYR B N   1 
ATOM   1314 C CA  . TYR B 1 91 ? 21.766  -9.766  5.086   1.00 14.94 ? 198 TYR B CA  1 
ATOM   1315 C C   . TYR B 1 91 ? 22.953  -8.915  5.516   1.00 16.17 ? 198 TYR B C   1 
ATOM   1316 O O   . TYR B 1 91 ? 24.071  -9.140  5.017   1.00 15.75 ? 198 TYR B O   1 
ATOM   1317 C CB  . TYR B 1 91 ? 21.777  -11.157 5.770   1.00 14.53 ? 198 TYR B CB  1 
ATOM   1318 C CG  . TYR B 1 91 ? 21.829  -11.107 7.236   1.00 15.43 ? 198 TYR B CG  1 
ATOM   1319 C CD1 . TYR B 1 91 ? 20.659  -10.867 7.983   1.00 14.18 ? 198 TYR B CD1 1 
ATOM   1320 C CD2 . TYR B 1 91 ? 23.074  -11.212 7.931   1.00 14.54 ? 198 TYR B CD2 1 
ATOM   1321 C CE1 . TYR B 1 91 ? 20.707  -10.758 9.333   1.00 14.63 ? 198 TYR B CE1 1 
ATOM   1322 C CE2 . TYR B 1 91 ? 23.114  -11.110 9.289   1.00 14.09 ? 198 TYR B CE2 1 
ATOM   1323 C CZ  . TYR B 1 91 ? 21.919  -10.943 9.996   1.00 14.67 ? 198 TYR B CZ  1 
ATOM   1324 O OH  . TYR B 1 91 ? 21.966  -10.760 11.356  1.00 14.83 ? 198 TYR B OH  1 
ATOM   1325 N N   . LEU B 1 92 ? 22.680  -7.885  6.322   1.00 15.84 ? 199 LEU B N   1 
ATOM   1326 C CA  . LEU B 1 92 ? 23.649  -7.049  6.966   1.00 16.19 ? 199 LEU B CA  1 
ATOM   1327 C C   . LEU B 1 92 ? 23.533  -7.301  8.457   1.00 17.69 ? 199 LEU B C   1 
ATOM   1328 O O   . LEU B 1 92 ? 22.402  -7.209  9.022   1.00 15.78 ? 199 LEU B O   1 
ATOM   1329 C CB  . LEU B 1 92 ? 23.412  -5.595  6.675   1.00 16.44 ? 199 LEU B CB  1 
ATOM   1330 C CG  . LEU B 1 92 ? 23.526  -5.100  5.215   1.00 18.92 ? 199 LEU B CG  1 
ATOM   1331 C CD1 . LEU B 1 92 ? 23.579  -3.577  5.190   1.00 18.78 ? 199 LEU B CD1 1 
ATOM   1332 C CD2 . LEU B 1 92 ? 24.702  -5.688  4.384   1.00 18.13 ? 199 LEU B CD2 1 
ATOM   1333 N N   . HIS B 1 93 ? 24.661  -7.702  9.063   1.00 16.83 ? 200 HIS B N   1 
ATOM   1334 C CA  . HIS B 1 93 ? 24.704  -8.102  10.438  1.00 19.25 ? 200 HIS B CA  1 
ATOM   1335 C C   . HIS B 1 93 ? 24.799  -6.905  11.367  1.00 18.57 ? 200 HIS B C   1 
ATOM   1336 O O   . HIS B 1 93 ? 25.831  -6.581  11.847  1.00 17.62 ? 200 HIS B O   1 
ATOM   1337 C CB  . HIS B 1 93 ? 25.828  -9.130  10.735  1.00 19.14 ? 200 HIS B CB  1 
ATOM   1338 C CG  . HIS B 1 93 ? 25.683  -9.810  12.058  1.00 20.20 ? 200 HIS B CG  1 
ATOM   1339 N ND1 . HIS B 1 93 ? 24.506  -10.427 12.455  1.00 23.10 ? 200 HIS B ND1 1 
ATOM   1340 C CD2 . HIS B 1 93 ? 26.550  -9.947  13.096  1.00 22.25 ? 200 HIS B CD2 1 
ATOM   1341 C CE1 . HIS B 1 93 ? 24.671  -10.909 13.679  1.00 23.76 ? 200 HIS B CE1 1 
ATOM   1342 N NE2 . HIS B 1 93 ? 25.906  -10.642 14.083  1.00 21.49 ? 200 HIS B NE2 1 
ATOM   1343 N N   . ARG B 1 94 ? 23.661  -6.308  11.641  1.00 22.17 ? 201 ARG B N   1 
ATOM   1344 C CA  . ARG B 1 94 ? 23.563  -5.203  12.602  1.00 23.92 ? 201 ARG B CA  1 
ATOM   1345 C C   . ARG B 1 94 ? 23.312  -5.685  13.999  1.00 22.58 ? 201 ARG B C   1 
ATOM   1346 O O   . ARG B 1 94 ? 22.413  -6.462  14.213  1.00 24.31 ? 201 ARG B O   1 
ATOM   1347 C CB  . ARG B 1 94 ? 22.374  -4.326  12.211  1.00 25.80 ? 201 ARG B CB  1 
ATOM   1348 C CG  . ARG B 1 94 ? 22.059  -3.202  13.228  1.00 30.18 ? 201 ARG B CG  1 
ATOM   1349 C CD  . ARG B 1 94 ? 20.849  -2.428  12.768  1.00 28.90 ? 201 ARG B CD  1 
ATOM   1350 N NE  . ARG B 1 94 ? 20.312  -1.517  13.795  1.00 28.49 ? 201 ARG B NE  1 
ATOM   1351 C CZ  . ARG B 1 94 ? 19.411  -1.890  14.693  1.00 27.72 ? 201 ARG B CZ  1 
ATOM   1352 N NH1 . ARG B 1 94 ? 18.923  -3.131  14.758  1.00 22.12 ? 201 ARG B NH1 1 
ATOM   1353 N NH2 . ARG B 1 94 ? 18.980  -0.991  15.523  1.00 30.37 ? 201 ARG B NH2 1 
ATOM   1354 N N   . ILE B 1 95 ? 24.036  -5.117  14.938  1.00 23.31 ? 202 ILE B N   1 
ATOM   1355 C CA  . ILE B 1 95 ? 23.953  -5.427  16.306  1.00 24.33 ? 202 ILE B CA  1 
ATOM   1356 C C   . ILE B 1 95 ? 23.388  -4.222  17.057  1.00 26.58 ? 202 ILE B C   1 
ATOM   1357 O O   . ILE B 1 95 ? 24.008  -3.163  17.095  1.00 22.43 ? 202 ILE B O   1 
ATOM   1358 C CB  . ILE B 1 95 ? 25.338  -5.755  16.858  1.00 24.49 ? 202 ILE B CB  1 
ATOM   1359 C CG1 . ILE B 1 95 ? 25.918  -6.928  16.100  1.00 27.88 ? 202 ILE B CG1 1 
ATOM   1360 C CG2 . ILE B 1 95 ? 25.268  -6.086  18.364  1.00 24.74 ? 202 ILE B CG2 1 
ATOM   1361 C CD1 . ILE B 1 95 ? 27.373  -6.656  15.823  1.00 32.47 ? 202 ILE B CD1 1 
ATOM   1362 N N   . PRO B 1 96 ? 22.176  -4.366  17.615  1.00 30.83 ? 203 PRO B N   1 
ATOM   1363 C CA  . PRO B 1 96 ? 21.693  -3.299  18.468  1.00 34.03 ? 203 PRO B CA  1 
ATOM   1364 C C   . PRO B 1 96 ? 22.516  -3.305  19.757  1.00 38.15 ? 203 PRO B C   1 
ATOM   1365 O O   . PRO B 1 96 ? 22.647  -4.365  20.393  1.00 41.07 ? 203 PRO B O   1 
ATOM   1366 C CB  . PRO B 1 96 ? 20.250  -3.692  18.731  1.00 31.79 ? 203 PRO B CB  1 
ATOM   1367 C CG  . PRO B 1 96 ? 20.243  -5.185  18.657  1.00 34.16 ? 203 PRO B CG  1 
ATOM   1368 C CD  . PRO B 1 96 ? 21.258  -5.524  17.592  1.00 33.99 ? 203 PRO B CD  1 
ATOM   1369 N N   . THR B 1 97 ? 23.131  -2.173  20.080  1.00 39.07 ? 204 THR B N   1 
ATOM   1370 C CA  . THR B 1 97 ? 23.954  -2.060  21.292  1.00 48.09 ? 204 THR B CA  1 
ATOM   1371 C C   . THR B 1 97 ? 23.523  -0.865  22.150  1.00 50.60 ? 204 THR B C   1 
ATOM   1372 O O   . THR B 1 97 ? 22.620  -0.059  21.862  1.00 49.95 ? 204 THR B O   1 
ATOM   1373 C CB  . THR B 1 97 ? 25.477  -1.916  21.005  1.00 53.99 ? 204 THR B CB  1 
ATOM   1374 O OG1 . THR B 1 97 ? 25.920  -0.579  21.309  1.00 60.55 ? 204 THR B OG1 1 
ATOM   1375 C CG2 . THR B 1 97 ? 25.817  -2.253  19.565  1.00 51.65 ? 204 THR B CG2 1 
ATOM   1376 O OXT . THR B 1 97 ? 24.136  -0.673  23.186  1.00 55.74 ? 204 THR B OXT 1 
HETATM 1377 C C1  . EDO C 2 .  ? 24.175  -15.963 11.061  1.00 36.88 ? 301 EDO B C1  1 
HETATM 1378 O O1  . EDO C 2 .  ? 23.517  -14.927 11.854  1.00 35.62 ? 301 EDO B O1  1 
HETATM 1379 C C2  . EDO C 2 .  ? 24.853  -17.171 11.759  1.00 38.45 ? 301 EDO B C2  1 
HETATM 1380 O O2  . EDO C 2 .  ? 24.422  -18.514 11.280  1.00 35.82 ? 301 EDO B O2  1 
HETATM 1381 C C1  . EDO D 2 .  ? 4.202   -15.903 14.104  1.00 66.88 ? 302 EDO B C1  1 
HETATM 1382 O O1  . EDO D 2 .  ? 5.468   -15.345 14.435  1.00 62.61 ? 302 EDO B O1  1 
HETATM 1383 C C2  . EDO D 2 .  ? 4.298   -17.402 13.952  1.00 71.73 ? 302 EDO B C2  1 
HETATM 1384 O O2  . EDO D 2 .  ? 4.970   -17.936 15.090  1.00 76.50 ? 302 EDO B O2  1 
HETATM 1385 C C1  . EDO E 2 .  ? 16.749  -17.338 8.299   1.00 42.70 ? 303 EDO B C1  1 
HETATM 1386 O O1  . EDO E 2 .  ? 16.361  -18.019 7.085   1.00 43.21 ? 303 EDO B O1  1 
HETATM 1387 C C2  . EDO E 2 .  ? 16.599  -15.811 8.139   1.00 47.14 ? 303 EDO B C2  1 
HETATM 1388 O O2  . EDO E 2 .  ? 17.821  -15.078 7.947   1.00 44.63 ? 303 EDO B O2  1 
HETATM 1389 C C1  . EDO F 2 .  ? 22.170  -16.072 7.045   1.00 35.42 ? 304 EDO B C1  1 
HETATM 1390 O O1  . EDO F 2 .  ? 22.317  -17.464 7.440   1.00 32.90 ? 304 EDO B O1  1 
HETATM 1391 C C2  . EDO F 2 .  ? 21.646  -15.132 8.129   1.00 34.39 ? 304 EDO B C2  1 
HETATM 1392 O O2  . EDO F 2 .  ? 20.249  -14.810 7.895   1.00 39.17 ? 304 EDO B O2  1 
HETATM 1393 C C1  . EDO G 2 .  ? 18.743  -16.704 5.635   1.00 69.78 ? 305 EDO B C1  1 
HETATM 1394 O O1  . EDO G 2 .  ? 19.157  -17.734 6.536   1.00 66.33 ? 305 EDO B O1  1 
HETATM 1395 C C2  . EDO G 2 .  ? 18.858  -17.190 4.157   1.00 73.22 ? 305 EDO B C2  1 
HETATM 1396 O O2  . EDO G 2 .  ? 17.642  -17.974 4.034   1.00 67.48 ? 305 EDO B O2  1 
HETATM 1397 C C1  . EDO H 2 .  ? 20.035  -16.468 3.445   1.00 52.95 ? 306 EDO B C1  1 
HETATM 1398 O O1  . EDO H 2 .  ? 21.329  -17.012 3.773   1.00 48.50 ? 306 EDO B O1  1 
HETATM 1399 C C2  . EDO H 2 .  ? 20.183  -14.935 3.339   1.00 42.55 ? 306 EDO B C2  1 
HETATM 1400 O O2  . EDO H 2 .  ? 18.957  -14.217 3.722   1.00 41.97 ? 306 EDO B O2  1 
HETATM 1401 O O   . HOH I 3 .  ? -15.000 5.245   -15.118 1.00 45.27 ? 301 HOH A O   1 
HETATM 1402 O O   . HOH I 3 .  ? -8.011  -13.082 2.973   1.00 42.58 ? 302 HOH A O   1 
HETATM 1403 O O   . HOH I 3 .  ? -15.597 -9.017  -12.801 1.00 39.81 ? 303 HOH A O   1 
HETATM 1404 O O   . HOH I 3 .  ? -6.062  8.144   9.442   1.00 21.94 ? 304 HOH A O   1 
HETATM 1405 O O   . HOH I 3 .  ? -16.832 -11.694 -4.380  1.00 13.20 ? 305 HOH A O   1 
HETATM 1406 O O   . HOH I 3 .  ? 0.367   1.857   -1.504  1.00 22.53 ? 306 HOH A O   1 
HETATM 1407 O O   . HOH I 3 .  ? -6.475  -1.507  -12.320 1.00 34.96 ? 307 HOH A O   1 
HETATM 1408 O O   . HOH I 3 .  ? 0.990   8.701   0.428   1.00 20.61 ? 308 HOH A O   1 
HETATM 1409 O O   . HOH I 3 .  ? -14.176 -13.776 -5.489  1.00 28.01 ? 309 HOH A O   1 
HETATM 1410 O O   . HOH I 3 .  ? -18.197 -3.766  -8.669  1.00 28.94 ? 310 HOH A O   1 
HETATM 1411 O O   . HOH I 3 .  ? -8.572  -9.101  -9.448  1.00 29.93 ? 311 HOH A O   1 
HETATM 1412 O O   . HOH I 3 .  ? -8.367  -6.122  -10.145 1.00 41.96 ? 312 HOH A O   1 
HETATM 1413 O O   . HOH I 3 .  ? -13.145 2.512   -16.973 1.00 34.98 ? 313 HOH A O   1 
HETATM 1414 O O   . HOH I 3 .  ? -21.348 -0.373  -16.065 1.00 48.57 ? 314 HOH A O   1 
HETATM 1415 O O   . HOH I 3 .  ? -19.161 6.725   10.631  1.00 12.08 ? 315 HOH A O   1 
HETATM 1416 O O   . HOH I 3 .  ? -12.997 3.235   18.477  1.00 8.78  ? 316 HOH A O   1 
HETATM 1417 O O   . HOH I 3 .  ? -9.696  -8.545  7.359   1.00 38.67 ? 317 HOH A O   1 
HETATM 1418 O O   . HOH I 3 .  ? -19.029 -2.929  -15.648 1.00 35.33 ? 318 HOH A O   1 
HETATM 1419 O O   . HOH I 3 .  ? -11.993 6.251   -13.759 1.00 33.05 ? 319 HOH A O   1 
HETATM 1420 O O   . HOH I 3 .  ? 3.022   11.769  9.843   1.00 38.11 ? 320 HOH A O   1 
HETATM 1421 O O   . HOH I 3 .  ? -0.633  5.793   -6.590  1.00 38.69 ? 321 HOH A O   1 
HETATM 1422 O O   . HOH I 3 .  ? -3.660  14.240  8.601   1.00 38.06 ? 322 HOH A O   1 
HETATM 1423 O O   . HOH I 3 .  ? -6.845  -3.198  -8.656  1.00 21.90 ? 323 HOH A O   1 
HETATM 1424 O O   . HOH I 3 .  ? -2.294  9.660   -0.897  1.00 21.54 ? 324 HOH A O   1 
HETATM 1425 O O   . HOH I 3 .  ? -18.206 10.952  4.804   1.00 47.04 ? 325 HOH A O   1 
HETATM 1426 O O   . HOH I 3 .  ? -0.911  7.106   -9.269  1.00 40.56 ? 326 HOH A O   1 
HETATM 1427 O O   . HOH I 3 .  ? -17.779 7.325   12.903  1.00 10.82 ? 327 HOH A O   1 
HETATM 1428 O O   . HOH I 3 .  ? -1.929  -2.145  -0.772  1.00 33.99 ? 328 HOH A O   1 
HETATM 1429 O O   . HOH I 3 .  ? 4.272   12.994  6.837   1.00 37.49 ? 329 HOH A O   1 
HETATM 1430 O O   . HOH I 3 .  ? -17.048 -14.194 -4.025  1.00 46.32 ? 330 HOH A O   1 
HETATM 1431 O O   . HOH I 3 .  ? -5.583  -4.875  6.486   1.00 25.37 ? 331 HOH A O   1 
HETATM 1432 O O   . HOH I 3 .  ? -0.912  2.278   6.343   1.00 37.19 ? 332 HOH A O   1 
HETATM 1433 O O   . HOH I 3 .  ? -15.970 12.264  -7.905  1.00 35.56 ? 333 HOH A O   1 
HETATM 1434 O O   . HOH I 3 .  ? -1.415  -13.247 -0.582  1.00 45.11 ? 334 HOH A O   1 
HETATM 1435 O O   . HOH I 3 .  ? -2.598  3.105   -8.262  1.00 30.30 ? 335 HOH A O   1 
HETATM 1436 O O   . HOH I 3 .  ? -21.529 4.958   -11.009 1.00 53.72 ? 336 HOH A O   1 
HETATM 1437 O O   . HOH I 3 .  ? -12.574 -12.418 1.915   1.00 31.48 ? 337 HOH A O   1 
HETATM 1438 O O   . HOH I 3 .  ? 3.731   13.163  0.805   1.00 28.88 ? 338 HOH A O   1 
HETATM 1439 O O   . HOH I 3 .  ? -5.863  -7.060  7.327   0.50 88.78 ? 339 HOH A O   1 
HETATM 1440 O O   . HOH I 3 .  ? -15.317 -16.041 -5.879  1.00 43.70 ? 340 HOH A O   1 
HETATM 1441 O O   . HOH I 3 .  ? -8.154  16.805  7.297   1.00 43.43 ? 341 HOH A O   1 
HETATM 1442 O O   . HOH I 3 .  ? -23.366 -2.557  -15.197 0.50 70.43 ? 342 HOH A O   1 
HETATM 1443 O O   . HOH J 3 .  ? 20.611  -0.319  20.869  1.00 56.67 ? 401 HOH B O   1 
HETATM 1444 O O   . HOH J 3 .  ? 21.235  -14.663 11.648  1.00 42.74 ? 402 HOH B O   1 
HETATM 1445 O O   . HOH J 3 .  ? 3.581   6.637   -1.786  1.00 27.36 ? 403 HOH B O   1 
HETATM 1446 O O   . HOH J 3 .  ? 13.678  11.745  -2.622  1.00 29.34 ? 404 HOH B O   1 
HETATM 1447 O O   . HOH J 3 .  ? 10.922  -6.238  12.736  1.00 28.52 ? 405 HOH B O   1 
HETATM 1448 O O   . HOH J 3 .  ? 16.437  -14.589 3.578   1.00 31.98 ? 406 HOH B O   1 
HETATM 1449 O O   . HOH J 3 .  ? 20.066  0.964   10.133  0.50 58.94 ? 407 HOH B O   1 
HETATM 1450 O O   . HOH J 3 .  ? 12.244  -13.080 -6.119  1.00 44.47 ? 408 HOH B O   1 
HETATM 1451 O O   . HOH J 3 .  ? 7.372   -18.108 14.145  1.00 55.02 ? 409 HOH B O   1 
HETATM 1452 O O   . HOH J 3 .  ? 18.498  -20.098 5.238   1.00 45.66 ? 410 HOH B O   1 
HETATM 1453 O O   . HOH J 3 .  ? 3.737   -19.984 16.112  1.00 46.23 ? 411 HOH B O   1 
HETATM 1454 O O   . HOH J 3 .  ? 11.341  -23.187 8.495   1.00 45.56 ? 412 HOH B O   1 
HETATM 1455 O O   . HOH J 3 .  ? 25.741  -8.227  1.361   1.00 13.98 ? 413 HOH B O   1 
HETATM 1456 O O   . HOH J 3 .  ? 23.931  -20.065 13.359  1.00 42.25 ? 414 HOH B O   1 
HETATM 1457 O O   . HOH J 3 .  ? 3.577   2.712   0.298   1.00 20.92 ? 415 HOH B O   1 
HETATM 1458 O O   . HOH J 3 .  ? 16.535  -10.948 10.673  1.00 28.29 ? 416 HOH B O   1 
HETATM 1459 O O   . HOH J 3 .  ? 21.412  -8.699  15.352  1.00 26.42 ? 417 HOH B O   1 
HETATM 1460 O O   . HOH J 3 .  ? 10.590  5.103   -7.523  1.00 26.93 ? 418 HOH B O   1 
HETATM 1461 O O   . HOH J 3 .  ? 9.847   4.902   11.688  1.00 55.78 ? 419 HOH B O   1 
HETATM 1462 O O   . HOH J 3 .  ? 17.009  -16.769 1.666   1.00 38.15 ? 420 HOH B O   1 
HETATM 1463 O O   . HOH J 3 .  ? 28.558  -6.669  11.681  1.00 11.63 ? 421 HOH B O   1 
HETATM 1464 O O   . HOH J 3 .  ? 4.640   -12.507 8.772   1.00 26.37 ? 422 HOH B O   1 
HETATM 1465 O O   . HOH J 3 .  ? 5.324   9.170   2.720   1.00 23.98 ? 423 HOH B O   1 
HETATM 1466 O O   . HOH J 3 .  ? 26.605  -9.209  3.930   1.00 12.09 ? 424 HOH B O   1 
HETATM 1467 O O   . HOH J 3 .  ? 16.348  1.815   13.099  1.00 43.10 ? 425 HOH B O   1 
HETATM 1468 O O   . HOH J 3 .  ? 0.241   -0.461  0.972   1.00 41.05 ? 426 HOH B O   1 
HETATM 1469 O O   . HOH J 3 .  ? 3.959   -5.224  -8.993  1.00 38.79 ? 427 HOH B O   1 
HETATM 1470 O O   . HOH J 3 .  ? 5.899   -12.206 6.144   1.00 42.20 ? 428 HOH B O   1 
HETATM 1471 O O   . HOH J 3 .  ? 5.224   11.967  2.558   1.00 33.20 ? 429 HOH B O   1 
HETATM 1472 O O   . HOH J 3 .  ? 21.026  -7.591  11.488  1.00 26.68 ? 430 HOH B O   1 
HETATM 1473 O O   . HOH J 3 .  ? 4.174   9.203   0.204   1.00 30.15 ? 431 HOH B O   1 
HETATM 1474 O O   . HOH J 3 .  ? -1.072  3.770   -4.407  1.00 30.27 ? 432 HOH B O   1 
HETATM 1475 O O   . HOH J 3 .  ? 1.985   0.973   0.664   1.00 26.83 ? 433 HOH B O   1 
HETATM 1476 O O   . HOH J 3 .  ? 2.034   -2.796  -10.726 1.00 46.99 ? 434 HOH B O   1 
HETATM 1477 O O   . HOH J 3 .  ? 26.593  -11.030 16.923  1.00 41.30 ? 435 HOH B O   1 
HETATM 1478 O O   . HOH J 3 .  ? 1.062   7.886   -6.377  1.00 42.39 ? 436 HOH B O   1 
HETATM 1479 O O   . HOH J 3 .  ? 13.716  1.875   11.826  1.00 34.60 ? 437 HOH B O   1 
HETATM 1480 O O   . HOH J 3 .  ? 1.035   -3.739  1.963   1.00 39.17 ? 438 HOH B O   1 
HETATM 1481 O O   . HOH J 3 .  ? 16.802  -4.209  16.656  1.00 41.93 ? 439 HOH B O   1 
HETATM 1482 O O   . HOH J 3 .  ? 21.530  -17.568 11.519  1.00 35.59 ? 440 HOH B O   1 
HETATM 1483 O O   . HOH J 3 .  ? 8.822   16.897  -0.839  1.00 37.86 ? 441 HOH B O   1 
HETATM 1484 O O   . HOH J 3 .  ? 22.438  -17.612 13.461  1.00 21.72 ? 442 HOH B O   1 
HETATM 1485 O O   . HOH J 3 .  ? 0.835   -14.240 5.507   1.00 22.24 ? 443 HOH B O   1 
HETATM 1486 O O   . HOH J 3 .  ? 9.488   -13.535 -7.389  1.00 44.42 ? 444 HOH B O   1 
HETATM 1487 O O   . HOH J 3 .  ? 3.830   -1.663  -13.645 1.00 49.21 ? 445 HOH B O   1 
HETATM 1488 O O   . HOH J 3 .  ? -0.256  -9.707  4.107   1.00 34.67 ? 446 HOH B O   1 
HETATM 1489 O O   . HOH J 3 .  ? 2.469   8.367   -4.172  1.00 28.75 ? 447 HOH B O   1 
HETATM 1490 O O   . HOH J 3 .  ? 17.923  -21.287 -5.604  1.00 40.89 ? 448 HOH B O   1 
HETATM 1491 O O   . HOH J 3 .  ? 19.284  -16.230 12.024  1.00 45.91 ? 449 HOH B O   1 
HETATM 1492 O O   . HOH J 3 .  ? 28.118  -7.209  5.214   0.50 38.76 ? 450 HOH B O   1 
HETATM 1493 O O   . HOH J 3 .  ? -0.642  -12.491 4.134   0.50 45.38 ? 451 HOH B O   1 
HETATM 1494 O O   . HOH J 3 .  ? 8.715   -19.987 2.787   1.00 40.78 ? 452 HOH B O   1 
# 
